data_1J3A
# 
_entry.id   1J3A 
# 
_audit_conform.dict_name       mmcif_pdbx.dic 
_audit_conform.dict_version    5.383 
_audit_conform.dict_location   http://mmcif.pdb.org/dictionaries/ascii/mmcif_pdbx.dic 
# 
loop_
_database_2.database_id 
_database_2.database_code 
_database_2.pdbx_database_accession 
_database_2.pdbx_DOI 
PDB   1J3A         pdb_00001j3a 10.2210/pdb1j3a/pdb 
RCSB  RCSB005576   ?            ?                   
WWPDB D_1000005576 ?            ?                   
# 
loop_
_pdbx_audit_revision_history.ordinal 
_pdbx_audit_revision_history.data_content_type 
_pdbx_audit_revision_history.major_revision 
_pdbx_audit_revision_history.minor_revision 
_pdbx_audit_revision_history.revision_date 
1 'Structure model' 1 0 2003-02-04 
2 'Structure model' 1 1 2008-04-27 
3 'Structure model' 1 2 2011-07-13 
4 'Structure model' 1 3 2023-12-27 
# 
_pdbx_audit_revision_details.ordinal             1 
_pdbx_audit_revision_details.revision_ordinal    1 
_pdbx_audit_revision_details.data_content_type   'Structure model' 
_pdbx_audit_revision_details.provider            repository 
_pdbx_audit_revision_details.type                'Initial release' 
_pdbx_audit_revision_details.description         ? 
_pdbx_audit_revision_details.details             ? 
# 
loop_
_pdbx_audit_revision_group.ordinal 
_pdbx_audit_revision_group.revision_ordinal 
_pdbx_audit_revision_group.data_content_type 
_pdbx_audit_revision_group.group 
1 2 'Structure model' 'Version format compliance' 
2 3 'Structure model' 'Version format compliance' 
3 4 'Structure model' 'Data collection'           
4 4 'Structure model' 'Database references'       
# 
loop_
_pdbx_audit_revision_category.ordinal 
_pdbx_audit_revision_category.revision_ordinal 
_pdbx_audit_revision_category.data_content_type 
_pdbx_audit_revision_category.category 
1 4 'Structure model' chem_comp_atom 
2 4 'Structure model' chem_comp_bond 
3 4 'Structure model' database_2     
# 
loop_
_pdbx_audit_revision_item.ordinal 
_pdbx_audit_revision_item.revision_ordinal 
_pdbx_audit_revision_item.data_content_type 
_pdbx_audit_revision_item.item 
1 4 'Structure model' '_database_2.pdbx_DOI'                
2 4 'Structure model' '_database_2.pdbx_database_accession' 
# 
_pdbx_database_status.status_code                     REL 
_pdbx_database_status.entry_id                        1J3A 
_pdbx_database_status.recvd_initial_deposition_date   2003-01-21 
_pdbx_database_status.deposit_site                    PDBJ 
_pdbx_database_status.process_site                    PDBJ 
_pdbx_database_status.SG_entry                        . 
_pdbx_database_status.pdb_format_compatible           Y 
_pdbx_database_status.status_code_mr                  ? 
_pdbx_database_status.status_code_sf                  ? 
_pdbx_database_status.status_code_cs                  ? 
_pdbx_database_status.status_code_nmr_data            ? 
_pdbx_database_status.methods_development_category    ? 
# 
loop_
_audit_author.name 
_audit_author.pdbx_ordinal 
'Nakashima, T.' 1 
'Tanaka, M.'    2 
'Kazama, T.'    3 
'Kawamura, S.'  4 
'Kimura, M.'    5 
'Yao, M.'       6 
'Tanaka, I.'    7 
# 
_citation.id                        primary 
_citation.title                     
'Crystal structure of ribosomal protein L13 from hyperthermophilic archaeon Pyrococcus horikoshii' 
_citation.journal_abbrev            'To be Published' 
_citation.journal_volume            ? 
_citation.page_first                ? 
_citation.page_last                 ? 
_citation.year                      ? 
_citation.journal_id_ASTM           ? 
_citation.country                   ? 
_citation.journal_id_ISSN           ? 
_citation.journal_id_CSD            0353 
_citation.book_publisher            ? 
_citation.pdbx_database_id_PubMed   ? 
_citation.pdbx_database_id_DOI      ? 
# 
loop_
_citation_author.citation_id 
_citation_author.name 
_citation_author.ordinal 
_citation_author.identifier_ORCID 
primary 'Nakashima, T.' 1 ? 
primary 'Tanaka, M.'    2 ? 
primary 'Kazama, T.'    3 ? 
primary 'Kawamura, S.'  4 ? 
primary 'Kimura, M.'    5 ? 
primary 'Yao, M.'       6 ? 
primary 'Tanaka, I.'    7 ? 
# 
loop_
_entity.id 
_entity.type 
_entity.src_method 
_entity.pdbx_description 
_entity.formula_weight 
_entity.pdbx_number_of_molecules 
_entity.pdbx_ec 
_entity.pdbx_mutation 
_entity.pdbx_fragment 
_entity.details 
1 polymer man '50S ribosomal protein L13P' 16330.272 1   ? ? ? ? 
2 water   nat water                        18.015    103 ? ? ? ? 
# 
_entity_name_com.entity_id   1 
_entity_name_com.name        'ribosomal protein L13' 
# 
_entity_poly.entity_id                      1 
_entity_poly.type                           'polypeptide(L)' 
_entity_poly.nstd_linkage                   no 
_entity_poly.nstd_monomer                   no 
_entity_poly.pdbx_seq_one_letter_code       
;MRIINADGLILGRLASRVAKMLLEGEEVVIVNAEKAVITGNREVIFSKYKQRTGLRTLTNPRRGPFYPKRSDEIVRRTIR
GMLPWKTDRGRKAFRRLKVYVGIPKEFQDKQLETIVEAHVSRLSRPKYVTVGEVAKFLGGKF
;
_entity_poly.pdbx_seq_one_letter_code_can   
;MRIINADGLILGRLASRVAKMLLEGEEVVIVNAEKAVITGNREVIFSKYKQRTGLRTLTNPRRGPFYPKRSDEIVRRTIR
GMLPWKTDRGRKAFRRLKVYVGIPKEFQDKQLETIVEAHVSRLSRPKYVTVGEVAKFLGGKF
;
_entity_poly.pdbx_strand_id                 A 
_entity_poly.pdbx_target_identifier         ? 
# 
_pdbx_entity_nonpoly.entity_id   2 
_pdbx_entity_nonpoly.name        water 
_pdbx_entity_nonpoly.comp_id     HOH 
# 
loop_
_entity_poly_seq.entity_id 
_entity_poly_seq.num 
_entity_poly_seq.mon_id 
_entity_poly_seq.hetero 
1 1   MET n 
1 2   ARG n 
1 3   ILE n 
1 4   ILE n 
1 5   ASN n 
1 6   ALA n 
1 7   ASP n 
1 8   GLY n 
1 9   LEU n 
1 10  ILE n 
1 11  LEU n 
1 12  GLY n 
1 13  ARG n 
1 14  LEU n 
1 15  ALA n 
1 16  SER n 
1 17  ARG n 
1 18  VAL n 
1 19  ALA n 
1 20  LYS n 
1 21  MET n 
1 22  LEU n 
1 23  LEU n 
1 24  GLU n 
1 25  GLY n 
1 26  GLU n 
1 27  GLU n 
1 28  VAL n 
1 29  VAL n 
1 30  ILE n 
1 31  VAL n 
1 32  ASN n 
1 33  ALA n 
1 34  GLU n 
1 35  LYS n 
1 36  ALA n 
1 37  VAL n 
1 38  ILE n 
1 39  THR n 
1 40  GLY n 
1 41  ASN n 
1 42  ARG n 
1 43  GLU n 
1 44  VAL n 
1 45  ILE n 
1 46  PHE n 
1 47  SER n 
1 48  LYS n 
1 49  TYR n 
1 50  LYS n 
1 51  GLN n 
1 52  ARG n 
1 53  THR n 
1 54  GLY n 
1 55  LEU n 
1 56  ARG n 
1 57  THR n 
1 58  LEU n 
1 59  THR n 
1 60  ASN n 
1 61  PRO n 
1 62  ARG n 
1 63  ARG n 
1 64  GLY n 
1 65  PRO n 
1 66  PHE n 
1 67  TYR n 
1 68  PRO n 
1 69  LYS n 
1 70  ARG n 
1 71  SER n 
1 72  ASP n 
1 73  GLU n 
1 74  ILE n 
1 75  VAL n 
1 76  ARG n 
1 77  ARG n 
1 78  THR n 
1 79  ILE n 
1 80  ARG n 
1 81  GLY n 
1 82  MET n 
1 83  LEU n 
1 84  PRO n 
1 85  TRP n 
1 86  LYS n 
1 87  THR n 
1 88  ASP n 
1 89  ARG n 
1 90  GLY n 
1 91  ARG n 
1 92  LYS n 
1 93  ALA n 
1 94  PHE n 
1 95  ARG n 
1 96  ARG n 
1 97  LEU n 
1 98  LYS n 
1 99  VAL n 
1 100 TYR n 
1 101 VAL n 
1 102 GLY n 
1 103 ILE n 
1 104 PRO n 
1 105 LYS n 
1 106 GLU n 
1 107 PHE n 
1 108 GLN n 
1 109 ASP n 
1 110 LYS n 
1 111 GLN n 
1 112 LEU n 
1 113 GLU n 
1 114 THR n 
1 115 ILE n 
1 116 VAL n 
1 117 GLU n 
1 118 ALA n 
1 119 HIS n 
1 120 VAL n 
1 121 SER n 
1 122 ARG n 
1 123 LEU n 
1 124 SER n 
1 125 ARG n 
1 126 PRO n 
1 127 LYS n 
1 128 TYR n 
1 129 VAL n 
1 130 THR n 
1 131 VAL n 
1 132 GLY n 
1 133 GLU n 
1 134 VAL n 
1 135 ALA n 
1 136 LYS n 
1 137 PHE n 
1 138 LEU n 
1 139 GLY n 
1 140 GLY n 
1 141 LYS n 
1 142 PHE n 
# 
_entity_src_gen.entity_id                          1 
_entity_src_gen.pdbx_src_id                        1 
_entity_src_gen.pdbx_alt_source_flag               sample 
_entity_src_gen.pdbx_seq_type                      ? 
_entity_src_gen.pdbx_beg_seq_num                   ? 
_entity_src_gen.pdbx_end_seq_num                   ? 
_entity_src_gen.gene_src_common_name               ? 
_entity_src_gen.gene_src_genus                     Pyrococcus 
_entity_src_gen.pdbx_gene_src_gene                 PH1634 
_entity_src_gen.gene_src_species                   ? 
_entity_src_gen.gene_src_strain                    ? 
_entity_src_gen.gene_src_tissue                    ? 
_entity_src_gen.gene_src_tissue_fraction           ? 
_entity_src_gen.gene_src_details                   ? 
_entity_src_gen.pdbx_gene_src_fragment             ? 
_entity_src_gen.pdbx_gene_src_scientific_name      'Pyrococcus horikoshii' 
_entity_src_gen.pdbx_gene_src_ncbi_taxonomy_id     53953 
_entity_src_gen.pdbx_gene_src_variant              ? 
_entity_src_gen.pdbx_gene_src_cell_line            ? 
_entity_src_gen.pdbx_gene_src_atcc                 ? 
_entity_src_gen.pdbx_gene_src_organ                ? 
_entity_src_gen.pdbx_gene_src_organelle            ? 
_entity_src_gen.pdbx_gene_src_cell                 ? 
_entity_src_gen.pdbx_gene_src_cellular_location    ? 
_entity_src_gen.host_org_common_name               ? 
_entity_src_gen.pdbx_host_org_scientific_name      'Escherichia coli' 
_entity_src_gen.pdbx_host_org_ncbi_taxonomy_id     562 
_entity_src_gen.host_org_genus                     Escherichia 
_entity_src_gen.pdbx_host_org_gene                 ? 
_entity_src_gen.pdbx_host_org_organ                ? 
_entity_src_gen.host_org_species                   ? 
_entity_src_gen.pdbx_host_org_tissue               ? 
_entity_src_gen.pdbx_host_org_tissue_fraction      ? 
_entity_src_gen.pdbx_host_org_strain               ? 
_entity_src_gen.pdbx_host_org_variant              ? 
_entity_src_gen.pdbx_host_org_cell_line            ? 
_entity_src_gen.pdbx_host_org_atcc                 ? 
_entity_src_gen.pdbx_host_org_culture_collection   ? 
_entity_src_gen.pdbx_host_org_cell                 ? 
_entity_src_gen.pdbx_host_org_organelle            ? 
_entity_src_gen.pdbx_host_org_cellular_location    ? 
_entity_src_gen.pdbx_host_org_vector_type          plasmid 
_entity_src_gen.pdbx_host_org_vector               ? 
_entity_src_gen.host_org_details                   ? 
_entity_src_gen.expression_system_id               ? 
_entity_src_gen.plasmid_name                       pet22b 
_entity_src_gen.plasmid_details                    ? 
_entity_src_gen.pdbx_description                   ? 
# 
loop_
_chem_comp.id 
_chem_comp.type 
_chem_comp.mon_nstd_flag 
_chem_comp.name 
_chem_comp.pdbx_synonyms 
_chem_comp.formula 
_chem_comp.formula_weight 
ALA 'L-peptide linking' y ALANINE         ? 'C3 H7 N O2'     89.093  
ARG 'L-peptide linking' y ARGININE        ? 'C6 H15 N4 O2 1' 175.209 
ASN 'L-peptide linking' y ASPARAGINE      ? 'C4 H8 N2 O3'    132.118 
ASP 'L-peptide linking' y 'ASPARTIC ACID' ? 'C4 H7 N O4'     133.103 
GLN 'L-peptide linking' y GLUTAMINE       ? 'C5 H10 N2 O3'   146.144 
GLU 'L-peptide linking' y 'GLUTAMIC ACID' ? 'C5 H9 N O4'     147.129 
GLY 'peptide linking'   y GLYCINE         ? 'C2 H5 N O2'     75.067  
HIS 'L-peptide linking' y HISTIDINE       ? 'C6 H10 N3 O2 1' 156.162 
HOH non-polymer         . WATER           ? 'H2 O'           18.015  
ILE 'L-peptide linking' y ISOLEUCINE      ? 'C6 H13 N O2'    131.173 
LEU 'L-peptide linking' y LEUCINE         ? 'C6 H13 N O2'    131.173 
LYS 'L-peptide linking' y LYSINE          ? 'C6 H15 N2 O2 1' 147.195 
MET 'L-peptide linking' y METHIONINE      ? 'C5 H11 N O2 S'  149.211 
PHE 'L-peptide linking' y PHENYLALANINE   ? 'C9 H11 N O2'    165.189 
PRO 'L-peptide linking' y PROLINE         ? 'C5 H9 N O2'     115.130 
SER 'L-peptide linking' y SERINE          ? 'C3 H7 N O3'     105.093 
THR 'L-peptide linking' y THREONINE       ? 'C4 H9 N O3'     119.119 
TRP 'L-peptide linking' y TRYPTOPHAN      ? 'C11 H12 N2 O2'  204.225 
TYR 'L-peptide linking' y TYROSINE        ? 'C9 H11 N O3'    181.189 
VAL 'L-peptide linking' y VALINE          ? 'C5 H11 N O2'    117.146 
# 
loop_
_pdbx_poly_seq_scheme.asym_id 
_pdbx_poly_seq_scheme.entity_id 
_pdbx_poly_seq_scheme.seq_id 
_pdbx_poly_seq_scheme.mon_id 
_pdbx_poly_seq_scheme.ndb_seq_num 
_pdbx_poly_seq_scheme.pdb_seq_num 
_pdbx_poly_seq_scheme.auth_seq_num 
_pdbx_poly_seq_scheme.pdb_mon_id 
_pdbx_poly_seq_scheme.auth_mon_id 
_pdbx_poly_seq_scheme.pdb_strand_id 
_pdbx_poly_seq_scheme.pdb_ins_code 
_pdbx_poly_seq_scheme.hetero 
A 1 1   MET 1   1   1   MET MET A . n 
A 1 2   ARG 2   2   2   ARG ARG A . n 
A 1 3   ILE 3   3   3   ILE ILE A . n 
A 1 4   ILE 4   4   4   ILE ILE A . n 
A 1 5   ASN 5   5   5   ASN ASN A . n 
A 1 6   ALA 6   6   6   ALA ALA A . n 
A 1 7   ASP 7   7   7   ASP ASP A . n 
A 1 8   GLY 8   8   8   GLY GLY A . n 
A 1 9   LEU 9   9   9   LEU LEU A . n 
A 1 10  ILE 10  10  10  ILE ILE A . n 
A 1 11  LEU 11  11  11  LEU LEU A . n 
A 1 12  GLY 12  12  12  GLY GLY A . n 
A 1 13  ARG 13  13  13  ARG ARG A . n 
A 1 14  LEU 14  14  14  LEU LEU A . n 
A 1 15  ALA 15  15  15  ALA ALA A . n 
A 1 16  SER 16  16  16  SER SER A . n 
A 1 17  ARG 17  17  17  ARG ARG A . n 
A 1 18  VAL 18  18  18  VAL VAL A . n 
A 1 19  ALA 19  19  19  ALA ALA A . n 
A 1 20  LYS 20  20  20  LYS LYS A . n 
A 1 21  MET 21  21  21  MET MET A . n 
A 1 22  LEU 22  22  22  LEU LEU A . n 
A 1 23  LEU 23  23  23  LEU LEU A . n 
A 1 24  GLU 24  24  24  GLU GLU A . n 
A 1 25  GLY 25  25  25  GLY GLY A . n 
A 1 26  GLU 26  26  26  GLU GLU A . n 
A 1 27  GLU 27  27  27  GLU GLU A . n 
A 1 28  VAL 28  28  28  VAL VAL A . n 
A 1 29  VAL 29  29  29  VAL VAL A . n 
A 1 30  ILE 30  30  30  ILE ILE A . n 
A 1 31  VAL 31  31  31  VAL VAL A . n 
A 1 32  ASN 32  32  32  ASN ASN A . n 
A 1 33  ALA 33  33  33  ALA ALA A . n 
A 1 34  GLU 34  34  34  GLU GLU A . n 
A 1 35  LYS 35  35  35  LYS LYS A . n 
A 1 36  ALA 36  36  36  ALA ALA A . n 
A 1 37  VAL 37  37  37  VAL VAL A . n 
A 1 38  ILE 38  38  38  ILE ILE A . n 
A 1 39  THR 39  39  39  THR THR A . n 
A 1 40  GLY 40  40  40  GLY GLY A . n 
A 1 41  ASN 41  41  41  ASN ASN A . n 
A 1 42  ARG 42  42  42  ARG ARG A . n 
A 1 43  GLU 43  43  43  GLU GLU A . n 
A 1 44  VAL 44  44  44  VAL VAL A . n 
A 1 45  ILE 45  45  45  ILE ILE A . n 
A 1 46  PHE 46  46  46  PHE PHE A . n 
A 1 47  SER 47  47  47  SER SER A . n 
A 1 48  LYS 48  48  48  LYS LYS A . n 
A 1 49  TYR 49  49  49  TYR TYR A . n 
A 1 50  LYS 50  50  50  LYS LYS A . n 
A 1 51  GLN 51  51  51  GLN GLN A . n 
A 1 52  ARG 52  52  52  ARG ARG A . n 
A 1 53  THR 53  53  53  THR THR A . n 
A 1 54  GLY 54  54  ?   ?   ?   A . n 
A 1 55  LEU 55  55  ?   ?   ?   A . n 
A 1 56  ARG 56  56  ?   ?   ?   A . n 
A 1 57  THR 57  57  ?   ?   ?   A . n 
A 1 58  LEU 58  58  ?   ?   ?   A . n 
A 1 59  THR 59  59  ?   ?   ?   A . n 
A 1 60  ASN 60  60  ?   ?   ?   A . n 
A 1 61  PRO 61  61  ?   ?   ?   A . n 
A 1 62  ARG 62  62  ?   ?   ?   A . n 
A 1 63  ARG 63  63  ?   ?   ?   A . n 
A 1 64  GLY 64  64  ?   ?   ?   A . n 
A 1 65  PRO 65  65  ?   ?   ?   A . n 
A 1 66  PHE 66  66  ?   ?   ?   A . n 
A 1 67  TYR 67  67  67  TYR TYR A . n 
A 1 68  PRO 68  68  68  PRO PRO A . n 
A 1 69  LYS 69  69  69  LYS LYS A . n 
A 1 70  ARG 70  70  70  ARG ARG A . n 
A 1 71  SER 71  71  71  SER SER A . n 
A 1 72  ASP 72  72  72  ASP ASP A . n 
A 1 73  GLU 73  73  73  GLU GLU A . n 
A 1 74  ILE 74  74  74  ILE ILE A . n 
A 1 75  VAL 75  75  75  VAL VAL A . n 
A 1 76  ARG 76  76  76  ARG ARG A . n 
A 1 77  ARG 77  77  77  ARG ARG A . n 
A 1 78  THR 78  78  78  THR THR A . n 
A 1 79  ILE 79  79  79  ILE ILE A . n 
A 1 80  ARG 80  80  80  ARG ARG A . n 
A 1 81  GLY 81  81  81  GLY GLY A . n 
A 1 82  MET 82  82  82  MET MET A . n 
A 1 83  LEU 83  83  83  LEU LEU A . n 
A 1 84  PRO 84  84  84  PRO PRO A . n 
A 1 85  TRP 85  85  85  TRP TRP A . n 
A 1 86  LYS 86  86  86  LYS LYS A . n 
A 1 87  THR 87  87  87  THR THR A . n 
A 1 88  ASP 88  88  88  ASP ASP A . n 
A 1 89  ARG 89  89  89  ARG ARG A . n 
A 1 90  GLY 90  90  90  GLY GLY A . n 
A 1 91  ARG 91  91  91  ARG ARG A . n 
A 1 92  LYS 92  92  92  LYS LYS A . n 
A 1 93  ALA 93  93  93  ALA ALA A . n 
A 1 94  PHE 94  94  94  PHE PHE A . n 
A 1 95  ARG 95  95  95  ARG ARG A . n 
A 1 96  ARG 96  96  96  ARG ARG A . n 
A 1 97  LEU 97  97  97  LEU LEU A . n 
A 1 98  LYS 98  98  98  LYS LYS A . n 
A 1 99  VAL 99  99  99  VAL VAL A . n 
A 1 100 TYR 100 100 100 TYR TYR A . n 
A 1 101 VAL 101 101 101 VAL VAL A . n 
A 1 102 GLY 102 102 102 GLY GLY A . n 
A 1 103 ILE 103 103 103 ILE ILE A . n 
A 1 104 PRO 104 104 104 PRO PRO A . n 
A 1 105 LYS 105 105 105 LYS LYS A . n 
A 1 106 GLU 106 106 106 GLU GLU A . n 
A 1 107 PHE 107 107 107 PHE PHE A . n 
A 1 108 GLN 108 108 108 GLN GLN A . n 
A 1 109 ASP 109 109 109 ASP ASP A . n 
A 1 110 LYS 110 110 110 LYS LYS A . n 
A 1 111 GLN 111 111 111 GLN GLN A . n 
A 1 112 LEU 112 112 112 LEU LEU A . n 
A 1 113 GLU 113 113 113 GLU GLU A . n 
A 1 114 THR 114 114 114 THR THR A . n 
A 1 115 ILE 115 115 115 ILE ILE A . n 
A 1 116 VAL 116 116 116 VAL VAL A . n 
A 1 117 GLU 117 117 117 GLU GLU A . n 
A 1 118 ALA 118 118 118 ALA ALA A . n 
A 1 119 HIS 119 119 119 HIS HIS A . n 
A 1 120 VAL 120 120 120 VAL VAL A . n 
A 1 121 SER 121 121 121 SER SER A . n 
A 1 122 ARG 122 122 122 ARG ARG A . n 
A 1 123 LEU 123 123 123 LEU LEU A . n 
A 1 124 SER 124 124 124 SER SER A . n 
A 1 125 ARG 125 125 125 ARG ARG A . n 
A 1 126 PRO 126 126 126 PRO PRO A . n 
A 1 127 LYS 127 127 127 LYS LYS A . n 
A 1 128 TYR 128 128 128 TYR TYR A . n 
A 1 129 VAL 129 129 129 VAL VAL A . n 
A 1 130 THR 130 130 130 THR THR A . n 
A 1 131 VAL 131 131 131 VAL VAL A . n 
A 1 132 GLY 132 132 132 GLY GLY A . n 
A 1 133 GLU 133 133 133 GLU GLU A . n 
A 1 134 VAL 134 134 134 VAL VAL A . n 
A 1 135 ALA 135 135 135 ALA ALA A . n 
A 1 136 LYS 136 136 136 LYS LYS A . n 
A 1 137 PHE 137 137 137 PHE PHE A . n 
A 1 138 LEU 138 138 138 LEU LEU A . n 
A 1 139 GLY 139 139 139 GLY GLY A . n 
A 1 140 GLY 140 140 140 GLY GLY A . n 
A 1 141 LYS 141 141 141 LYS LYS A . n 
A 1 142 PHE 142 142 142 PHE PHE A . n 
# 
loop_
_pdbx_nonpoly_scheme.asym_id 
_pdbx_nonpoly_scheme.entity_id 
_pdbx_nonpoly_scheme.mon_id 
_pdbx_nonpoly_scheme.ndb_seq_num 
_pdbx_nonpoly_scheme.pdb_seq_num 
_pdbx_nonpoly_scheme.auth_seq_num 
_pdbx_nonpoly_scheme.pdb_mon_id 
_pdbx_nonpoly_scheme.auth_mon_id 
_pdbx_nonpoly_scheme.pdb_strand_id 
_pdbx_nonpoly_scheme.pdb_ins_code 
B 2 HOH 1   143 1   HOH HOH A . 
B 2 HOH 2   144 2   HOH HOH A . 
B 2 HOH 3   145 3   HOH HOH A . 
B 2 HOH 4   146 4   HOH HOH A . 
B 2 HOH 5   147 5   HOH HOH A . 
B 2 HOH 6   148 6   HOH HOH A . 
B 2 HOH 7   149 7   HOH HOH A . 
B 2 HOH 8   150 8   HOH HOH A . 
B 2 HOH 9   151 9   HOH HOH A . 
B 2 HOH 10  152 10  HOH HOH A . 
B 2 HOH 11  153 11  HOH HOH A . 
B 2 HOH 12  154 12  HOH HOH A . 
B 2 HOH 13  155 13  HOH HOH A . 
B 2 HOH 14  156 14  HOH HOH A . 
B 2 HOH 15  157 15  HOH HOH A . 
B 2 HOH 16  158 16  HOH HOH A . 
B 2 HOH 17  159 17  HOH HOH A . 
B 2 HOH 18  160 18  HOH HOH A . 
B 2 HOH 19  161 19  HOH HOH A . 
B 2 HOH 20  162 20  HOH HOH A . 
B 2 HOH 21  163 21  HOH HOH A . 
B 2 HOH 22  164 22  HOH HOH A . 
B 2 HOH 23  165 23  HOH HOH A . 
B 2 HOH 24  166 24  HOH HOH A . 
B 2 HOH 25  167 25  HOH HOH A . 
B 2 HOH 26  168 26  HOH HOH A . 
B 2 HOH 27  169 27  HOH HOH A . 
B 2 HOH 28  170 28  HOH HOH A . 
B 2 HOH 29  171 29  HOH HOH A . 
B 2 HOH 30  172 30  HOH HOH A . 
B 2 HOH 31  173 31  HOH HOH A . 
B 2 HOH 32  174 32  HOH HOH A . 
B 2 HOH 33  175 33  HOH HOH A . 
B 2 HOH 34  176 34  HOH HOH A . 
B 2 HOH 35  177 35  HOH HOH A . 
B 2 HOH 36  178 36  HOH HOH A . 
B 2 HOH 37  179 37  HOH HOH A . 
B 2 HOH 38  180 38  HOH HOH A . 
B 2 HOH 39  181 39  HOH HOH A . 
B 2 HOH 40  182 40  HOH HOH A . 
B 2 HOH 41  183 41  HOH HOH A . 
B 2 HOH 42  184 42  HOH HOH A . 
B 2 HOH 43  185 43  HOH HOH A . 
B 2 HOH 44  186 44  HOH HOH A . 
B 2 HOH 45  187 45  HOH HOH A . 
B 2 HOH 46  188 46  HOH HOH A . 
B 2 HOH 47  189 47  HOH HOH A . 
B 2 HOH 48  190 48  HOH HOH A . 
B 2 HOH 49  191 49  HOH HOH A . 
B 2 HOH 50  192 50  HOH HOH A . 
B 2 HOH 51  193 51  HOH HOH A . 
B 2 HOH 52  194 52  HOH HOH A . 
B 2 HOH 53  195 53  HOH HOH A . 
B 2 HOH 54  196 54  HOH HOH A . 
B 2 HOH 55  197 55  HOH HOH A . 
B 2 HOH 56  198 56  HOH HOH A . 
B 2 HOH 57  199 57  HOH HOH A . 
B 2 HOH 58  200 58  HOH HOH A . 
B 2 HOH 59  201 59  HOH HOH A . 
B 2 HOH 60  202 60  HOH HOH A . 
B 2 HOH 61  203 61  HOH HOH A . 
B 2 HOH 62  204 62  HOH HOH A . 
B 2 HOH 63  205 63  HOH HOH A . 
B 2 HOH 64  206 64  HOH HOH A . 
B 2 HOH 65  207 65  HOH HOH A . 
B 2 HOH 66  208 66  HOH HOH A . 
B 2 HOH 67  209 67  HOH HOH A . 
B 2 HOH 68  210 68  HOH HOH A . 
B 2 HOH 69  211 69  HOH HOH A . 
B 2 HOH 70  212 70  HOH HOH A . 
B 2 HOH 71  213 71  HOH HOH A . 
B 2 HOH 72  214 72  HOH HOH A . 
B 2 HOH 73  215 73  HOH HOH A . 
B 2 HOH 74  216 74  HOH HOH A . 
B 2 HOH 75  217 75  HOH HOH A . 
B 2 HOH 76  218 76  HOH HOH A . 
B 2 HOH 77  219 77  HOH HOH A . 
B 2 HOH 78  220 78  HOH HOH A . 
B 2 HOH 79  221 79  HOH HOH A . 
B 2 HOH 80  222 80  HOH HOH A . 
B 2 HOH 81  223 81  HOH HOH A . 
B 2 HOH 82  224 82  HOH HOH A . 
B 2 HOH 83  225 83  HOH HOH A . 
B 2 HOH 84  226 84  HOH HOH A . 
B 2 HOH 85  227 85  HOH HOH A . 
B 2 HOH 86  228 86  HOH HOH A . 
B 2 HOH 87  229 87  HOH HOH A . 
B 2 HOH 88  230 88  HOH HOH A . 
B 2 HOH 89  231 89  HOH HOH A . 
B 2 HOH 90  232 90  HOH HOH A . 
B 2 HOH 91  233 91  HOH HOH A . 
B 2 HOH 92  234 92  HOH HOH A . 
B 2 HOH 93  235 93  HOH HOH A . 
B 2 HOH 94  236 94  HOH HOH A . 
B 2 HOH 95  237 95  HOH HOH A . 
B 2 HOH 96  238 96  HOH HOH A . 
B 2 HOH 97  239 97  HOH HOH A . 
B 2 HOH 98  240 98  HOH HOH A . 
B 2 HOH 99  241 99  HOH HOH A . 
B 2 HOH 100 242 100 HOH HOH A . 
B 2 HOH 101 243 101 HOH HOH A . 
B 2 HOH 102 244 102 HOH HOH A . 
B 2 HOH 103 245 103 HOH HOH A . 
# 
loop_
_software.name 
_software.classification 
_software.version 
_software.citation_id 
_software.pdbx_ordinal 
MOSFLM 'data reduction' .         ? 1 
SCALA  'data scaling'   .         ? 2 
SHARP  phasing          .         ? 3 
CNS    refinement       .         ? 4 
CCP4   'data scaling'   '(SCALA)' ? 5 
# 
_cell.entry_id           1J3A 
_cell.length_a           41.082 
_cell.length_b           51.542 
_cell.length_c           64.198 
_cell.angle_alpha        90.00 
_cell.angle_beta         90.00 
_cell.angle_gamma        90.00 
_cell.Z_PDB              4 
_cell.pdbx_unique_axis   ? 
# 
_symmetry.entry_id                         1J3A 
_symmetry.space_group_name_H-M             'P 21 21 21' 
_symmetry.pdbx_full_space_group_name_H-M   ? 
_symmetry.cell_setting                     ? 
_symmetry.Int_Tables_number                19 
# 
_exptl.entry_id          1J3A 
_exptl.method            'X-RAY DIFFRACTION' 
_exptl.crystals_number   1 
# 
_exptl_crystal.id                    1 
_exptl_crystal.density_meas          ? 
_exptl_crystal.density_Matthews      2.08 
_exptl_crystal.density_percent_sol   40.87 
_exptl_crystal.description           ? 
# 
_exptl_crystal_grow.crystal_id      1 
_exptl_crystal_grow.method          'VAPOR DIFFUSION, HANGING DROP' 
_exptl_crystal_grow.temp            291 
_exptl_crystal_grow.temp_details    ? 
_exptl_crystal_grow.pH              4.6 
_exptl_crystal_grow.pdbx_details    
'0.1M Phosphate-citrate, 20% PEG8000, 0.2M NaCl, pH 4.6, VAPOR DIFFUSION, HANGING DROP, temperature 291K' 
_exptl_crystal_grow.pdbx_pH_range   . 
# 
_diffrn.id                     1 
_diffrn.ambient_temp           ? 
_diffrn.ambient_temp_details   ? 
_diffrn.crystal_id             1 
# 
_diffrn_detector.diffrn_id              1 
_diffrn_detector.detector               CCD 
_diffrn_detector.type                   'ADSC QUANTUM 4' 
_diffrn_detector.pdbx_collection_date   2002-04-25 
_diffrn_detector.details                ? 
# 
_diffrn_radiation.diffrn_id                        1 
_diffrn_radiation.wavelength_id                    1 
_diffrn_radiation.pdbx_monochromatic_or_laue_m_l   M 
_diffrn_radiation.monochromator                    ? 
_diffrn_radiation.pdbx_diffrn_protocol             'SINGLE WAVELENGTH' 
_diffrn_radiation.pdbx_scattering_type             x-ray 
# 
_diffrn_radiation_wavelength.id           1 
_diffrn_radiation_wavelength.wavelength   1.0 
_diffrn_radiation_wavelength.wt           1.0 
# 
_diffrn_source.diffrn_id                   1 
_diffrn_source.source                      SYNCHROTRON 
_diffrn_source.type                        'PHOTON FACTORY BEAMLINE BL-18B' 
_diffrn_source.pdbx_synchrotron_site       'Photon Factory' 
_diffrn_source.pdbx_synchrotron_beamline   BL-18B 
_diffrn_source.pdbx_wavelength             ? 
_diffrn_source.pdbx_wavelength_list        1.0 
# 
_reflns.entry_id                     1J3A 
_reflns.observed_criterion_sigma_F   ? 
_reflns.observed_criterion_sigma_I   ? 
_reflns.d_resolution_high            1.6 
_reflns.d_resolution_low             22.7 
_reflns.number_all                   ? 
_reflns.number_obs                   17561 
_reflns.percent_possible_obs         94.8 
_reflns.pdbx_Rmerge_I_obs            ? 
_reflns.pdbx_Rsym_value              ? 
_reflns.pdbx_netI_over_sigmaI        ? 
_reflns.B_iso_Wilson_estimate        ? 
_reflns.pdbx_redundancy              ? 
_reflns.R_free_details               ? 
_reflns.limit_h_max                  ? 
_reflns.limit_h_min                  ? 
_reflns.limit_k_max                  ? 
_reflns.limit_k_min                  ? 
_reflns.limit_l_max                  ? 
_reflns.limit_l_min                  ? 
_reflns.observed_criterion_F_max     ? 
_reflns.observed_criterion_F_min     ? 
_reflns.pdbx_diffrn_id               1 
_reflns.pdbx_ordinal                 1 
# 
_reflns_shell.d_res_high             1.60 
_reflns_shell.d_res_low              1.69 
_reflns_shell.percent_possible_all   77.2 
_reflns_shell.Rmerge_I_obs           ? 
_reflns_shell.pdbx_Rsym_value        ? 
_reflns_shell.meanI_over_sigI_obs    ? 
_reflns_shell.pdbx_redundancy        ? 
_reflns_shell.percent_possible_obs   ? 
_reflns_shell.number_unique_all      ? 
_reflns_shell.pdbx_diffrn_id         ? 
_reflns_shell.pdbx_ordinal           1 
# 
_refine.entry_id                                 1J3A 
_refine.ls_d_res_high                            1.6 
_refine.ls_d_res_low                             10 
_refine.pdbx_ls_sigma_F                          0 
_refine.pdbx_ls_sigma_I                          ? 
_refine.ls_number_reflns_all                     17454 
_refine.ls_number_reflns_obs                     17454 
_refine.ls_number_reflns_R_free                  1767 
_refine.ls_percent_reflns_obs                    ? 
_refine.ls_R_factor_all                          0.2094 
_refine.ls_R_factor_obs                          0.2094 
_refine.ls_R_factor_R_work                       0.2094 
_refine.ls_R_factor_R_free                       0.2275 
_refine.ls_redundancy_reflns_obs                 ? 
_refine.pdbx_data_cutoff_high_absF               ? 
_refine.pdbx_data_cutoff_low_absF                ? 
_refine.ls_number_parameters                     ? 
_refine.ls_number_restraints                     ? 
_refine.ls_percent_reflns_R_free                 ? 
_refine.ls_R_factor_R_free_error                 ? 
_refine.ls_R_factor_R_free_error_details         ? 
_refine.pdbx_method_to_determine_struct          MAD 
_refine.pdbx_starting_model                      ? 
_refine.pdbx_ls_cross_valid_method               THROUGHOUT 
_refine.pdbx_R_Free_selection_details            RANDOM 
_refine.pdbx_stereochem_target_val_spec_case     ? 
_refine.pdbx_stereochemistry_target_values       ? 
_refine.solvent_model_details                    ? 
_refine.solvent_model_param_bsol                 ? 
_refine.solvent_model_param_ksol                 ? 
_refine.occupancy_max                            ? 
_refine.occupancy_min                            ? 
_refine.pdbx_isotropic_thermal_model             ? 
_refine.B_iso_mean                               ? 
_refine.aniso_B[1][1]                            ? 
_refine.aniso_B[1][2]                            ? 
_refine.aniso_B[1][3]                            ? 
_refine.aniso_B[2][2]                            ? 
_refine.aniso_B[2][3]                            ? 
_refine.aniso_B[3][3]                            ? 
_refine.details                                  ? 
_refine.B_iso_min                                ? 
_refine.B_iso_max                                ? 
_refine.correlation_coeff_Fo_to_Fc               ? 
_refine.correlation_coeff_Fo_to_Fc_free          ? 
_refine.pdbx_solvent_vdw_probe_radii             ? 
_refine.pdbx_solvent_ion_probe_radii             ? 
_refine.pdbx_solvent_shrinkage_radii             ? 
_refine.overall_SU_R_Cruickshank_DPI             ? 
_refine.overall_SU_R_free                        ? 
_refine.overall_SU_B                             ? 
_refine.overall_SU_ML                            ? 
_refine.pdbx_overall_ESU_R                       ? 
_refine.pdbx_overall_ESU_R_Free                  ? 
_refine.pdbx_data_cutoff_high_rms_absF           ? 
_refine.pdbx_refine_id                           'X-RAY DIFFRACTION' 
_refine.pdbx_diffrn_id                           1 
_refine.pdbx_TLS_residual_ADP_flag               ? 
_refine.pdbx_overall_phase_error                 ? 
_refine.pdbx_overall_SU_R_free_Cruickshank_DPI   ? 
_refine.pdbx_overall_SU_R_Blow_DPI               ? 
_refine.pdbx_overall_SU_R_free_Blow_DPI          ? 
# 
_refine_analyze.entry_id                        1J3A 
_refine_analyze.Luzzati_coordinate_error_obs    0.19 
_refine_analyze.Luzzati_sigma_a_obs             0.04 
_refine_analyze.Luzzati_d_res_low_obs           5.0 
_refine_analyze.Luzzati_coordinate_error_free   0.22 
_refine_analyze.Luzzati_sigma_a_free            0.09 
_refine_analyze.Luzzati_d_res_low_free          ? 
_refine_analyze.number_disordered_residues      ? 
_refine_analyze.occupancy_sum_non_hydrogen      ? 
_refine_analyze.occupancy_sum_hydrogen          ? 
_refine_analyze.pdbx_Luzzati_d_res_high_obs     ? 
_refine_analyze.pdbx_refine_id                  'X-RAY DIFFRACTION' 
# 
_refine_hist.pdbx_refine_id                   'X-RAY DIFFRACTION' 
_refine_hist.cycle_id                         LAST 
_refine_hist.pdbx_number_atoms_protein        1045 
_refine_hist.pdbx_number_atoms_nucleic_acid   0 
_refine_hist.pdbx_number_atoms_ligand         0 
_refine_hist.number_atoms_solvent             103 
_refine_hist.number_atoms_total               1148 
_refine_hist.d_res_high                       1.6 
_refine_hist.d_res_low                        10 
# 
loop_
_refine_ls_restr.type 
_refine_ls_restr.dev_ideal 
_refine_ls_restr.dev_ideal_target 
_refine_ls_restr.weight 
_refine_ls_restr.number 
_refine_ls_restr.pdbx_refine_id 
_refine_ls_restr.pdbx_restraint_function 
c_bond_d           0.0039 ? ? ? 'X-RAY DIFFRACTION' ? 
c_angle_deg        1.170  ? ? ? 'X-RAY DIFFRACTION' ? 
c_dihedral_angle_d 21.87  ? ? ? 'X-RAY DIFFRACTION' ? 
c_improper_angle_d 0.655  ? ? ? 'X-RAY DIFFRACTION' ? 
# 
_struct.entry_id                  1J3A 
_struct.title                     'Crystal structure of ribosomal protein L13 from Pyrococcus horikoshii' 
_struct.pdbx_model_details        ? 
_struct.pdbx_CASP_flag            ? 
_struct.pdbx_model_type_details   ? 
# 
_struct_keywords.entry_id        1J3A 
_struct_keywords.pdbx_keywords   RIBOSOME 
_struct_keywords.text            'ribosomal protein, rRNA binding, ribosomal assembly, RIBOSOME' 
# 
loop_
_struct_asym.id 
_struct_asym.pdbx_blank_PDB_chainid_flag 
_struct_asym.pdbx_modified 
_struct_asym.entity_id 
_struct_asym.details 
A N N 1 ? 
B N N 2 ? 
# 
_struct_ref.id                         1 
_struct_ref.db_name                    UNP 
_struct_ref.db_code                    RL13_PYRHO 
_struct_ref.entity_id                  1 
_struct_ref.pdbx_seq_one_letter_code   
;MRIINADGLILGRLASRVAKMLLEGEEVVIVNAEKAVITGNREVIFSKYKQRTGLRTLTNPRRGPFYPKRSDEIVRRTIR
GMLPWKTDRGRKAFRRLKVYVGIPKEFQDKQLETIVEAHVSRLSRPKYVTVGEVAKFLGGKF
;
_struct_ref.pdbx_align_begin           1 
_struct_ref.pdbx_db_accession          O59300 
_struct_ref.pdbx_db_isoform            ? 
# 
_struct_ref_seq.align_id                      1 
_struct_ref_seq.ref_id                        1 
_struct_ref_seq.pdbx_PDB_id_code              1J3A 
_struct_ref_seq.pdbx_strand_id                A 
_struct_ref_seq.seq_align_beg                 1 
_struct_ref_seq.pdbx_seq_align_beg_ins_code   ? 
_struct_ref_seq.seq_align_end                 142 
_struct_ref_seq.pdbx_seq_align_end_ins_code   ? 
_struct_ref_seq.pdbx_db_accession             O59300 
_struct_ref_seq.db_align_beg                  1 
_struct_ref_seq.pdbx_db_align_beg_ins_code    ? 
_struct_ref_seq.db_align_end                  142 
_struct_ref_seq.pdbx_db_align_end_ins_code    ? 
_struct_ref_seq.pdbx_auth_seq_align_beg       1 
_struct_ref_seq.pdbx_auth_seq_align_end       142 
# 
_pdbx_struct_assembly.id                   1 
_pdbx_struct_assembly.details              author_defined_assembly 
_pdbx_struct_assembly.method_details       ? 
_pdbx_struct_assembly.oligomeric_details   monomeric 
_pdbx_struct_assembly.oligomeric_count     1 
# 
_pdbx_struct_assembly_gen.assembly_id       1 
_pdbx_struct_assembly_gen.oper_expression   1 
_pdbx_struct_assembly_gen.asym_id_list      A,B 
# 
_pdbx_struct_oper_list.id                   1 
_pdbx_struct_oper_list.type                 'identity operation' 
_pdbx_struct_oper_list.name                 1_555 
_pdbx_struct_oper_list.symmetry_operation   x,y,z 
_pdbx_struct_oper_list.matrix[1][1]         1.0000000000 
_pdbx_struct_oper_list.matrix[1][2]         0.0000000000 
_pdbx_struct_oper_list.matrix[1][3]         0.0000000000 
_pdbx_struct_oper_list.vector[1]            0.0000000000 
_pdbx_struct_oper_list.matrix[2][1]         0.0000000000 
_pdbx_struct_oper_list.matrix[2][2]         1.0000000000 
_pdbx_struct_oper_list.matrix[2][3]         0.0000000000 
_pdbx_struct_oper_list.vector[2]            0.0000000000 
_pdbx_struct_oper_list.matrix[3][1]         0.0000000000 
_pdbx_struct_oper_list.matrix[3][2]         0.0000000000 
_pdbx_struct_oper_list.matrix[3][3]         1.0000000000 
_pdbx_struct_oper_list.vector[3]            0.0000000000 
# 
loop_
_struct_conf.conf_type_id 
_struct_conf.id 
_struct_conf.pdbx_PDB_helix_id 
_struct_conf.beg_label_comp_id 
_struct_conf.beg_label_asym_id 
_struct_conf.beg_label_seq_id 
_struct_conf.pdbx_beg_PDB_ins_code 
_struct_conf.end_label_comp_id 
_struct_conf.end_label_asym_id 
_struct_conf.end_label_seq_id 
_struct_conf.pdbx_end_PDB_ins_code 
_struct_conf.beg_auth_comp_id 
_struct_conf.beg_auth_asym_id 
_struct_conf.beg_auth_seq_id 
_struct_conf.end_auth_comp_id 
_struct_conf.end_auth_asym_id 
_struct_conf.end_auth_seq_id 
_struct_conf.pdbx_PDB_helix_class 
_struct_conf.details 
_struct_conf.pdbx_PDB_helix_length 
HELX_P HELX_P1 1 ILE A 10  ? GLU A 24  ? ILE A 10  GLU A 24  1 ? 15 
HELX_P HELX_P2 2 ASN A 32  ? LYS A 35  ? ASN A 32  LYS A 35  5 ? 4  
HELX_P HELX_P3 3 ASN A 41  ? THR A 53  ? ASN A 41  THR A 53  1 ? 13 
HELX_P HELX_P4 4 ARG A 70  ? GLY A 81  ? ARG A 70  GLY A 81  1 ? 12 
HELX_P HELX_P5 5 THR A 87  ? ARG A 95  ? THR A 87  ARG A 95  1 ? 9  
HELX_P HELX_P6 6 PRO A 104 ? GLN A 108 ? PRO A 104 GLN A 108 5 ? 5  
HELX_P HELX_P7 7 ILE A 115 ? LEU A 123 ? ILE A 115 LEU A 123 5 ? 9  
HELX_P HELX_P8 8 VAL A 131 ? GLY A 139 ? VAL A 131 GLY A 139 1 ? 9  
# 
_struct_conf_type.id          HELX_P 
_struct_conf_type.criteria    ? 
_struct_conf_type.reference   ? 
# 
loop_
_struct_sheet.id 
_struct_sheet.type 
_struct_sheet.number_strands 
_struct_sheet.details 
A ? 3 ? 
B ? 2 ? 
# 
loop_
_struct_sheet_order.sheet_id 
_struct_sheet_order.range_id_1 
_struct_sheet_order.range_id_2 
_struct_sheet_order.offset 
_struct_sheet_order.sense 
A 1 2 ? parallel      
A 2 3 ? parallel      
B 1 2 ? anti-parallel 
# 
loop_
_struct_sheet_range.sheet_id 
_struct_sheet_range.id 
_struct_sheet_range.beg_label_comp_id 
_struct_sheet_range.beg_label_asym_id 
_struct_sheet_range.beg_label_seq_id 
_struct_sheet_range.pdbx_beg_PDB_ins_code 
_struct_sheet_range.end_label_comp_id 
_struct_sheet_range.end_label_asym_id 
_struct_sheet_range.end_label_seq_id 
_struct_sheet_range.pdbx_end_PDB_ins_code 
_struct_sheet_range.beg_auth_comp_id 
_struct_sheet_range.beg_auth_asym_id 
_struct_sheet_range.beg_auth_seq_id 
_struct_sheet_range.end_auth_comp_id 
_struct_sheet_range.end_auth_asym_id 
_struct_sheet_range.end_auth_seq_id 
A 1 ARG A 2   ? ASN A 5   ? ARG A 2   ASN A 5   
A 2 VAL A 28  ? VAL A 31  ? VAL A 28  VAL A 31  
A 3 LEU A 97  ? VAL A 99  ? LEU A 97  VAL A 99  
B 1 VAL A 37  ? THR A 39  ? VAL A 37  THR A 39  
B 2 TYR A 128 ? THR A 130 ? TYR A 128 THR A 130 
# 
loop_
_pdbx_struct_sheet_hbond.sheet_id 
_pdbx_struct_sheet_hbond.range_id_1 
_pdbx_struct_sheet_hbond.range_id_2 
_pdbx_struct_sheet_hbond.range_1_label_atom_id 
_pdbx_struct_sheet_hbond.range_1_label_comp_id 
_pdbx_struct_sheet_hbond.range_1_label_asym_id 
_pdbx_struct_sheet_hbond.range_1_label_seq_id 
_pdbx_struct_sheet_hbond.range_1_PDB_ins_code 
_pdbx_struct_sheet_hbond.range_1_auth_atom_id 
_pdbx_struct_sheet_hbond.range_1_auth_comp_id 
_pdbx_struct_sheet_hbond.range_1_auth_asym_id 
_pdbx_struct_sheet_hbond.range_1_auth_seq_id 
_pdbx_struct_sheet_hbond.range_2_label_atom_id 
_pdbx_struct_sheet_hbond.range_2_label_comp_id 
_pdbx_struct_sheet_hbond.range_2_label_asym_id 
_pdbx_struct_sheet_hbond.range_2_label_seq_id 
_pdbx_struct_sheet_hbond.range_2_PDB_ins_code 
_pdbx_struct_sheet_hbond.range_2_auth_atom_id 
_pdbx_struct_sheet_hbond.range_2_auth_comp_id 
_pdbx_struct_sheet_hbond.range_2_auth_asym_id 
_pdbx_struct_sheet_hbond.range_2_auth_seq_id 
A 1 2 N ILE A 4  ? N ILE A 4  O VAL A 29  ? O VAL A 29  
A 2 3 N ILE A 30 ? N ILE A 30 O LYS A 98  ? O LYS A 98  
B 1 2 N ILE A 38 ? N ILE A 38 O VAL A 129 ? O VAL A 129 
# 
_pdbx_validate_torsion.id              1 
_pdbx_validate_torsion.PDB_model_num   1 
_pdbx_validate_torsion.auth_comp_id    TRP 
_pdbx_validate_torsion.auth_asym_id    A 
_pdbx_validate_torsion.auth_seq_id     85 
_pdbx_validate_torsion.PDB_ins_code    ? 
_pdbx_validate_torsion.label_alt_id    ? 
_pdbx_validate_torsion.phi             -28.98 
_pdbx_validate_torsion.psi             -59.79 
# 
loop_
_pdbx_unobs_or_zero_occ_residues.id 
_pdbx_unobs_or_zero_occ_residues.PDB_model_num 
_pdbx_unobs_or_zero_occ_residues.polymer_flag 
_pdbx_unobs_or_zero_occ_residues.occupancy_flag 
_pdbx_unobs_or_zero_occ_residues.auth_asym_id 
_pdbx_unobs_or_zero_occ_residues.auth_comp_id 
_pdbx_unobs_or_zero_occ_residues.auth_seq_id 
_pdbx_unobs_or_zero_occ_residues.PDB_ins_code 
_pdbx_unobs_or_zero_occ_residues.label_asym_id 
_pdbx_unobs_or_zero_occ_residues.label_comp_id 
_pdbx_unobs_or_zero_occ_residues.label_seq_id 
1  1 Y 1 A GLY 54 ? A GLY 54 
2  1 Y 1 A LEU 55 ? A LEU 55 
3  1 Y 1 A ARG 56 ? A ARG 56 
4  1 Y 1 A THR 57 ? A THR 57 
5  1 Y 1 A LEU 58 ? A LEU 58 
6  1 Y 1 A THR 59 ? A THR 59 
7  1 Y 1 A ASN 60 ? A ASN 60 
8  1 Y 1 A PRO 61 ? A PRO 61 
9  1 Y 1 A ARG 62 ? A ARG 62 
10 1 Y 1 A ARG 63 ? A ARG 63 
11 1 Y 1 A GLY 64 ? A GLY 64 
12 1 Y 1 A PRO 65 ? A PRO 65 
13 1 Y 1 A PHE 66 ? A PHE 66 
# 
loop_
_chem_comp_atom.comp_id 
_chem_comp_atom.atom_id 
_chem_comp_atom.type_symbol 
_chem_comp_atom.pdbx_aromatic_flag 
_chem_comp_atom.pdbx_stereo_config 
_chem_comp_atom.pdbx_ordinal 
ALA N    N N N 1   
ALA CA   C N S 2   
ALA C    C N N 3   
ALA O    O N N 4   
ALA CB   C N N 5   
ALA OXT  O N N 6   
ALA H    H N N 7   
ALA H2   H N N 8   
ALA HA   H N N 9   
ALA HB1  H N N 10  
ALA HB2  H N N 11  
ALA HB3  H N N 12  
ALA HXT  H N N 13  
ARG N    N N N 14  
ARG CA   C N S 15  
ARG C    C N N 16  
ARG O    O N N 17  
ARG CB   C N N 18  
ARG CG   C N N 19  
ARG CD   C N N 20  
ARG NE   N N N 21  
ARG CZ   C N N 22  
ARG NH1  N N N 23  
ARG NH2  N N N 24  
ARG OXT  O N N 25  
ARG H    H N N 26  
ARG H2   H N N 27  
ARG HA   H N N 28  
ARG HB2  H N N 29  
ARG HB3  H N N 30  
ARG HG2  H N N 31  
ARG HG3  H N N 32  
ARG HD2  H N N 33  
ARG HD3  H N N 34  
ARG HE   H N N 35  
ARG HH11 H N N 36  
ARG HH12 H N N 37  
ARG HH21 H N N 38  
ARG HH22 H N N 39  
ARG HXT  H N N 40  
ASN N    N N N 41  
ASN CA   C N S 42  
ASN C    C N N 43  
ASN O    O N N 44  
ASN CB   C N N 45  
ASN CG   C N N 46  
ASN OD1  O N N 47  
ASN ND2  N N N 48  
ASN OXT  O N N 49  
ASN H    H N N 50  
ASN H2   H N N 51  
ASN HA   H N N 52  
ASN HB2  H N N 53  
ASN HB3  H N N 54  
ASN HD21 H N N 55  
ASN HD22 H N N 56  
ASN HXT  H N N 57  
ASP N    N N N 58  
ASP CA   C N S 59  
ASP C    C N N 60  
ASP O    O N N 61  
ASP CB   C N N 62  
ASP CG   C N N 63  
ASP OD1  O N N 64  
ASP OD2  O N N 65  
ASP OXT  O N N 66  
ASP H    H N N 67  
ASP H2   H N N 68  
ASP HA   H N N 69  
ASP HB2  H N N 70  
ASP HB3  H N N 71  
ASP HD2  H N N 72  
ASP HXT  H N N 73  
GLN N    N N N 74  
GLN CA   C N S 75  
GLN C    C N N 76  
GLN O    O N N 77  
GLN CB   C N N 78  
GLN CG   C N N 79  
GLN CD   C N N 80  
GLN OE1  O N N 81  
GLN NE2  N N N 82  
GLN OXT  O N N 83  
GLN H    H N N 84  
GLN H2   H N N 85  
GLN HA   H N N 86  
GLN HB2  H N N 87  
GLN HB3  H N N 88  
GLN HG2  H N N 89  
GLN HG3  H N N 90  
GLN HE21 H N N 91  
GLN HE22 H N N 92  
GLN HXT  H N N 93  
GLU N    N N N 94  
GLU CA   C N S 95  
GLU C    C N N 96  
GLU O    O N N 97  
GLU CB   C N N 98  
GLU CG   C N N 99  
GLU CD   C N N 100 
GLU OE1  O N N 101 
GLU OE2  O N N 102 
GLU OXT  O N N 103 
GLU H    H N N 104 
GLU H2   H N N 105 
GLU HA   H N N 106 
GLU HB2  H N N 107 
GLU HB3  H N N 108 
GLU HG2  H N N 109 
GLU HG3  H N N 110 
GLU HE2  H N N 111 
GLU HXT  H N N 112 
GLY N    N N N 113 
GLY CA   C N N 114 
GLY C    C N N 115 
GLY O    O N N 116 
GLY OXT  O N N 117 
GLY H    H N N 118 
GLY H2   H N N 119 
GLY HA2  H N N 120 
GLY HA3  H N N 121 
GLY HXT  H N N 122 
HIS N    N N N 123 
HIS CA   C N S 124 
HIS C    C N N 125 
HIS O    O N N 126 
HIS CB   C N N 127 
HIS CG   C Y N 128 
HIS ND1  N Y N 129 
HIS CD2  C Y N 130 
HIS CE1  C Y N 131 
HIS NE2  N Y N 132 
HIS OXT  O N N 133 
HIS H    H N N 134 
HIS H2   H N N 135 
HIS HA   H N N 136 
HIS HB2  H N N 137 
HIS HB3  H N N 138 
HIS HD1  H N N 139 
HIS HD2  H N N 140 
HIS HE1  H N N 141 
HIS HE2  H N N 142 
HIS HXT  H N N 143 
HOH O    O N N 144 
HOH H1   H N N 145 
HOH H2   H N N 146 
ILE N    N N N 147 
ILE CA   C N S 148 
ILE C    C N N 149 
ILE O    O N N 150 
ILE CB   C N S 151 
ILE CG1  C N N 152 
ILE CG2  C N N 153 
ILE CD1  C N N 154 
ILE OXT  O N N 155 
ILE H    H N N 156 
ILE H2   H N N 157 
ILE HA   H N N 158 
ILE HB   H N N 159 
ILE HG12 H N N 160 
ILE HG13 H N N 161 
ILE HG21 H N N 162 
ILE HG22 H N N 163 
ILE HG23 H N N 164 
ILE HD11 H N N 165 
ILE HD12 H N N 166 
ILE HD13 H N N 167 
ILE HXT  H N N 168 
LEU N    N N N 169 
LEU CA   C N S 170 
LEU C    C N N 171 
LEU O    O N N 172 
LEU CB   C N N 173 
LEU CG   C N N 174 
LEU CD1  C N N 175 
LEU CD2  C N N 176 
LEU OXT  O N N 177 
LEU H    H N N 178 
LEU H2   H N N 179 
LEU HA   H N N 180 
LEU HB2  H N N 181 
LEU HB3  H N N 182 
LEU HG   H N N 183 
LEU HD11 H N N 184 
LEU HD12 H N N 185 
LEU HD13 H N N 186 
LEU HD21 H N N 187 
LEU HD22 H N N 188 
LEU HD23 H N N 189 
LEU HXT  H N N 190 
LYS N    N N N 191 
LYS CA   C N S 192 
LYS C    C N N 193 
LYS O    O N N 194 
LYS CB   C N N 195 
LYS CG   C N N 196 
LYS CD   C N N 197 
LYS CE   C N N 198 
LYS NZ   N N N 199 
LYS OXT  O N N 200 
LYS H    H N N 201 
LYS H2   H N N 202 
LYS HA   H N N 203 
LYS HB2  H N N 204 
LYS HB3  H N N 205 
LYS HG2  H N N 206 
LYS HG3  H N N 207 
LYS HD2  H N N 208 
LYS HD3  H N N 209 
LYS HE2  H N N 210 
LYS HE3  H N N 211 
LYS HZ1  H N N 212 
LYS HZ2  H N N 213 
LYS HZ3  H N N 214 
LYS HXT  H N N 215 
MET N    N N N 216 
MET CA   C N S 217 
MET C    C N N 218 
MET O    O N N 219 
MET CB   C N N 220 
MET CG   C N N 221 
MET SD   S N N 222 
MET CE   C N N 223 
MET OXT  O N N 224 
MET H    H N N 225 
MET H2   H N N 226 
MET HA   H N N 227 
MET HB2  H N N 228 
MET HB3  H N N 229 
MET HG2  H N N 230 
MET HG3  H N N 231 
MET HE1  H N N 232 
MET HE2  H N N 233 
MET HE3  H N N 234 
MET HXT  H N N 235 
PHE N    N N N 236 
PHE CA   C N S 237 
PHE C    C N N 238 
PHE O    O N N 239 
PHE CB   C N N 240 
PHE CG   C Y N 241 
PHE CD1  C Y N 242 
PHE CD2  C Y N 243 
PHE CE1  C Y N 244 
PHE CE2  C Y N 245 
PHE CZ   C Y N 246 
PHE OXT  O N N 247 
PHE H    H N N 248 
PHE H2   H N N 249 
PHE HA   H N N 250 
PHE HB2  H N N 251 
PHE HB3  H N N 252 
PHE HD1  H N N 253 
PHE HD2  H N N 254 
PHE HE1  H N N 255 
PHE HE2  H N N 256 
PHE HZ   H N N 257 
PHE HXT  H N N 258 
PRO N    N N N 259 
PRO CA   C N S 260 
PRO C    C N N 261 
PRO O    O N N 262 
PRO CB   C N N 263 
PRO CG   C N N 264 
PRO CD   C N N 265 
PRO OXT  O N N 266 
PRO H    H N N 267 
PRO HA   H N N 268 
PRO HB2  H N N 269 
PRO HB3  H N N 270 
PRO HG2  H N N 271 
PRO HG3  H N N 272 
PRO HD2  H N N 273 
PRO HD3  H N N 274 
PRO HXT  H N N 275 
SER N    N N N 276 
SER CA   C N S 277 
SER C    C N N 278 
SER O    O N N 279 
SER CB   C N N 280 
SER OG   O N N 281 
SER OXT  O N N 282 
SER H    H N N 283 
SER H2   H N N 284 
SER HA   H N N 285 
SER HB2  H N N 286 
SER HB3  H N N 287 
SER HG   H N N 288 
SER HXT  H N N 289 
THR N    N N N 290 
THR CA   C N S 291 
THR C    C N N 292 
THR O    O N N 293 
THR CB   C N R 294 
THR OG1  O N N 295 
THR CG2  C N N 296 
THR OXT  O N N 297 
THR H    H N N 298 
THR H2   H N N 299 
THR HA   H N N 300 
THR HB   H N N 301 
THR HG1  H N N 302 
THR HG21 H N N 303 
THR HG22 H N N 304 
THR HG23 H N N 305 
THR HXT  H N N 306 
TRP N    N N N 307 
TRP CA   C N S 308 
TRP C    C N N 309 
TRP O    O N N 310 
TRP CB   C N N 311 
TRP CG   C Y N 312 
TRP CD1  C Y N 313 
TRP CD2  C Y N 314 
TRP NE1  N Y N 315 
TRP CE2  C Y N 316 
TRP CE3  C Y N 317 
TRP CZ2  C Y N 318 
TRP CZ3  C Y N 319 
TRP CH2  C Y N 320 
TRP OXT  O N N 321 
TRP H    H N N 322 
TRP H2   H N N 323 
TRP HA   H N N 324 
TRP HB2  H N N 325 
TRP HB3  H N N 326 
TRP HD1  H N N 327 
TRP HE1  H N N 328 
TRP HE3  H N N 329 
TRP HZ2  H N N 330 
TRP HZ3  H N N 331 
TRP HH2  H N N 332 
TRP HXT  H N N 333 
TYR N    N N N 334 
TYR CA   C N S 335 
TYR C    C N N 336 
TYR O    O N N 337 
TYR CB   C N N 338 
TYR CG   C Y N 339 
TYR CD1  C Y N 340 
TYR CD2  C Y N 341 
TYR CE1  C Y N 342 
TYR CE2  C Y N 343 
TYR CZ   C Y N 344 
TYR OH   O N N 345 
TYR OXT  O N N 346 
TYR H    H N N 347 
TYR H2   H N N 348 
TYR HA   H N N 349 
TYR HB2  H N N 350 
TYR HB3  H N N 351 
TYR HD1  H N N 352 
TYR HD2  H N N 353 
TYR HE1  H N N 354 
TYR HE2  H N N 355 
TYR HH   H N N 356 
TYR HXT  H N N 357 
VAL N    N N N 358 
VAL CA   C N S 359 
VAL C    C N N 360 
VAL O    O N N 361 
VAL CB   C N N 362 
VAL CG1  C N N 363 
VAL CG2  C N N 364 
VAL OXT  O N N 365 
VAL H    H N N 366 
VAL H2   H N N 367 
VAL HA   H N N 368 
VAL HB   H N N 369 
VAL HG11 H N N 370 
VAL HG12 H N N 371 
VAL HG13 H N N 372 
VAL HG21 H N N 373 
VAL HG22 H N N 374 
VAL HG23 H N N 375 
VAL HXT  H N N 376 
# 
loop_
_chem_comp_bond.comp_id 
_chem_comp_bond.atom_id_1 
_chem_comp_bond.atom_id_2 
_chem_comp_bond.value_order 
_chem_comp_bond.pdbx_aromatic_flag 
_chem_comp_bond.pdbx_stereo_config 
_chem_comp_bond.pdbx_ordinal 
ALA N   CA   sing N N 1   
ALA N   H    sing N N 2   
ALA N   H2   sing N N 3   
ALA CA  C    sing N N 4   
ALA CA  CB   sing N N 5   
ALA CA  HA   sing N N 6   
ALA C   O    doub N N 7   
ALA C   OXT  sing N N 8   
ALA CB  HB1  sing N N 9   
ALA CB  HB2  sing N N 10  
ALA CB  HB3  sing N N 11  
ALA OXT HXT  sing N N 12  
ARG N   CA   sing N N 13  
ARG N   H    sing N N 14  
ARG N   H2   sing N N 15  
ARG CA  C    sing N N 16  
ARG CA  CB   sing N N 17  
ARG CA  HA   sing N N 18  
ARG C   O    doub N N 19  
ARG C   OXT  sing N N 20  
ARG CB  CG   sing N N 21  
ARG CB  HB2  sing N N 22  
ARG CB  HB3  sing N N 23  
ARG CG  CD   sing N N 24  
ARG CG  HG2  sing N N 25  
ARG CG  HG3  sing N N 26  
ARG CD  NE   sing N N 27  
ARG CD  HD2  sing N N 28  
ARG CD  HD3  sing N N 29  
ARG NE  CZ   sing N N 30  
ARG NE  HE   sing N N 31  
ARG CZ  NH1  sing N N 32  
ARG CZ  NH2  doub N N 33  
ARG NH1 HH11 sing N N 34  
ARG NH1 HH12 sing N N 35  
ARG NH2 HH21 sing N N 36  
ARG NH2 HH22 sing N N 37  
ARG OXT HXT  sing N N 38  
ASN N   CA   sing N N 39  
ASN N   H    sing N N 40  
ASN N   H2   sing N N 41  
ASN CA  C    sing N N 42  
ASN CA  CB   sing N N 43  
ASN CA  HA   sing N N 44  
ASN C   O    doub N N 45  
ASN C   OXT  sing N N 46  
ASN CB  CG   sing N N 47  
ASN CB  HB2  sing N N 48  
ASN CB  HB3  sing N N 49  
ASN CG  OD1  doub N N 50  
ASN CG  ND2  sing N N 51  
ASN ND2 HD21 sing N N 52  
ASN ND2 HD22 sing N N 53  
ASN OXT HXT  sing N N 54  
ASP N   CA   sing N N 55  
ASP N   H    sing N N 56  
ASP N   H2   sing N N 57  
ASP CA  C    sing N N 58  
ASP CA  CB   sing N N 59  
ASP CA  HA   sing N N 60  
ASP C   O    doub N N 61  
ASP C   OXT  sing N N 62  
ASP CB  CG   sing N N 63  
ASP CB  HB2  sing N N 64  
ASP CB  HB3  sing N N 65  
ASP CG  OD1  doub N N 66  
ASP CG  OD2  sing N N 67  
ASP OD2 HD2  sing N N 68  
ASP OXT HXT  sing N N 69  
GLN N   CA   sing N N 70  
GLN N   H    sing N N 71  
GLN N   H2   sing N N 72  
GLN CA  C    sing N N 73  
GLN CA  CB   sing N N 74  
GLN CA  HA   sing N N 75  
GLN C   O    doub N N 76  
GLN C   OXT  sing N N 77  
GLN CB  CG   sing N N 78  
GLN CB  HB2  sing N N 79  
GLN CB  HB3  sing N N 80  
GLN CG  CD   sing N N 81  
GLN CG  HG2  sing N N 82  
GLN CG  HG3  sing N N 83  
GLN CD  OE1  doub N N 84  
GLN CD  NE2  sing N N 85  
GLN NE2 HE21 sing N N 86  
GLN NE2 HE22 sing N N 87  
GLN OXT HXT  sing N N 88  
GLU N   CA   sing N N 89  
GLU N   H    sing N N 90  
GLU N   H2   sing N N 91  
GLU CA  C    sing N N 92  
GLU CA  CB   sing N N 93  
GLU CA  HA   sing N N 94  
GLU C   O    doub N N 95  
GLU C   OXT  sing N N 96  
GLU CB  CG   sing N N 97  
GLU CB  HB2  sing N N 98  
GLU CB  HB3  sing N N 99  
GLU CG  CD   sing N N 100 
GLU CG  HG2  sing N N 101 
GLU CG  HG3  sing N N 102 
GLU CD  OE1  doub N N 103 
GLU CD  OE2  sing N N 104 
GLU OE2 HE2  sing N N 105 
GLU OXT HXT  sing N N 106 
GLY N   CA   sing N N 107 
GLY N   H    sing N N 108 
GLY N   H2   sing N N 109 
GLY CA  C    sing N N 110 
GLY CA  HA2  sing N N 111 
GLY CA  HA3  sing N N 112 
GLY C   O    doub N N 113 
GLY C   OXT  sing N N 114 
GLY OXT HXT  sing N N 115 
HIS N   CA   sing N N 116 
HIS N   H    sing N N 117 
HIS N   H2   sing N N 118 
HIS CA  C    sing N N 119 
HIS CA  CB   sing N N 120 
HIS CA  HA   sing N N 121 
HIS C   O    doub N N 122 
HIS C   OXT  sing N N 123 
HIS CB  CG   sing N N 124 
HIS CB  HB2  sing N N 125 
HIS CB  HB3  sing N N 126 
HIS CG  ND1  sing Y N 127 
HIS CG  CD2  doub Y N 128 
HIS ND1 CE1  doub Y N 129 
HIS ND1 HD1  sing N N 130 
HIS CD2 NE2  sing Y N 131 
HIS CD2 HD2  sing N N 132 
HIS CE1 NE2  sing Y N 133 
HIS CE1 HE1  sing N N 134 
HIS NE2 HE2  sing N N 135 
HIS OXT HXT  sing N N 136 
HOH O   H1   sing N N 137 
HOH O   H2   sing N N 138 
ILE N   CA   sing N N 139 
ILE N   H    sing N N 140 
ILE N   H2   sing N N 141 
ILE CA  C    sing N N 142 
ILE CA  CB   sing N N 143 
ILE CA  HA   sing N N 144 
ILE C   O    doub N N 145 
ILE C   OXT  sing N N 146 
ILE CB  CG1  sing N N 147 
ILE CB  CG2  sing N N 148 
ILE CB  HB   sing N N 149 
ILE CG1 CD1  sing N N 150 
ILE CG1 HG12 sing N N 151 
ILE CG1 HG13 sing N N 152 
ILE CG2 HG21 sing N N 153 
ILE CG2 HG22 sing N N 154 
ILE CG2 HG23 sing N N 155 
ILE CD1 HD11 sing N N 156 
ILE CD1 HD12 sing N N 157 
ILE CD1 HD13 sing N N 158 
ILE OXT HXT  sing N N 159 
LEU N   CA   sing N N 160 
LEU N   H    sing N N 161 
LEU N   H2   sing N N 162 
LEU CA  C    sing N N 163 
LEU CA  CB   sing N N 164 
LEU CA  HA   sing N N 165 
LEU C   O    doub N N 166 
LEU C   OXT  sing N N 167 
LEU CB  CG   sing N N 168 
LEU CB  HB2  sing N N 169 
LEU CB  HB3  sing N N 170 
LEU CG  CD1  sing N N 171 
LEU CG  CD2  sing N N 172 
LEU CG  HG   sing N N 173 
LEU CD1 HD11 sing N N 174 
LEU CD1 HD12 sing N N 175 
LEU CD1 HD13 sing N N 176 
LEU CD2 HD21 sing N N 177 
LEU CD2 HD22 sing N N 178 
LEU CD2 HD23 sing N N 179 
LEU OXT HXT  sing N N 180 
LYS N   CA   sing N N 181 
LYS N   H    sing N N 182 
LYS N   H2   sing N N 183 
LYS CA  C    sing N N 184 
LYS CA  CB   sing N N 185 
LYS CA  HA   sing N N 186 
LYS C   O    doub N N 187 
LYS C   OXT  sing N N 188 
LYS CB  CG   sing N N 189 
LYS CB  HB2  sing N N 190 
LYS CB  HB3  sing N N 191 
LYS CG  CD   sing N N 192 
LYS CG  HG2  sing N N 193 
LYS CG  HG3  sing N N 194 
LYS CD  CE   sing N N 195 
LYS CD  HD2  sing N N 196 
LYS CD  HD3  sing N N 197 
LYS CE  NZ   sing N N 198 
LYS CE  HE2  sing N N 199 
LYS CE  HE3  sing N N 200 
LYS NZ  HZ1  sing N N 201 
LYS NZ  HZ2  sing N N 202 
LYS NZ  HZ3  sing N N 203 
LYS OXT HXT  sing N N 204 
MET N   CA   sing N N 205 
MET N   H    sing N N 206 
MET N   H2   sing N N 207 
MET CA  C    sing N N 208 
MET CA  CB   sing N N 209 
MET CA  HA   sing N N 210 
MET C   O    doub N N 211 
MET C   OXT  sing N N 212 
MET CB  CG   sing N N 213 
MET CB  HB2  sing N N 214 
MET CB  HB3  sing N N 215 
MET CG  SD   sing N N 216 
MET CG  HG2  sing N N 217 
MET CG  HG3  sing N N 218 
MET SD  CE   sing N N 219 
MET CE  HE1  sing N N 220 
MET CE  HE2  sing N N 221 
MET CE  HE3  sing N N 222 
MET OXT HXT  sing N N 223 
PHE N   CA   sing N N 224 
PHE N   H    sing N N 225 
PHE N   H2   sing N N 226 
PHE CA  C    sing N N 227 
PHE CA  CB   sing N N 228 
PHE CA  HA   sing N N 229 
PHE C   O    doub N N 230 
PHE C   OXT  sing N N 231 
PHE CB  CG   sing N N 232 
PHE CB  HB2  sing N N 233 
PHE CB  HB3  sing N N 234 
PHE CG  CD1  doub Y N 235 
PHE CG  CD2  sing Y N 236 
PHE CD1 CE1  sing Y N 237 
PHE CD1 HD1  sing N N 238 
PHE CD2 CE2  doub Y N 239 
PHE CD2 HD2  sing N N 240 
PHE CE1 CZ   doub Y N 241 
PHE CE1 HE1  sing N N 242 
PHE CE2 CZ   sing Y N 243 
PHE CE2 HE2  sing N N 244 
PHE CZ  HZ   sing N N 245 
PHE OXT HXT  sing N N 246 
PRO N   CA   sing N N 247 
PRO N   CD   sing N N 248 
PRO N   H    sing N N 249 
PRO CA  C    sing N N 250 
PRO CA  CB   sing N N 251 
PRO CA  HA   sing N N 252 
PRO C   O    doub N N 253 
PRO C   OXT  sing N N 254 
PRO CB  CG   sing N N 255 
PRO CB  HB2  sing N N 256 
PRO CB  HB3  sing N N 257 
PRO CG  CD   sing N N 258 
PRO CG  HG2  sing N N 259 
PRO CG  HG3  sing N N 260 
PRO CD  HD2  sing N N 261 
PRO CD  HD3  sing N N 262 
PRO OXT HXT  sing N N 263 
SER N   CA   sing N N 264 
SER N   H    sing N N 265 
SER N   H2   sing N N 266 
SER CA  C    sing N N 267 
SER CA  CB   sing N N 268 
SER CA  HA   sing N N 269 
SER C   O    doub N N 270 
SER C   OXT  sing N N 271 
SER CB  OG   sing N N 272 
SER CB  HB2  sing N N 273 
SER CB  HB3  sing N N 274 
SER OG  HG   sing N N 275 
SER OXT HXT  sing N N 276 
THR N   CA   sing N N 277 
THR N   H    sing N N 278 
THR N   H2   sing N N 279 
THR CA  C    sing N N 280 
THR CA  CB   sing N N 281 
THR CA  HA   sing N N 282 
THR C   O    doub N N 283 
THR C   OXT  sing N N 284 
THR CB  OG1  sing N N 285 
THR CB  CG2  sing N N 286 
THR CB  HB   sing N N 287 
THR OG1 HG1  sing N N 288 
THR CG2 HG21 sing N N 289 
THR CG2 HG22 sing N N 290 
THR CG2 HG23 sing N N 291 
THR OXT HXT  sing N N 292 
TRP N   CA   sing N N 293 
TRP N   H    sing N N 294 
TRP N   H2   sing N N 295 
TRP CA  C    sing N N 296 
TRP CA  CB   sing N N 297 
TRP CA  HA   sing N N 298 
TRP C   O    doub N N 299 
TRP C   OXT  sing N N 300 
TRP CB  CG   sing N N 301 
TRP CB  HB2  sing N N 302 
TRP CB  HB3  sing N N 303 
TRP CG  CD1  doub Y N 304 
TRP CG  CD2  sing Y N 305 
TRP CD1 NE1  sing Y N 306 
TRP CD1 HD1  sing N N 307 
TRP CD2 CE2  doub Y N 308 
TRP CD2 CE3  sing Y N 309 
TRP NE1 CE2  sing Y N 310 
TRP NE1 HE1  sing N N 311 
TRP CE2 CZ2  sing Y N 312 
TRP CE3 CZ3  doub Y N 313 
TRP CE3 HE3  sing N N 314 
TRP CZ2 CH2  doub Y N 315 
TRP CZ2 HZ2  sing N N 316 
TRP CZ3 CH2  sing Y N 317 
TRP CZ3 HZ3  sing N N 318 
TRP CH2 HH2  sing N N 319 
TRP OXT HXT  sing N N 320 
TYR N   CA   sing N N 321 
TYR N   H    sing N N 322 
TYR N   H2   sing N N 323 
TYR CA  C    sing N N 324 
TYR CA  CB   sing N N 325 
TYR CA  HA   sing N N 326 
TYR C   O    doub N N 327 
TYR C   OXT  sing N N 328 
TYR CB  CG   sing N N 329 
TYR CB  HB2  sing N N 330 
TYR CB  HB3  sing N N 331 
TYR CG  CD1  doub Y N 332 
TYR CG  CD2  sing Y N 333 
TYR CD1 CE1  sing Y N 334 
TYR CD1 HD1  sing N N 335 
TYR CD2 CE2  doub Y N 336 
TYR CD2 HD2  sing N N 337 
TYR CE1 CZ   doub Y N 338 
TYR CE1 HE1  sing N N 339 
TYR CE2 CZ   sing Y N 340 
TYR CE2 HE2  sing N N 341 
TYR CZ  OH   sing N N 342 
TYR OH  HH   sing N N 343 
TYR OXT HXT  sing N N 344 
VAL N   CA   sing N N 345 
VAL N   H    sing N N 346 
VAL N   H2   sing N N 347 
VAL CA  C    sing N N 348 
VAL CA  CB   sing N N 349 
VAL CA  HA   sing N N 350 
VAL C   O    doub N N 351 
VAL C   OXT  sing N N 352 
VAL CB  CG1  sing N N 353 
VAL CB  CG2  sing N N 354 
VAL CB  HB   sing N N 355 
VAL CG1 HG11 sing N N 356 
VAL CG1 HG12 sing N N 357 
VAL CG1 HG13 sing N N 358 
VAL CG2 HG21 sing N N 359 
VAL CG2 HG22 sing N N 360 
VAL CG2 HG23 sing N N 361 
VAL OXT HXT  sing N N 362 
# 
_atom_sites.entry_id                    1J3A 
_atom_sites.fract_transf_matrix[1][1]   -0.00153235 
_atom_sites.fract_transf_matrix[1][2]   -0.01599170 
_atom_sites.fract_transf_matrix[1][3]   -0.01828799 
_atom_sites.fract_transf_matrix[2][1]   -0.00869477 
_atom_sites.fract_transf_matrix[2][2]   0.01341134 
_atom_sites.fract_transf_matrix[2][3]   -0.01099884 
_atom_sites.fract_transf_matrix[3][1]   0.01389072 
_atom_sites.fract_transf_matrix[3][2]   0.00468863 
_atom_sites.fract_transf_matrix[3][3]   -0.00526381 
_atom_sites.fract_transf_vector[1]      0.392273 
_atom_sites.fract_transf_vector[2]      0.026268 
_atom_sites.fract_transf_vector[3]      0.059621 
# 
loop_
_atom_type.symbol 
C 
N 
O 
S 
# 
loop_
_atom_site.group_PDB 
_atom_site.id 
_atom_site.type_symbol 
_atom_site.label_atom_id 
_atom_site.label_alt_id 
_atom_site.label_comp_id 
_atom_site.label_asym_id 
_atom_site.label_entity_id 
_atom_site.label_seq_id 
_atom_site.pdbx_PDB_ins_code 
_atom_site.Cartn_x 
_atom_site.Cartn_y 
_atom_site.Cartn_z 
_atom_site.occupancy 
_atom_site.B_iso_or_equiv 
_atom_site.pdbx_formal_charge 
_atom_site.auth_seq_id 
_atom_site.auth_comp_id 
_atom_site.auth_asym_id 
_atom_site.auth_atom_id 
_atom_site.pdbx_PDB_model_num 
ATOM   1    N N   . MET A 1 1   ? -16.210 8.530   -1.602  1.00 28.36 ? 1   MET A N   1 
ATOM   2    C CA  . MET A 1 1   ? -14.964 7.715   -1.521  1.00 26.69 ? 1   MET A CA  1 
ATOM   3    C C   . MET A 1 1   ? -13.939 8.429   -0.652  1.00 24.41 ? 1   MET A C   1 
ATOM   4    O O   . MET A 1 1   ? -14.073 9.618   -0.369  1.00 25.66 ? 1   MET A O   1 
ATOM   5    C CB  . MET A 1 1   ? -14.375 7.498   -2.919  1.00 29.67 ? 1   MET A CB  1 
ATOM   6    C CG  . MET A 1 1   ? -13.817 8.762   -3.561  1.00 32.71 ? 1   MET A CG  1 
ATOM   7    S SD  . MET A 1 1   ? -13.085 8.480   -5.190  1.00 35.98 ? 1   MET A SD  1 
ATOM   8    C CE  . MET A 1 1   ? -14.432 8.997   -6.258  1.00 37.94 ? 1   MET A CE  1 
ATOM   9    N N   . ARG A 1 2   ? -12.916 7.696   -0.230  1.00 20.29 ? 2   ARG A N   1 
ATOM   10   C CA  . ARG A 1 2   ? -11.861 8.270   0.591   1.00 18.15 ? 2   ARG A CA  1 
ATOM   11   C C   . ARG A 1 2   ? -10.546 8.066   -0.151  1.00 15.24 ? 2   ARG A C   1 
ATOM   12   O O   . ARG A 1 2   ? -10.216 6.944   -0.531  1.00 15.90 ? 2   ARG A O   1 
ATOM   13   C CB  . ARG A 1 2   ? -11.814 7.575   1.953   1.00 21.32 ? 2   ARG A CB  1 
ATOM   14   C CG  . ARG A 1 2   ? -10.997 8.313   3.004   1.00 26.91 ? 2   ARG A CG  1 
ATOM   15   C CD  . ARG A 1 2   ? -11.128 7.652   4.371   1.00 30.08 ? 2   ARG A CD  1 
ATOM   16   N NE  . ARG A 1 2   ? -10.465 8.419   5.424   1.00 33.70 ? 2   ARG A NE  1 
ATOM   17   C CZ  . ARG A 1 2   ? -10.860 9.618   5.842   1.00 35.05 ? 2   ARG A CZ  1 
ATOM   18   N NH1 . ARG A 1 2   ? -11.922 10.199  5.298   1.00 36.62 ? 2   ARG A NH1 1 
ATOM   19   N NH2 . ARG A 1 2   ? -10.191 10.239  6.806   1.00 35.02 ? 2   ARG A NH2 1 
ATOM   20   N N   . ILE A 1 3   ? -9.812  9.152   -0.372  1.00 14.02 ? 3   ILE A N   1 
ATOM   21   C CA  . ILE A 1 3   ? -8.537  9.079   -1.077  1.00 12.18 ? 3   ILE A CA  1 
ATOM   22   C C   . ILE A 1 3   ? -7.417  9.200   -0.060  1.00 12.71 ? 3   ILE A C   1 
ATOM   23   O O   . ILE A 1 3   ? -7.338  10.186  0.673   1.00 14.10 ? 3   ILE A O   1 
ATOM   24   C CB  . ILE A 1 3   ? -8.399  10.215  -2.103  1.00 13.91 ? 3   ILE A CB  1 
ATOM   25   C CG1 . ILE A 1 3   ? -9.644  10.262  -2.989  1.00 17.88 ? 3   ILE A CG1 1 
ATOM   26   C CG2 . ILE A 1 3   ? -7.150  9.994   -2.956  1.00 14.80 ? 3   ILE A CG2 1 
ATOM   27   C CD1 . ILE A 1 3   ? -9.731  11.504  -3.852  1.00 21.52 ? 3   ILE A CD1 1 
ATOM   28   N N   . ILE A 1 4   ? -6.551  8.192   -0.019  1.00 9.77  ? 4   ILE A N   1 
ATOM   29   C CA  . ILE A 1 4   ? -5.442  8.180   0.928   1.00 10.34 ? 4   ILE A CA  1 
ATOM   30   C C   . ILE A 1 4   ? -4.098  8.368   0.232   1.00 9.94  ? 4   ILE A C   1 
ATOM   31   O O   . ILE A 1 4   ? -3.798  7.697   -0.751  1.00 11.74 ? 4   ILE A O   1 
ATOM   32   C CB  . ILE A 1 4   ? -5.420  6.846   1.706   1.00 12.78 ? 4   ILE A CB  1 
ATOM   33   C CG1 . ILE A 1 4   ? -6.729  6.692   2.488   1.00 15.90 ? 4   ILE A CG1 1 
ATOM   34   C CG2 . ILE A 1 4   ? -4.218  6.796   2.644   1.00 14.28 ? 4   ILE A CG2 1 
ATOM   35   C CD1 . ILE A 1 4   ? -6.887  5.363   3.191   1.00 21.24 ? 4   ILE A CD1 1 
ATOM   36   N N   . ASN A 1 5   ? -3.304  9.301   0.745   1.00 9.59  ? 5   ASN A N   1 
ATOM   37   C CA  . ASN A 1 5   ? -1.973  9.559   0.207   1.00 8.94  ? 5   ASN A CA  1 
ATOM   38   C C   . ASN A 1 5   ? -1.048  8.613   0.976   1.00 10.06 ? 5   ASN A C   1 
ATOM   39   O O   . ASN A 1 5   ? -0.860  8.773   2.184   1.00 10.91 ? 5   ASN A O   1 
ATOM   40   C CB  . ASN A 1 5   ? -1.586  11.012  0.470   1.00 10.48 ? 5   ASN A CB  1 
ATOM   41   C CG  . ASN A 1 5   ? -0.226  11.367  -0.088  1.00 11.97 ? 5   ASN A CG  1 
ATOM   42   O OD1 . ASN A 1 5   ? 0.494   10.510  -0.601  1.00 11.75 ? 5   ASN A OD1 1 
ATOM   43   N ND2 . ASN A 1 5   ? 0.138   12.642  0.012   1.00 16.01 ? 5   ASN A ND2 1 
ATOM   44   N N   . ALA A 1 6   ? -0.477  7.626   0.289   1.00 8.94  ? 6   ALA A N   1 
ATOM   45   C CA  . ALA A 1 6   ? 0.388   6.653   0.953   1.00 9.67  ? 6   ALA A CA  1 
ATOM   46   C C   . ALA A 1 6   ? 1.796   7.133   1.282   1.00 10.17 ? 6   ALA A C   1 
ATOM   47   O O   . ALA A 1 6   ? 2.562   6.403   1.909   1.00 9.96  ? 6   ALA A O   1 
ATOM   48   C CB  . ALA A 1 6   ? 0.475   5.381   0.121   1.00 9.37  ? 6   ALA A CB  1 
ATOM   49   N N   . ASP A 1 7   ? 2.130   8.352   0.872   1.00 10.86 ? 7   ASP A N   1 
ATOM   50   C CA  . ASP A 1 7   ? 3.459   8.916   1.116   1.00 12.07 ? 7   ASP A CA  1 
ATOM   51   C C   . ASP A 1 7   ? 3.869   8.849   2.590   1.00 12.55 ? 7   ASP A C   1 
ATOM   52   O O   . ASP A 1 7   ? 3.219   9.442   3.452   1.00 12.51 ? 7   ASP A O   1 
ATOM   53   C CB  . ASP A 1 7   ? 3.482   10.371  0.640   1.00 14.34 ? 7   ASP A CB  1 
ATOM   54   C CG  . ASP A 1 7   ? 4.881   10.951  0.566   1.00 18.67 ? 7   ASP A CG  1 
ATOM   55   O OD1 . ASP A 1 7   ? 5.857   10.258  0.932   1.00 19.63 ? 7   ASP A OD1 1 
ATOM   56   O OD2 . ASP A 1 7   ? 4.998   12.117  0.135   1.00 22.18 ? 7   ASP A OD2 1 
ATOM   57   N N   . GLY A 1 8   ? 4.941   8.116   2.876   1.00 12.47 ? 8   GLY A N   1 
ATOM   58   C CA  . GLY A 1 8   ? 5.428   8.005   4.240   1.00 13.84 ? 8   GLY A CA  1 
ATOM   59   C C   . GLY A 1 8   ? 4.665   7.090   5.176   1.00 14.77 ? 8   GLY A C   1 
ATOM   60   O O   . GLY A 1 8   ? 4.943   7.057   6.374   1.00 16.40 ? 8   GLY A O   1 
ATOM   61   N N   . LEU A 1 9   ? 3.705   6.341   4.652   1.00 12.31 ? 9   LEU A N   1 
ATOM   62   C CA  . LEU A 1 9   ? 2.939   5.438   5.503   1.00 11.20 ? 9   LEU A CA  1 
ATOM   63   C C   . LEU A 1 9   ? 3.521   4.029   5.498   1.00 12.00 ? 9   LEU A C   1 
ATOM   64   O O   . LEU A 1 9   ? 3.904   3.515   4.449   1.00 12.60 ? 9   LEU A O   1 
ATOM   65   C CB  . LEU A 1 9   ? 1.482   5.390   5.041   1.00 11.22 ? 9   LEU A CB  1 
ATOM   66   C CG  . LEU A 1 9   ? 0.749   6.729   5.002   1.00 12.16 ? 9   LEU A CG  1 
ATOM   67   C CD1 . LEU A 1 9   ? -0.723  6.475   4.698   1.00 11.95 ? 9   LEU A CD1 1 
ATOM   68   C CD2 . LEU A 1 9   ? 0.895   7.451   6.333   1.00 13.67 ? 9   LEU A CD2 1 
ATOM   69   N N   . ILE A 1 10  ? 3.595   3.417   6.678   1.00 11.83 ? 10  ILE A N   1 
ATOM   70   C CA  . ILE A 1 10  ? 4.110   2.056   6.810   1.00 11.20 ? 10  ILE A CA  1 
ATOM   71   C C   . ILE A 1 10  ? 3.101   1.119   6.147   1.00 12.11 ? 10  ILE A C   1 
ATOM   72   O O   . ILE A 1 10  ? 1.931   1.070   6.535   1.00 12.08 ? 10  ILE A O   1 
ATOM   73   C CB  . ILE A 1 10  ? 4.287   1.685   8.294   1.00 13.51 ? 10  ILE A CB  1 
ATOM   74   C CG1 . ILE A 1 10  ? 5.333   2.605   8.929   1.00 15.39 ? 10  ILE A CG1 1 
ATOM   75   C CG2 . ILE A 1 10  ? 4.706   0.232   8.424   1.00 14.94 ? 10  ILE A CG2 1 
ATOM   76   C CD1 . ILE A 1 10  ? 5.460   2.438   10.426  1.00 18.18 ? 10  ILE A CD1 1 
ATOM   77   N N   . LEU A 1 11  ? 3.562   0.376   5.145   1.00 11.42 ? 11  LEU A N   1 
ATOM   78   C CA  . LEU A 1 11  ? 2.698   -0.526  4.380   1.00 11.24 ? 11  LEU A CA  1 
ATOM   79   C C   . LEU A 1 11  ? 1.770   -1.436  5.183   1.00 12.58 ? 11  LEU A C   1 
ATOM   80   O O   . LEU A 1 11  ? 0.567   -1.493  4.916   1.00 12.34 ? 11  LEU A O   1 
ATOM   81   C CB  . LEU A 1 11  ? 3.544   -1.382  3.427   1.00 13.47 ? 11  LEU A CB  1 
ATOM   82   C CG  . LEU A 1 11  ? 2.743   -2.327  2.525   1.00 15.20 ? 11  LEU A CG  1 
ATOM   83   C CD1 . LEU A 1 11  ? 1.727   -1.535  1.709   1.00 17.43 ? 11  LEU A CD1 1 
ATOM   84   C CD2 . LEU A 1 11  ? 3.696   -3.084  1.602   1.00 17.26 ? 11  LEU A CD2 1 
ATOM   85   N N   . GLY A 1 12  ? 2.319   -2.150  6.159   1.00 13.29 ? 12  GLY A N   1 
ATOM   86   C CA  . GLY A 1 12  ? 1.496   -3.049  6.948   1.00 15.47 ? 12  GLY A CA  1 
ATOM   87   C C   . GLY A 1 12  ? 0.365   -2.353  7.680   1.00 15.28 ? 12  GLY A C   1 
ATOM   88   O O   . GLY A 1 12  ? -0.761  -2.859  7.727   1.00 17.49 ? 12  GLY A O   1 
ATOM   89   N N   . ARG A 1 13  ? 0.657   -1.191  8.253   1.00 14.22 ? 13  ARG A N   1 
ATOM   90   C CA  . ARG A 1 13  ? -0.349  -0.438  8.991   1.00 14.34 ? 13  ARG A CA  1 
ATOM   91   C C   . ARG A 1 13  ? -1.382  0.150   8.040   1.00 14.40 ? 13  ARG A C   1 
ATOM   92   O O   . ARG A 1 13  ? -2.579  0.156   8.335   1.00 15.31 ? 13  ARG A O   1 
ATOM   93   C CB  . ARG A 1 13  ? 0.310   0.680   9.801   1.00 18.11 ? 13  ARG A CB  1 
ATOM   94   C CG  . ARG A 1 13  ? 1.287   0.185   10.852  1.00 22.58 ? 13  ARG A CG  1 
ATOM   95   C CD  . ARG A 1 13  ? 1.781   1.329   11.723  1.00 27.98 ? 13  ARG A CD  1 
ATOM   96   N NE  . ARG A 1 13  ? 2.789   0.889   12.683  1.00 32.97 ? 13  ARG A NE  1 
ATOM   97   C CZ  . ARG A 1 13  ? 3.353   1.683   13.587  1.00 34.75 ? 13  ARG A CZ  1 
ATOM   98   N NH1 . ARG A 1 13  ? 3.007   2.962   13.659  1.00 35.76 ? 13  ARG A NH1 1 
ATOM   99   N NH2 . ARG A 1 13  ? 4.270   1.201   14.416  1.00 35.89 ? 13  ARG A NH2 1 
ATOM   100  N N   . LEU A 1 14  ? -0.915  0.651   6.902   1.00 12.60 ? 14  LEU A N   1 
ATOM   101  C CA  . LEU A 1 14  ? -1.809  1.217   5.902   1.00 13.15 ? 14  LEU A CA  1 
ATOM   102  C C   . LEU A 1 14  ? -2.781  0.139   5.439   1.00 13.18 ? 14  LEU A C   1 
ATOM   103  O O   . LEU A 1 14  ? -3.991  0.363   5.363   1.00 13.31 ? 14  LEU A O   1 
ATOM   104  C CB  . LEU A 1 14  ? -0.999  1.734   4.705   1.00 13.61 ? 14  LEU A CB  1 
ATOM   105  C CG  . LEU A 1 14  ? -1.723  2.039   3.388   1.00 17.08 ? 14  LEU A CG  1 
ATOM   106  C CD1 . LEU A 1 14  ? -2.725  3.163   3.582   1.00 18.79 ? 14  LEU A CD1 1 
ATOM   107  C CD2 . LEU A 1 14  ? -0.695  2.432   2.331   1.00 18.40 ? 14  LEU A CD2 1 
ATOM   108  N N   . ALA A 1 15  ? -2.245  -1.040  5.142   1.00 12.43 ? 15  ALA A N   1 
ATOM   109  C CA  . ALA A 1 15  ? -3.059  -2.148  4.665   1.00 12.31 ? 15  ALA A CA  1 
ATOM   110  C C   . ALA A 1 15  ? -4.096  -2.614  5.681   1.00 14.20 ? 15  ALA A C   1 
ATOM   111  O O   . ALA A 1 15  ? -5.237  -2.888  5.321   1.00 14.59 ? 15  ALA A O   1 
ATOM   112  C CB  . ALA A 1 15  ? -2.158  -3.312  4.247   1.00 13.68 ? 15  ALA A CB  1 
ATOM   113  N N   . SER A 1 16  ? -3.711  -2.698  6.950   1.00 14.61 ? 16  SER A N   1 
ATOM   114  C CA  . SER A 1 16  ? -4.655  -3.141  7.973   1.00 16.29 ? 16  SER A CA  1 
ATOM   115  C C   . SER A 1 16  ? -5.825  -2.170  8.110   1.00 16.89 ? 16  SER A C   1 
ATOM   116  O O   . SER A 1 16  ? -6.979  -2.593  8.185   1.00 16.85 ? 16  SER A O   1 
ATOM   117  C CB  . SER A 1 16  ? -3.944  -3.313  9.320   1.00 19.43 ? 16  SER A CB  1 
ATOM   118  O OG  . SER A 1 16  ? -3.358  -2.099  9.749   1.00 26.61 ? 16  SER A OG  1 
ATOM   119  N N   . ARG A 1 17  ? -5.537  -0.870  8.130   1.00 15.43 ? 17  ARG A N   1 
ATOM   120  C CA  . ARG A 1 17  ? -6.590  0.134   8.257   1.00 14.98 ? 17  ARG A CA  1 
ATOM   121  C C   . ARG A 1 17  ? -7.479  0.211   7.025   1.00 14.17 ? 17  ARG A C   1 
ATOM   122  O O   . ARG A 1 17  ? -8.691  0.370   7.144   1.00 15.14 ? 17  ARG A O   1 
ATOM   123  C CB  . ARG A 1 17  ? -5.994  1.515   8.540   1.00 19.07 ? 17  ARG A CB  1 
ATOM   124  C CG  . ARG A 1 17  ? -5.629  1.735   9.998   1.00 26.56 ? 17  ARG A CG  1 
ATOM   125  C CD  . ARG A 1 17  ? -6.864  1.739   10.904  1.00 31.05 ? 17  ARG A CD  1 
ATOM   126  N NE  . ARG A 1 17  ? -7.669  2.954   10.767  1.00 35.82 ? 17  ARG A NE  1 
ATOM   127  C CZ  . ARG A 1 17  ? -8.848  3.016   10.153  1.00 37.55 ? 17  ARG A CZ  1 
ATOM   128  N NH1 . ARG A 1 17  ? -9.376  1.925   9.608   1.00 37.72 ? 17  ARG A NH1 1 
ATOM   129  N NH2 . ARG A 1 17  ? -9.509  4.167   10.092  1.00 39.05 ? 17  ARG A NH2 1 
ATOM   130  N N   . VAL A 1 18  ? -6.886  0.110   5.841   1.00 11.29 ? 18  VAL A N   1 
ATOM   131  C CA  . VAL A 1 18  ? -7.678  0.170   4.622   1.00 11.67 ? 18  VAL A CA  1 
ATOM   132  C C   . VAL A 1 18  ? -8.577  -1.055  4.483   1.00 12.86 ? 18  VAL A C   1 
ATOM   133  O O   . VAL A 1 18  ? -9.712  -0.945  4.009   1.00 12.60 ? 18  VAL A O   1 
ATOM   134  C CB  . VAL A 1 18  ? -6.773  0.305   3.381   1.00 12.14 ? 18  VAL A CB  1 
ATOM   135  C CG1 . VAL A 1 18  ? -7.586  0.088   2.112   1.00 13.77 ? 18  VAL A CG1 1 
ATOM   136  C CG2 . VAL A 1 18  ? -6.146  1.694   3.366   1.00 13.37 ? 18  VAL A CG2 1 
ATOM   137  N N   . ALA A 1 19  ? -8.083  -2.217  4.904   1.00 12.73 ? 19  ALA A N   1 
ATOM   138  C CA  . ALA A 1 19  ? -8.880  -3.437  4.820   1.00 13.10 ? 19  ALA A CA  1 
ATOM   139  C C   . ALA A 1 19  ? -10.166 -3.257  5.624   1.00 13.57 ? 19  ALA A C   1 
ATOM   140  O O   . ALA A 1 19  ? -11.251 -3.647  5.182   1.00 14.06 ? 19  ALA A O   1 
ATOM   141  C CB  . ALA A 1 19  ? -8.088  -4.629  5.350   1.00 14.02 ? 19  ALA A CB  1 
ATOM   142  N N   . LYS A 1 20  ? -10.041 -2.648  6.800   1.00 14.91 ? 20  LYS A N   1 
ATOM   143  C CA  . LYS A 1 20  ? -11.199 -2.420  7.660   1.00 16.97 ? 20  LYS A CA  1 
ATOM   144  C C   . LYS A 1 20  ? -12.180 -1.466  6.978   1.00 15.84 ? 20  LYS A C   1 
ATOM   145  O O   . LYS A 1 20  ? -13.392 -1.665  7.028   1.00 16.54 ? 20  LYS A O   1 
ATOM   146  C CB  . LYS A 1 20  ? -10.743 -1.843  9.004   1.00 19.87 ? 20  LYS A CB  1 
ATOM   147  C CG  . LYS A 1 20  ? -11.803 -1.885  10.093  1.00 25.42 ? 20  LYS A CG  1 
ATOM   148  C CD  . LYS A 1 20  ? -11.229 -1.431  11.425  1.00 29.76 ? 20  LYS A CD  1 
ATOM   149  C CE  . LYS A 1 20  ? -12.152 -1.779  12.583  1.00 33.09 ? 20  LYS A CE  1 
ATOM   150  N NZ  . LYS A 1 20  ? -13.507 -1.185  12.429  1.00 37.14 ? 20  LYS A NZ  1 
ATOM   151  N N   . MET A 1 21  ? -11.651 -0.434  6.330   1.00 14.19 ? 21  MET A N   1 
ATOM   152  C CA  . MET A 1 21  ? -12.489 0.533   5.634   1.00 13.73 ? 21  MET A CA  1 
ATOM   153  C C   . MET A 1 21  ? -13.272 -0.140  4.514   1.00 12.86 ? 21  MET A C   1 
ATOM   154  O O   . MET A 1 21  ? -14.456 0.123   4.329   1.00 14.68 ? 21  MET A O   1 
ATOM   155  C CB  . MET A 1 21  ? -11.632 1.652   5.041   1.00 15.00 ? 21  MET A CB  1 
ATOM   156  C CG  . MET A 1 21  ? -10.951 2.527   6.069   1.00 16.32 ? 21  MET A CG  1 
ATOM   157  S SD  . MET A 1 21  ? -9.897  3.737   5.251   1.00 21.51 ? 21  MET A SD  1 
ATOM   158  C CE  . MET A 1 21  ? -9.355  4.725   6.643   1.00 24.92 ? 21  MET A CE  1 
ATOM   159  N N   . LEU A 1 22  ? -12.599 -1.006  3.763   1.00 12.39 ? 22  LEU A N   1 
ATOM   160  C CA  . LEU A 1 22  ? -13.245 -1.698  2.656   1.00 12.82 ? 22  LEU A CA  1 
ATOM   161  C C   . LEU A 1 22  ? -14.367 -2.605  3.139   1.00 14.58 ? 22  LEU A C   1 
ATOM   162  O O   . LEU A 1 22  ? -15.435 -2.664  2.530   1.00 16.22 ? 22  LEU A O   1 
ATOM   163  C CB  . LEU A 1 22  ? -12.214 -2.515  1.881   1.00 13.54 ? 22  LEU A CB  1 
ATOM   164  C CG  . LEU A 1 22  ? -11.160 -1.672  1.156   1.00 13.19 ? 22  LEU A CG  1 
ATOM   165  C CD1 . LEU A 1 22  ? -10.067 -2.586  0.619   1.00 13.85 ? 22  LEU A CD1 1 
ATOM   166  C CD2 . LEU A 1 22  ? -11.804 -0.877  0.028   1.00 14.93 ? 22  LEU A CD2 1 
ATOM   167  N N   . LEU A 1 23  ? -14.119 -3.305  4.238   1.00 15.16 ? 23  LEU A N   1 
ATOM   168  C CA  . LEU A 1 23  ? -15.116 -4.209  4.794   1.00 15.92 ? 23  LEU A CA  1 
ATOM   169  C C   . LEU A 1 23  ? -16.328 -3.451  5.316   1.00 17.21 ? 23  LEU A C   1 
ATOM   170  O O   . LEU A 1 23  ? -17.436 -3.994  5.348   1.00 18.26 ? 23  LEU A O   1 
ATOM   171  C CB  . LEU A 1 23  ? -14.496 -5.057  5.907   1.00 17.32 ? 23  LEU A CB  1 
ATOM   172  C CG  . LEU A 1 23  ? -13.595 -6.200  5.424   1.00 17.66 ? 23  LEU A CG  1 
ATOM   173  C CD1 . LEU A 1 23  ? -12.876 -6.828  6.603   1.00 22.37 ? 23  LEU A CD1 1 
ATOM   174  C CD2 . LEU A 1 23  ? -14.440 -7.242  4.687   1.00 21.23 ? 23  LEU A CD2 1 
ATOM   175  N N   . GLU A 1 24  ? -16.127 -2.198  5.716   1.00 16.51 ? 24  GLU A N   1 
ATOM   176  C CA  . GLU A 1 24  ? -17.233 -1.389  6.217   1.00 16.50 ? 24  GLU A CA  1 
ATOM   177  C C   . GLU A 1 24  ? -17.998 -0.687  5.096   1.00 17.71 ? 24  GLU A C   1 
ATOM   178  O O   . GLU A 1 24  ? -18.858 0.153   5.354   1.00 18.04 ? 24  GLU A O   1 
ATOM   179  C CB  . GLU A 1 24  ? -16.729 -0.370  7.241   1.00 18.52 ? 24  GLU A CB  1 
ATOM   180  C CG  . GLU A 1 24  ? -16.116 -1.014  8.473   1.00 21.48 ? 24  GLU A CG  1 
ATOM   181  C CD  . GLU A 1 24  ? -15.955 -0.045  9.622   1.00 22.15 ? 24  GLU A CD  1 
ATOM   182  O OE1 . GLU A 1 24  ? -15.564 1.113   9.378   1.00 24.55 ? 24  GLU A OE1 1 
ATOM   183  O OE2 . GLU A 1 24  ? -16.210 -0.448  10.774  1.00 23.92 ? 24  GLU A OE2 1 
ATOM   184  N N   . GLY A 1 25  ? -17.670 -1.025  3.849   1.00 17.71 ? 25  GLY A N   1 
ATOM   185  C CA  . GLY A 1 25  ? -18.379 -0.457  2.710   1.00 18.74 ? 25  GLY A CA  1 
ATOM   186  C C   . GLY A 1 25  ? -17.831 0.785   2.039   1.00 19.60 ? 25  GLY A C   1 
ATOM   187  O O   . GLY A 1 25  ? -18.464 1.334   1.132   1.00 19.89 ? 25  GLY A O   1 
ATOM   188  N N   . GLU A 1 26  ? -16.657 1.230   2.460   1.00 18.85 ? 26  GLU A N   1 
ATOM   189  C CA  . GLU A 1 26  ? -16.066 2.426   1.882   1.00 18.67 ? 26  GLU A CA  1 
ATOM   190  C C   . GLU A 1 26  ? -15.314 2.135   0.595   1.00 17.32 ? 26  GLU A C   1 
ATOM   191  O O   . GLU A 1 26  ? -14.726 1.069   0.442   1.00 17.79 ? 26  GLU A O   1 
ATOM   192  C CB  . GLU A 1 26  ? -15.104 3.064   2.883   1.00 22.61 ? 26  GLU A CB  1 
ATOM   193  C CG  . GLU A 1 26  ? -15.773 3.644   4.116   1.00 29.43 ? 26  GLU A CG  1 
ATOM   194  C CD  . GLU A 1 26  ? -14.773 4.121   5.154   1.00 33.51 ? 26  GLU A CD  1 
ATOM   195  O OE1 . GLU A 1 26  ? -13.628 4.451   4.777   1.00 37.70 ? 26  GLU A OE1 1 
ATOM   196  O OE2 . GLU A 1 26  ? -15.134 4.179   6.347   1.00 37.47 ? 26  GLU A OE2 1 
ATOM   197  N N   . GLU A 1 27  ? -15.354 3.088   -0.330  1.00 16.85 ? 27  GLU A N   1 
ATOM   198  C CA  . GLU A 1 27  ? -14.616 2.975   -1.578  1.00 15.95 ? 27  GLU A CA  1 
ATOM   199  C C   . GLU A 1 27  ? -13.326 3.704   -1.251  1.00 13.80 ? 27  GLU A C   1 
ATOM   200  O O   . GLU A 1 27  ? -13.356 4.857   -0.824  1.00 16.29 ? 27  GLU A O   1 
ATOM   201  C CB  . GLU A 1 27  ? -15.343 3.691   -2.718  1.00 19.37 ? 27  GLU A CB  1 
ATOM   202  C CG  . GLU A 1 27  ? -16.485 2.904   -3.325  1.00 27.63 ? 27  GLU A CG  1 
ATOM   203  C CD  . GLU A 1 27  ? -17.149 3.655   -4.460  1.00 31.71 ? 27  GLU A CD  1 
ATOM   204  O OE1 . GLU A 1 27  ? -16.419 4.150   -5.348  1.00 35.03 ? 27  GLU A OE1 1 
ATOM   205  O OE2 . GLU A 1 27  ? -18.396 3.745   -4.467  1.00 35.90 ? 27  GLU A OE2 1 
ATOM   206  N N   . VAL A 1 28  ? -12.196 3.033   -1.431  1.00 13.42 ? 28  VAL A N   1 
ATOM   207  C CA  . VAL A 1 28  ? -10.917 3.638   -1.099  1.00 13.38 ? 28  VAL A CA  1 
ATOM   208  C C   . VAL A 1 28  ? -9.974  3.686   -2.286  1.00 11.17 ? 28  VAL A C   1 
ATOM   209  O O   . VAL A 1 28  ? -9.802  2.700   -2.995  1.00 12.66 ? 28  VAL A O   1 
ATOM   210  C CB  . VAL A 1 28  ? -10.221 2.856   0.029   1.00 13.74 ? 28  VAL A CB  1 
ATOM   211  C CG1 . VAL A 1 28  ? -8.897  3.519   0.397   1.00 14.03 ? 28  VAL A CG1 1 
ATOM   212  C CG2 . VAL A 1 28  ? -11.130 2.786   1.244   1.00 13.28 ? 28  VAL A CG2 1 
ATOM   213  N N   . VAL A 1 29  ? -9.380  4.853   -2.493  1.00 10.35 ? 29  VAL A N   1 
ATOM   214  C CA  . VAL A 1 29  ? -8.410  5.047   -3.556  1.00 9.57  ? 29  VAL A CA  1 
ATOM   215  C C   . VAL A 1 29  ? -7.096  5.383   -2.869  1.00 10.05 ? 29  VAL A C   1 
ATOM   216  O O   . VAL A 1 29  ? -7.055  6.261   -2.009  1.00 10.99 ? 29  VAL A O   1 
ATOM   217  C CB  . VAL A 1 29  ? -8.782  6.236   -4.460  1.00 10.34 ? 29  VAL A CB  1 
ATOM   218  C CG1 . VAL A 1 29  ? -7.636  6.531   -5.432  1.00 13.31 ? 29  VAL A CG1 1 
ATOM   219  C CG2 . VAL A 1 29  ? -10.055 5.925   -5.226  1.00 14.42 ? 29  VAL A CG2 1 
ATOM   220  N N   . ILE A 1 30  ? -6.029  4.675   -3.224  1.00 8.18  ? 30  ILE A N   1 
ATOM   221  C CA  . ILE A 1 30  ? -4.726  4.956   -2.642  1.00 8.42  ? 30  ILE A CA  1 
ATOM   222  C C   . ILE A 1 30  ? -3.856  5.545   -3.742  1.00 9.62  ? 30  ILE A C   1 
ATOM   223  O O   . ILE A 1 30  ? -3.737  4.963   -4.819  1.00 10.62 ? 30  ILE A O   1 
ATOM   224  C CB  . ILE A 1 30  ? -4.046  3.675   -2.104  1.00 10.73 ? 30  ILE A CB  1 
ATOM   225  C CG1 . ILE A 1 30  ? -4.862  3.114   -0.940  1.00 11.95 ? 30  ILE A CG1 1 
ATOM   226  C CG2 . ILE A 1 30  ? -2.621  3.986   -1.631  1.00 12.03 ? 30  ILE A CG2 1 
ATOM   227  C CD1 . ILE A 1 30  ? -4.331  1.804   -0.398  1.00 15.81 ? 30  ILE A CD1 1 
ATOM   228  N N   . VAL A 1 31  ? -3.286  6.719   -3.485  1.00 8.26  ? 31  VAL A N   1 
ATOM   229  C CA  . VAL A 1 31  ? -2.391  7.347   -4.455  1.00 7.29  ? 31  VAL A CA  1 
ATOM   230  C C   . VAL A 1 31  ? -0.989  7.359   -3.855  1.00 7.55  ? 31  VAL A C   1 
ATOM   231  O O   . VAL A 1 31  ? -0.820  7.126   -2.651  1.00 8.04  ? 31  VAL A O   1 
ATOM   232  C CB  . VAL A 1 31  ? -2.836  8.788   -4.815  1.00 9.28  ? 31  VAL A CB  1 
ATOM   233  C CG1 . VAL A 1 31  ? -4.212  8.743   -5.472  1.00 11.22 ? 31  VAL A CG1 1 
ATOM   234  C CG2 . VAL A 1 31  ? -2.867  9.671   -3.582  1.00 10.41 ? 31  VAL A CG2 1 
ATOM   235  N N   . ASN A 1 32  ? 0.015   7.608   -4.693  1.00 8.11  ? 32  ASN A N   1 
ATOM   236  C CA  . ASN A 1 32  ? 1.417   7.609   -4.268  1.00 8.68  ? 32  ASN A CA  1 
ATOM   237  C C   . ASN A 1 32  ? 1.813   6.273   -3.642  1.00 8.43  ? 32  ASN A C   1 
ATOM   238  O O   . ASN A 1 32  ? 2.578   6.229   -2.686  1.00 9.51  ? 32  ASN A O   1 
ATOM   239  C CB  . ASN A 1 32  ? 1.705   8.734   -3.264  1.00 9.70  ? 32  ASN A CB  1 
ATOM   240  C CG  . ASN A 1 32  ? 1.912   10.077  -3.933  1.00 12.85 ? 32  ASN A CG  1 
ATOM   241  O OD1 . ASN A 1 32  ? 2.329   10.155  -5.091  1.00 13.67 ? 32  ASN A OD1 1 
ATOM   242  N ND2 . ASN A 1 32  ? 1.643   11.145  -3.195  1.00 14.37 ? 32  ASN A ND2 1 
ATOM   243  N N   . ALA A 1 33  ? 1.305   5.182   -4.204  1.00 8.84  ? 33  ALA A N   1 
ATOM   244  C CA  . ALA A 1 33  ? 1.598   3.853   -3.687  1.00 8.79  ? 33  ALA A CA  1 
ATOM   245  C C   . ALA A 1 33  ? 3.093   3.545   -3.608  1.00 8.97  ? 33  ALA A C   1 
ATOM   246  O O   . ALA A 1 33  ? 3.534   2.827   -2.712  1.00 10.11 ? 33  ALA A O   1 
ATOM   247  C CB  . ALA A 1 33  ? 0.892   2.800   -4.546  1.00 10.65 ? 33  ALA A CB  1 
ATOM   248  N N   . GLU A 1 34  ? 3.867   4.081   -4.546  1.00 10.28 ? 34  GLU A N   1 
ATOM   249  C CA  . GLU A 1 34  ? 5.304   3.827   -4.580  1.00 9.87  ? 34  GLU A CA  1 
ATOM   250  C C   . GLU A 1 34  ? 6.039   4.522   -3.438  1.00 11.10 ? 34  GLU A C   1 
ATOM   251  O O   . GLU A 1 34  ? 7.213   4.241   -3.182  1.00 12.92 ? 34  GLU A O   1 
ATOM   252  C CB  . GLU A 1 34  ? 5.895   4.283   -5.925  1.00 10.62 ? 34  GLU A CB  1 
ATOM   253  C CG  . GLU A 1 34  ? 6.157   5.782   -6.041  1.00 11.12 ? 34  GLU A CG  1 
ATOM   254  C CD  . GLU A 1 34  ? 4.949   6.613   -6.473  1.00 13.57 ? 34  GLU A CD  1 
ATOM   255  O OE1 . GLU A 1 34  ? 3.792   6.190   -6.274  1.00 11.64 ? 34  GLU A OE1 1 
ATOM   256  O OE2 . GLU A 1 34  ? 5.173   7.721   -7.010  1.00 16.75 ? 34  GLU A OE2 1 
ATOM   257  N N   . LYS A 1 35  ? 5.358   5.438   -2.755  1.00 9.25  ? 35  LYS A N   1 
ATOM   258  C CA  . LYS A 1 35  ? 5.978   6.168   -1.659  1.00 10.45 ? 35  LYS A CA  1 
ATOM   259  C C   . LYS A 1 35  ? 5.658   5.588   -0.284  1.00 11.49 ? 35  LYS A C   1 
ATOM   260  O O   . LYS A 1 35  ? 6.115   6.110   0.732   1.00 12.27 ? 35  LYS A O   1 
ATOM   261  C CB  . LYS A 1 35  ? 5.591   7.653   -1.724  1.00 12.00 ? 35  LYS A CB  1 
ATOM   262  C CG  . LYS A 1 35  ? 6.063   8.344   -3.001  1.00 16.93 ? 35  LYS A CG  1 
ATOM   263  C CD  . LYS A 1 35  ? 5.764   9.841   -2.970  1.00 19.20 ? 35  LYS A CD  1 
ATOM   264  C CE  . LYS A 1 35  ? 6.253   10.537  -4.233  1.00 24.35 ? 35  LYS A CE  1 
ATOM   265  N NZ  . LYS A 1 35  ? 5.505   10.116  -5.451  1.00 27.83 ? 35  LYS A NZ  1 
ATOM   266  N N   . ALA A 1 36  ? 4.864   4.522   -0.240  1.00 10.65 ? 36  ALA A N   1 
ATOM   267  C CA  . ALA A 1 36  ? 4.588   3.878   1.039   1.00 10.44 ? 36  ALA A CA  1 
ATOM   268  C C   . ALA A 1 36  ? 5.926   3.252   1.431   1.00 11.67 ? 36  ALA A C   1 
ATOM   269  O O   . ALA A 1 36  ? 6.786   3.050   0.574   1.00 12.52 ? 36  ALA A O   1 
ATOM   270  C CB  . ALA A 1 36  ? 3.527   2.805   0.881   1.00 12.25 ? 36  ALA A CB  1 
ATOM   271  N N   . VAL A 1 37  ? 6.109   2.939   2.709   1.00 10.64 ? 37  VAL A N   1 
ATOM   272  C CA  . VAL A 1 37  ? 7.377   2.364   3.149   1.00 11.74 ? 37  VAL A CA  1 
ATOM   273  C C   . VAL A 1 37  ? 7.261   1.029   3.863   1.00 12.36 ? 37  VAL A C   1 
ATOM   274  O O   . VAL A 1 37  ? 6.214   0.676   4.407   1.00 12.55 ? 37  VAL A O   1 
ATOM   275  C CB  . VAL A 1 37  ? 8.143   3.341   4.070   1.00 13.55 ? 37  VAL A CB  1 
ATOM   276  C CG1 . VAL A 1 37  ? 8.219   4.714   3.417   1.00 15.51 ? 37  VAL A CG1 1 
ATOM   277  C CG2 . VAL A 1 37  ? 7.473   3.424   5.430   1.00 14.30 ? 37  VAL A CG2 1 
ATOM   278  N N   . ILE A 1 38  ? 8.361   0.284   3.838   1.00 11.53 ? 38  ILE A N   1 
ATOM   279  C CA  . ILE A 1 38  ? 8.453   -1.015  4.489   1.00 12.55 ? 38  ILE A CA  1 
ATOM   280  C C   . ILE A 1 38  ? 9.634   -0.880  5.442   1.00 13.31 ? 38  ILE A C   1 
ATOM   281  O O   . ILE A 1 38  ? 10.739  -0.563  5.007   1.00 13.33 ? 38  ILE A O   1 
ATOM   282  C CB  . ILE A 1 38  ? 8.758   -2.129  3.468   1.00 13.04 ? 38  ILE A CB  1 
ATOM   283  C CG1 . ILE A 1 38  ? 7.657   -2.181  2.405   1.00 15.65 ? 38  ILE A CG1 1 
ATOM   284  C CG2 . ILE A 1 38  ? 8.881   -3.470  4.180   1.00 16.01 ? 38  ILE A CG2 1 
ATOM   285  C CD1 . ILE A 1 38  ? 7.995   -3.061  1.221   1.00 18.26 ? 38  ILE A CD1 1 
ATOM   286  N N   . THR A 1 39  ? 9.406   -1.113  6.731   1.00 14.04 ? 39  THR A N   1 
ATOM   287  C CA  . THR A 1 39  ? 10.474  -0.983  7.718   1.00 16.24 ? 39  THR A CA  1 
ATOM   288  C C   . THR A 1 39  ? 11.361  -2.217  7.813   1.00 16.78 ? 39  THR A C   1 
ATOM   289  O O   . THR A 1 39  ? 10.909  -3.346  7.609   1.00 18.73 ? 39  THR A O   1 
ATOM   290  C CB  . THR A 1 39  ? 9.906   -0.679  9.121   1.00 17.99 ? 39  THR A CB  1 
ATOM   291  O OG1 . THR A 1 39  ? 9.031   -1.736  9.525   1.00 22.62 ? 39  THR A OG1 1 
ATOM   292  C CG2 . THR A 1 39  ? 9.136   0.633   9.105   1.00 19.57 ? 39  THR A CG2 1 
ATOM   293  N N   . GLY A 1 40  ? 12.632  -1.988  8.122   1.00 17.24 ? 40  GLY A N   1 
ATOM   294  C CA  . GLY A 1 40  ? 13.571  -3.084  8.244   1.00 19.14 ? 40  GLY A CA  1 
ATOM   295  C C   . GLY A 1 40  ? 14.854  -2.846  7.475   1.00 19.70 ? 40  GLY A C   1 
ATOM   296  O O   . GLY A 1 40  ? 15.075  -1.767  6.924   1.00 19.93 ? 40  GLY A O   1 
ATOM   297  N N   . ASN A 1 41  ? 15.704  -3.868  7.444   1.00 21.14 ? 41  ASN A N   1 
ATOM   298  C CA  . ASN A 1 41  ? 16.977  -3.791  6.741   1.00 22.42 ? 41  ASN A CA  1 
ATOM   299  C C   . ASN A 1 41  ? 16.766  -3.961  5.242   1.00 21.37 ? 41  ASN A C   1 
ATOM   300  O O   . ASN A 1 41  ? 16.090  -4.889  4.801   1.00 20.56 ? 41  ASN A O   1 
ATOM   301  C CB  . ASN A 1 41  ? 17.919  -4.880  7.247   1.00 26.09 ? 41  ASN A CB  1 
ATOM   302  C CG  . ASN A 1 41  ? 19.232  -4.902  6.499   1.00 28.91 ? 41  ASN A CG  1 
ATOM   303  O OD1 . ASN A 1 41  ? 20.056  -3.997  6.637   1.00 33.15 ? 41  ASN A OD1 1 
ATOM   304  N ND2 . ASN A 1 41  ? 19.429  -5.934  5.689   1.00 31.80 ? 41  ASN A ND2 1 
ATOM   305  N N   . ARG A 1 42  ? 17.367  -3.067  4.464   1.00 21.76 ? 42  ARG A N   1 
ATOM   306  C CA  . ARG A 1 42  ? 17.245  -3.089  3.010   1.00 21.76 ? 42  ARG A CA  1 
ATOM   307  C C   . ARG A 1 42  ? 17.485  -4.456  2.362   1.00 21.38 ? 42  ARG A C   1 
ATOM   308  O O   . ARG A 1 42  ? 16.643  -4.943  1.607   1.00 20.07 ? 42  ARG A O   1 
ATOM   309  C CB  . ARG A 1 42  ? 18.198  -2.049  2.407   1.00 24.70 ? 42  ARG A CB  1 
ATOM   310  C CG  . ARG A 1 42  ? 18.229  -2.029  0.891   1.00 29.44 ? 42  ARG A CG  1 
ATOM   311  C CD  . ARG A 1 42  ? 19.249  -1.024  0.383   1.00 33.88 ? 42  ARG A CD  1 
ATOM   312  N NE  . ARG A 1 42  ? 18.816  0.355   0.590   1.00 37.79 ? 42  ARG A NE  1 
ATOM   313  C CZ  . ARG A 1 42  ? 17.789  0.915   -0.041  1.00 39.80 ? 42  ARG A CZ  1 
ATOM   314  N NH1 . ARG A 1 42  ? 17.087  0.214   -0.922  1.00 42.94 ? 42  ARG A NH1 1 
ATOM   315  N NH2 . ARG A 1 42  ? 17.463  2.176   0.203   1.00 41.00 ? 42  ARG A NH2 1 
ATOM   316  N N   . GLU A 1 43  ? 18.626  -5.077  2.651   1.00 21.58 ? 43  GLU A N   1 
ATOM   317  C CA  . GLU A 1 43  ? 18.939  -6.378  2.064   1.00 21.88 ? 43  GLU A CA  1 
ATOM   318  C C   . GLU A 1 43  ? 17.940  -7.460  2.458   1.00 20.53 ? 43  GLU A C   1 
ATOM   319  O O   . GLU A 1 43  ? 17.611  -8.330  1.654   1.00 21.27 ? 43  GLU A O   1 
ATOM   320  C CB  . GLU A 1 43  ? 20.346  -6.839  2.468   1.00 23.55 ? 43  GLU A CB  1 
ATOM   321  C CG  . GLU A 1 43  ? 21.497  -6.077  1.824   1.00 28.91 ? 43  GLU A CG  1 
ATOM   322  C CD  . GLU A 1 43  ? 21.671  -4.676  2.377   1.00 32.79 ? 43  GLU A CD  1 
ATOM   323  O OE1 . GLU A 1 43  ? 21.147  -4.396  3.475   1.00 34.63 ? 43  GLU A OE1 1 
ATOM   324  O OE2 . GLU A 1 43  ? 22.351  -3.859  1.718   1.00 36.25 ? 43  GLU A OE2 1 
ATOM   325  N N   . VAL A 1 44  ? 17.469  -7.415  3.700   1.00 21.19 ? 44  VAL A N   1 
ATOM   326  C CA  . VAL A 1 44  ? 16.512  -8.405  4.176   1.00 20.70 ? 44  VAL A CA  1 
ATOM   327  C C   . VAL A 1 44  ? 15.185  -8.246  3.444   1.00 20.20 ? 44  VAL A C   1 
ATOM   328  O O   . VAL A 1 44  ? 14.590  -9.227  3.000   1.00 19.96 ? 44  VAL A O   1 
ATOM   329  C CB  . VAL A 1 44  ? 16.278  -8.271  5.697   1.00 22.48 ? 44  VAL A CB  1 
ATOM   330  C CG1 . VAL A 1 44  ? 15.221  -9.266  6.155   1.00 23.45 ? 44  VAL A CG1 1 
ATOM   331  C CG2 . VAL A 1 44  ? 17.590  -8.512  6.444   1.00 23.65 ? 44  VAL A CG2 1 
ATOM   332  N N   . ILE A 1 45  ? 14.731  -7.005  3.310   1.00 18.41 ? 45  ILE A N   1 
ATOM   333  C CA  . ILE A 1 45  ? 13.478  -6.730  2.623   1.00 18.07 ? 45  ILE A CA  1 
ATOM   334  C C   . ILE A 1 45  ? 13.556  -7.151  1.156   1.00 18.34 ? 45  ILE A C   1 
ATOM   335  O O   . ILE A 1 45  ? 12.645  -7.798  0.642   1.00 18.12 ? 45  ILE A O   1 
ATOM   336  C CB  . ILE A 1 45  ? 13.116  -5.232  2.721   1.00 17.56 ? 45  ILE A CB  1 
ATOM   337  C CG1 . ILE A 1 45  ? 12.865  -4.867  4.189   1.00 19.10 ? 45  ILE A CG1 1 
ATOM   338  C CG2 . ILE A 1 45  ? 11.885  -4.930  1.874   1.00 18.57 ? 45  ILE A CG2 1 
ATOM   339  C CD1 . ILE A 1 45  ? 12.716  -3.384  4.448   1.00 18.95 ? 45  ILE A CD1 1 
ATOM   340  N N   . PHE A 1 46  ? 14.645  -6.788  0.481   1.00 19.26 ? 46  PHE A N   1 
ATOM   341  C CA  . PHE A 1 46  ? 14.808  -7.156  -0.921  1.00 20.37 ? 46  PHE A CA  1 
ATOM   342  C C   . PHE A 1 46  ? 14.774  -8.669  -1.094  1.00 22.20 ? 46  PHE A C   1 
ATOM   343  O O   . PHE A 1 46  ? 14.113  -9.185  -1.995  1.00 23.27 ? 46  PHE A O   1 
ATOM   344  C CB  . PHE A 1 46  ? 16.130  -6.617  -1.477  1.00 19.89 ? 46  PHE A CB  1 
ATOM   345  C CG  . PHE A 1 46  ? 16.131  -5.136  -1.733  1.00 20.87 ? 46  PHE A CG  1 
ATOM   346  C CD1 . PHE A 1 46  ? 14.948  -4.402  -1.707  1.00 20.85 ? 46  PHE A CD1 1 
ATOM   347  C CD2 . PHE A 1 46  ? 17.318  -4.479  -2.032  1.00 20.55 ? 46  PHE A CD2 1 
ATOM   348  C CE1 . PHE A 1 46  ? 14.949  -3.037  -1.979  1.00 20.72 ? 46  PHE A CE1 1 
ATOM   349  C CE2 . PHE A 1 46  ? 17.329  -3.116  -2.306  1.00 22.12 ? 46  PHE A CE2 1 
ATOM   350  C CZ  . PHE A 1 46  ? 16.141  -2.393  -2.279  1.00 21.64 ? 46  PHE A CZ  1 
ATOM   351  N N   . SER A 1 47  ? 15.497  -9.374  -0.230  1.00 23.95 ? 47  SER A N   1 
ATOM   352  C CA  . SER A 1 47  ? 15.552  -10.828 -0.290  1.00 26.45 ? 47  SER A CA  1 
ATOM   353  C C   . SER A 1 47  ? 14.169  -11.430 -0.090  1.00 26.77 ? 47  SER A C   1 
ATOM   354  O O   . SER A 1 47  ? 13.744  -12.299 -0.851  1.00 27.38 ? 47  SER A O   1 
ATOM   355  C CB  . SER A 1 47  ? 16.507  -11.364 0.784   1.00 28.25 ? 47  SER A CB  1 
ATOM   356  O OG  . SER A 1 47  ? 17.822  -10.876 0.583   1.00 33.85 ? 47  SER A OG  1 
ATOM   357  N N   . LYS A 1 48  ? 13.469  -10.957 0.937   1.00 26.61 ? 48  LYS A N   1 
ATOM   358  C CA  . LYS A 1 48  ? 12.133  -11.449 1.248   1.00 27.58 ? 48  LYS A CA  1 
ATOM   359  C C   . LYS A 1 48  ? 11.182  -11.342 0.059   1.00 27.33 ? 48  LYS A C   1 
ATOM   360  O O   . LYS A 1 48  ? 10.438  -12.276 -0.236  1.00 26.77 ? 48  LYS A O   1 
ATOM   361  C CB  . LYS A 1 48  ? 11.569  -10.678 2.444   1.00 29.32 ? 48  LYS A CB  1 
ATOM   362  C CG  . LYS A 1 48  ? 10.189  -11.124 2.890   1.00 33.27 ? 48  LYS A CG  1 
ATOM   363  C CD  . LYS A 1 48  ? 9.789   -10.434 4.184   1.00 35.55 ? 48  LYS A CD  1 
ATOM   364  C CE  . LYS A 1 48  ? 10.740  -10.794 5.320   1.00 37.54 ? 48  LYS A CE  1 
ATOM   365  N NZ  . LYS A 1 48  ? 10.353  -10.148 6.608   1.00 39.91 ? 48  LYS A NZ  1 
ATOM   366  N N   . TYR A 1 49  ? 11.202  -10.204 -0.626  1.00 26.59 ? 49  TYR A N   1 
ATOM   367  C CA  . TYR A 1 49  ? 10.333  -10.009 -1.778  1.00 27.87 ? 49  TYR A CA  1 
ATOM   368  C C   . TYR A 1 49  ? 10.865  -10.716 -3.017  1.00 30.05 ? 49  TYR A C   1 
ATOM   369  O O   . TYR A 1 49  ? 10.100  -11.081 -3.909  1.00 30.79 ? 49  TYR A O   1 
ATOM   370  C CB  . TYR A 1 49  ? 10.151  -8.514  -2.047  1.00 26.69 ? 49  TYR A CB  1 
ATOM   371  C CG  . TYR A 1 49  ? 9.104   -7.885  -1.155  1.00 24.33 ? 49  TYR A CG  1 
ATOM   372  C CD1 . TYR A 1 49  ? 7.758   -7.895  -1.517  1.00 26.29 ? 49  TYR A CD1 1 
ATOM   373  C CD2 . TYR A 1 49  ? 9.451   -7.325  0.073   1.00 25.46 ? 49  TYR A CD2 1 
ATOM   374  C CE1 . TYR A 1 49  ? 6.783   -7.362  -0.678  1.00 25.76 ? 49  TYR A CE1 1 
ATOM   375  C CE2 . TYR A 1 49  ? 8.481   -6.791  0.922   1.00 25.57 ? 49  TYR A CE2 1 
ATOM   376  C CZ  . TYR A 1 49  ? 7.151   -6.813  0.539   1.00 26.49 ? 49  TYR A CZ  1 
ATOM   377  O OH  . TYR A 1 49  ? 6.191   -6.291  1.375   1.00 27.45 ? 49  TYR A OH  1 
ATOM   378  N N   . LYS A 1 50  ? 12.177  -10.917 -3.062  1.00 32.93 ? 50  LYS A N   1 
ATOM   379  C CA  . LYS A 1 50  ? 12.807  -11.597 -4.187  1.00 36.49 ? 50  LYS A CA  1 
ATOM   380  C C   . LYS A 1 50  ? 12.350  -13.052 -4.205  1.00 38.55 ? 50  LYS A C   1 
ATOM   381  O O   . LYS A 1 50  ? 12.084  -13.621 -5.263  1.00 39.10 ? 50  LYS A O   1 
ATOM   382  C CB  . LYS A 1 50  ? 14.331  -11.534 -4.054  1.00 37.34 ? 50  LYS A CB  1 
ATOM   383  C CG  . LYS A 1 50  ? 15.090  -12.185 -5.200  1.00 40.01 ? 50  LYS A CG  1 
ATOM   384  C CD  . LYS A 1 50  ? 14.856  -11.452 -6.511  1.00 41.36 ? 50  LYS A CD  1 
ATOM   385  C CE  . LYS A 1 50  ? 15.607  -12.117 -7.651  1.00 42.70 ? 50  LYS A CE  1 
ATOM   386  N NZ  . LYS A 1 50  ? 17.070  -12.177 -7.387  1.00 43.71 ? 50  LYS A NZ  1 
ATOM   387  N N   . GLN A 1 51  ? 12.255  -13.646 -3.021  1.00 40.87 ? 51  GLN A N   1 
ATOM   388  C CA  . GLN A 1 51  ? 11.829  -15.034 -2.892  1.00 43.66 ? 51  GLN A CA  1 
ATOM   389  C C   . GLN A 1 51  ? 10.334  -15.196 -3.156  1.00 44.86 ? 51  GLN A C   1 
ATOM   390  O O   . GLN A 1 51  ? 9.889   -16.248 -3.615  1.00 45.37 ? 51  GLN A O   1 
ATOM   391  C CB  . GLN A 1 51  ? 12.168  -15.559 -1.495  1.00 45.14 ? 51  GLN A CB  1 
ATOM   392  C CG  . GLN A 1 51  ? 13.659  -15.671 -1.223  1.00 47.24 ? 51  GLN A CG  1 
ATOM   393  C CD  . GLN A 1 51  ? 13.959  -16.189 0.170   1.00 48.97 ? 51  GLN A CD  1 
ATOM   394  O OE1 . GLN A 1 51  ? 13.483  -17.254 0.565   1.00 50.08 ? 51  GLN A OE1 1 
ATOM   395  N NE2 . GLN A 1 51  ? 14.757  -15.438 0.920   1.00 50.08 ? 51  GLN A NE2 1 
ATOM   396  N N   . ARG A 1 52  ? 9.560   -14.154 -2.870  1.00 45.94 ? 52  ARG A N   1 
ATOM   397  C CA  . ARG A 1 52  ? 8.119   -14.202 -3.085  1.00 47.35 ? 52  ARG A CA  1 
ATOM   398  C C   . ARG A 1 52  ? 7.768   -14.167 -4.569  1.00 47.49 ? 52  ARG A C   1 
ATOM   399  O O   . ARG A 1 52  ? 6.750   -14.721 -4.986  1.00 47.46 ? 52  ARG A O   1 
ATOM   400  C CB  . ARG A 1 52  ? 7.431   -13.037 -2.367  1.00 48.37 ? 52  ARG A CB  1 
ATOM   401  C CG  . ARG A 1 52  ? 7.518   -13.105 -0.852  1.00 50.02 ? 52  ARG A CG  1 
ATOM   402  C CD  . ARG A 1 52  ? 6.726   -11.982 -0.199  1.00 51.46 ? 52  ARG A CD  1 
ATOM   403  N NE  . ARG A 1 52  ? 6.772   -12.060 1.259   1.00 53.33 ? 52  ARG A NE  1 
ATOM   404  C CZ  . ARG A 1 52  ? 6.156   -11.211 2.074   1.00 54.33 ? 52  ARG A CZ  1 
ATOM   405  N NH1 . ARG A 1 52  ? 5.441   -10.210 1.577   1.00 54.76 ? 52  ARG A NH1 1 
ATOM   406  N NH2 . ARG A 1 52  ? 6.256   -11.360 3.388   1.00 55.42 ? 52  ARG A NH2 1 
ATOM   407  N N   . THR A 1 53  ? 8.611   -13.517 -5.363  1.00 47.84 ? 53  THR A N   1 
ATOM   408  C CA  . THR A 1 53  ? 8.377   -13.416 -6.798  1.00 48.09 ? 53  THR A CA  1 
ATOM   409  C C   . THR A 1 53  ? 8.665   -14.741 -7.495  1.00 48.48 ? 53  THR A C   1 
ATOM   410  O O   . THR A 1 53  ? 7.984   -15.111 -8.451  1.00 49.25 ? 53  THR A O   1 
ATOM   411  C CB  . THR A 1 53  ? 9.259   -12.324 -7.437  1.00 48.24 ? 53  THR A CB  1 
ATOM   412  O OG1 . THR A 1 53  ? 10.640  -12.625 -7.206  1.00 47.78 ? 53  THR A OG1 1 
ATOM   413  C CG2 . THR A 1 53  ? 8.933   -10.963 -6.842  1.00 47.84 ? 53  THR A CG2 1 
ATOM   414  N N   . TYR A 1 67  ? 4.084   -13.508 -7.907  1.00 36.17 ? 67  TYR A N   1 
ATOM   415  C CA  . TYR A 1 67  ? 3.950   -12.337 -7.049  1.00 35.29 ? 67  TYR A CA  1 
ATOM   416  C C   . TYR A 1 67  ? 4.226   -11.079 -7.869  1.00 32.90 ? 67  TYR A C   1 
ATOM   417  O O   . TYR A 1 67  ? 5.148   -11.050 -8.685  1.00 32.66 ? 67  TYR A O   1 
ATOM   418  C CB  . TYR A 1 67  ? 4.939   -12.424 -5.883  1.00 38.12 ? 67  TYR A CB  1 
ATOM   419  C CG  . TYR A 1 67  ? 4.587   -11.532 -4.713  1.00 41.02 ? 67  TYR A CG  1 
ATOM   420  C CD1 . TYR A 1 67  ? 3.449   -11.777 -3.943  1.00 42.46 ? 67  TYR A CD1 1 
ATOM   421  C CD2 . TYR A 1 67  ? 5.386   -10.441 -4.376  1.00 42.24 ? 67  TYR A CD2 1 
ATOM   422  C CE1 . TYR A 1 67  ? 3.115   -10.958 -2.867  1.00 43.35 ? 67  TYR A CE1 1 
ATOM   423  C CE2 . TYR A 1 67  ? 5.061   -9.614  -3.300  1.00 43.71 ? 67  TYR A CE2 1 
ATOM   424  C CZ  . TYR A 1 67  ? 3.925   -9.880  -2.551  1.00 43.59 ? 67  TYR A CZ  1 
ATOM   425  O OH  . TYR A 1 67  ? 3.599   -9.068  -1.488  1.00 44.57 ? 67  TYR A OH  1 
ATOM   426  N N   . PRO A 1 68  ? 3.428   -10.018 -7.661  1.00 29.98 ? 68  PRO A N   1 
ATOM   427  C CA  . PRO A 1 68  ? 3.611   -8.765  -8.402  1.00 27.93 ? 68  PRO A CA  1 
ATOM   428  C C   . PRO A 1 68  ? 4.951   -8.084  -8.139  1.00 26.00 ? 68  PRO A C   1 
ATOM   429  O O   . PRO A 1 68  ? 5.541   -8.243  -7.070  1.00 26.14 ? 68  PRO A O   1 
ATOM   430  C CB  . PRO A 1 68  ? 2.428   -7.919  -7.936  1.00 28.62 ? 68  PRO A CB  1 
ATOM   431  C CG  . PRO A 1 68  ? 2.227   -8.383  -6.527  1.00 28.54 ? 68  PRO A CG  1 
ATOM   432  C CD  . PRO A 1 68  ? 2.340   -9.886  -6.675  1.00 29.90 ? 68  PRO A CD  1 
ATOM   433  N N   . LYS A 1 69  ? 5.420   -7.321  -9.124  1.00 23.47 ? 69  LYS A N   1 
ATOM   434  C CA  . LYS A 1 69  ? 6.688   -6.612  -9.012  1.00 21.90 ? 69  LYS A CA  1 
ATOM   435  C C   . LYS A 1 69  ? 6.514   -5.102  -9.141  1.00 19.34 ? 69  LYS A C   1 
ATOM   436  O O   . LYS A 1 69  ? 7.471   -4.348  -8.973  1.00 20.01 ? 69  LYS A O   1 
ATOM   437  C CB  . LYS A 1 69  ? 7.661   -7.103  -10.088 1.00 24.09 ? 69  LYS A CB  1 
ATOM   438  C CG  . LYS A 1 69  ? 8.033   -8.571  -9.966  1.00 28.66 ? 69  LYS A CG  1 
ATOM   439  C CD  . LYS A 1 69  ? 8.988   -8.991  -11.073 1.00 31.69 ? 69  LYS A CD  1 
ATOM   440  C CE  . LYS A 1 69  ? 9.442   -10.430 -10.893 1.00 33.12 ? 69  LYS A CE  1 
ATOM   441  N NZ  . LYS A 1 69  ? 8.299   -11.388 -10.896 1.00 35.83 ? 69  LYS A NZ  1 
ATOM   442  N N   . ARG A 1 70  ? 5.291   -4.673  -9.434  1.00 16.61 ? 70  ARG A N   1 
ATOM   443  C CA  . ARG A 1 70  ? 4.965   -3.256  -9.603  1.00 15.76 ? 70  ARG A CA  1 
ATOM   444  C C   . ARG A 1 70  ? 4.436   -2.683  -8.288  1.00 14.25 ? 70  ARG A C   1 
ATOM   445  O O   . ARG A 1 70  ? 3.701   -3.359  -7.575  1.00 14.28 ? 70  ARG A O   1 
ATOM   446  C CB  . ARG A 1 70  ? 3.904   -3.114  -10.695 1.00 17.65 ? 70  ARG A CB  1 
ATOM   447  C CG  . ARG A 1 70  ? 4.242   -2.122  -11.785 1.00 22.50 ? 70  ARG A CG  1 
ATOM   448  C CD  . ARG A 1 70  ? 3.265   -2.256  -12.942 1.00 24.62 ? 70  ARG A CD  1 
ATOM   449  N NE  . ARG A 1 70  ? 1.889   -1.964  -12.541 1.00 24.09 ? 70  ARG A NE  1 
ATOM   450  C CZ  . ARG A 1 70  ? 0.835   -2.102  -13.339 1.00 26.79 ? 70  ARG A CZ  1 
ATOM   451  N NH1 . ARG A 1 70  ? 0.995   -2.533  -14.583 1.00 28.64 ? 70  ARG A NH1 1 
ATOM   452  N NH2 . ARG A 1 70  ? -0.376  -1.794  -12.900 1.00 28.35 ? 70  ARG A NH2 1 
ATOM   453  N N   . SER A 1 71  ? 4.791   -1.435  -7.984  1.00 11.52 ? 71  SER A N   1 
ATOM   454  C CA  . SER A 1 71  ? 4.373   -0.790  -6.734  1.00 12.53 ? 71  SER A CA  1 
ATOM   455  C C   . SER A 1 71  ? 2.888   -0.847  -6.410  1.00 12.59 ? 71  SER A C   1 
ATOM   456  O O   . SER A 1 71  ? 2.504   -1.198  -5.291  1.00 12.02 ? 71  SER A O   1 
ATOM   457  C CB  . SER A 1 71  ? 4.809   0.680   -6.714  1.00 13.67 ? 71  SER A CB  1 
ATOM   458  O OG  . SER A 1 71  ? 6.219   0.804   -6.668  1.00 13.83 ? 71  SER A OG  1 
ATOM   459  N N   . ASP A 1 72  ? 2.047   -0.481  -7.372  1.00 11.98 ? 72  ASP A N   1 
ATOM   460  C CA  . ASP A 1 72  ? 0.618   -0.488  -7.125  1.00 12.47 ? 72  ASP A CA  1 
ATOM   461  C C   . ASP A 1 72  ? 0.112   -1.899  -6.869  1.00 13.20 ? 72  ASP A C   1 
ATOM   462  O O   . ASP A 1 72  ? -0.725  -2.113  -5.993  1.00 13.08 ? 72  ASP A O   1 
ATOM   463  C CB  . ASP A 1 72  ? -0.128  0.173   -8.298  1.00 12.31 ? 72  ASP A CB  1 
ATOM   464  C CG  . ASP A 1 72  ? 0.102   -0.529  -9.629  1.00 16.45 ? 72  ASP A CG  1 
ATOM   465  O OD1 . ASP A 1 72  ? 1.223   -1.015  -9.885  1.00 15.43 ? 72  ASP A OD1 1 
ATOM   466  O OD2 . ASP A 1 72  ? -0.850  -0.576  -10.433 1.00 20.06 ? 72  ASP A OD2 1 
ATOM   467  N N   . GLU A 1 73  ? 0.649   -2.863  -7.610  1.00 12.05 ? 73  GLU A N   1 
ATOM   468  C CA  . GLU A 1 73  ? 0.243   -4.257  -7.463  1.00 14.45 ? 73  GLU A CA  1 
ATOM   469  C C   . GLU A 1 73  ? 0.690   -4.836  -6.125  1.00 12.71 ? 73  GLU A C   1 
ATOM   470  O O   . GLU A 1 73  ? -0.019  -5.649  -5.534  1.00 15.85 ? 73  GLU A O   1 
ATOM   471  C CB  . GLU A 1 73  ? 0.818   -5.094  -8.609  1.00 18.22 ? 73  GLU A CB  1 
ATOM   472  C CG  . GLU A 1 73  ? 0.483   -4.563  -9.997  1.00 28.36 ? 73  GLU A CG  1 
ATOM   473  C CD  . GLU A 1 73  ? -1.008  -4.484  -10.261 1.00 33.64 ? 73  GLU A CD  1 
ATOM   474  O OE1 . GLU A 1 73  ? -1.711  -3.761  -9.522  1.00 39.75 ? 73  GLU A OE1 1 
ATOM   475  O OE2 . GLU A 1 73  ? -1.480  -5.142  -11.212 1.00 38.80 ? 73  GLU A OE2 1 
ATOM   476  N N   . ILE A 1 74  ? 1.866   -4.427  -5.653  1.00 12.00 ? 74  ILE A N   1 
ATOM   477  C CA  . ILE A 1 74  ? 2.377   -4.908  -4.374  1.00 11.95 ? 74  ILE A CA  1 
ATOM   478  C C   . ILE A 1 74  ? 1.463   -4.405  -3.264  1.00 12.25 ? 74  ILE A C   1 
ATOM   479  O O   . ILE A 1 74  ? 1.095   -5.153  -2.356  1.00 12.58 ? 74  ILE A O   1 
ATOM   480  C CB  . ILE A 1 74  ? 3.822   -4.421  -4.125  1.00 13.28 ? 74  ILE A CB  1 
ATOM   481  C CG1 . ILE A 1 74  ? 4.770   -5.114  -5.112  1.00 15.99 ? 74  ILE A CG1 1 
ATOM   482  C CG2 . ILE A 1 74  ? 4.240   -4.720  -2.686  1.00 13.35 ? 74  ILE A CG2 1 
ATOM   483  C CD1 . ILE A 1 74  ? 6.206   -4.649  -5.025  1.00 17.74 ? 74  ILE A CD1 1 
ATOM   484  N N   . VAL A 1 75  ? 1.084   -3.135  -3.342  1.00 11.27 ? 75  VAL A N   1 
ATOM   485  C CA  . VAL A 1 75  ? 0.198   -2.573  -2.329  1.00 10.97 ? 75  VAL A CA  1 
ATOM   486  C C   . VAL A 1 75  ? -1.169  -3.264  -2.389  1.00 12.74 ? 75  VAL A C   1 
ATOM   487  O O   . VAL A 1 75  ? -1.728  -3.617  -1.354  1.00 13.59 ? 75  VAL A O   1 
ATOM   488  C CB  . VAL A 1 75  ? 0.046   -1.040  -2.509  1.00 11.82 ? 75  VAL A CB  1 
ATOM   489  C CG1 . VAL A 1 75  ? -1.023  -0.502  -1.564  1.00 12.80 ? 75  VAL A CG1 1 
ATOM   490  C CG2 . VAL A 1 75  ? 1.380   -0.357  -2.232  1.00 12.83 ? 75  VAL A CG2 1 
ATOM   491  N N   . ARG A 1 76  ? -1.705  -3.467  -3.593  1.00 12.25 ? 76  ARG A N   1 
ATOM   492  C CA  . ARG A 1 76  ? -2.999  -4.137  -3.741  1.00 13.04 ? 76  ARG A CA  1 
ATOM   493  C C   . ARG A 1 76  ? -2.981  -5.540  -3.140  1.00 14.26 ? 76  ARG A C   1 
ATOM   494  O O   . ARG A 1 76  ? -3.912  -5.936  -2.436  1.00 14.48 ? 76  ARG A O   1 
ATOM   495  C CB  . ARG A 1 76  ? -3.398  -4.244  -5.221  1.00 16.07 ? 76  ARG A CB  1 
ATOM   496  C CG  . ARG A 1 76  ? -3.979  -2.981  -5.830  1.00 20.66 ? 76  ARG A CG  1 
ATOM   497  C CD  . ARG A 1 76  ? -4.377  -3.215  -7.289  1.00 20.34 ? 76  ARG A CD  1 
ATOM   498  N NE  . ARG A 1 76  ? -5.390  -4.259  -7.443  1.00 20.97 ? 76  ARG A NE  1 
ATOM   499  C CZ  . ARG A 1 76  ? -6.695  -4.084  -7.251  1.00 20.60 ? 76  ARG A CZ  1 
ATOM   500  N NH1 . ARG A 1 76  ? -7.171  -2.895  -6.898  1.00 18.90 ? 76  ARG A NH1 1 
ATOM   501  N NH2 . ARG A 1 76  ? -7.531  -5.104  -7.416  1.00 23.81 ? 76  ARG A NH2 1 
ATOM   502  N N   . ARG A 1 77  ? -1.922  -6.294  -3.423  1.00 14.22 ? 77  ARG A N   1 
ATOM   503  C CA  . ARG A 1 77  ? -1.801  -7.655  -2.922  1.00 15.82 ? 77  ARG A CA  1 
ATOM   504  C C   . ARG A 1 77  ? -1.675  -7.696  -1.408  1.00 15.60 ? 77  ARG A C   1 
ATOM   505  O O   . ARG A 1 77  ? -2.220  -8.590  -0.758  1.00 16.04 ? 77  ARG A O   1 
ATOM   506  C CB  . ARG A 1 77  ? -0.595  -8.355  -3.560  1.00 18.48 ? 77  ARG A CB  1 
ATOM   507  C CG  . ARG A 1 77  ? -0.339  -9.747  -2.999  1.00 23.23 ? 77  ARG A CG  1 
ATOM   508  C CD  . ARG A 1 77  ? -1.542  -10.653 -3.214  1.00 28.93 ? 77  ARG A CD  1 
ATOM   509  N NE  . ARG A 1 77  ? -1.528  -11.270 -4.536  1.00 33.68 ? 77  ARG A NE  1 
ATOM   510  C CZ  . ARG A 1 77  ? -0.679  -12.226 -4.900  1.00 35.81 ? 77  ARG A CZ  1 
ATOM   511  N NH1 . ARG A 1 77  ? 0.227   -12.677 -4.040  1.00 37.04 ? 77  ARG A NH1 1 
ATOM   512  N NH2 . ARG A 1 77  ? -0.732  -12.730 -6.125  1.00 38.45 ? 77  ARG A NH2 1 
ATOM   513  N N   . THR A 1 78  ? -0.950  -6.735  -0.843  1.00 13.27 ? 78  THR A N   1 
ATOM   514  C CA  . THR A 1 78  ? -0.777  -6.686  0.602   1.00 13.50 ? 78  THR A CA  1 
ATOM   515  C C   . THR A 1 78  ? -2.132  -6.492  1.274   1.00 14.14 ? 78  THR A C   1 
ATOM   516  O O   . THR A 1 78  ? -2.429  -7.123  2.287   1.00 15.28 ? 78  THR A O   1 
ATOM   517  C CB  . THR A 1 78  ? 0.179   -5.547  1.005   1.00 13.82 ? 78  THR A CB  1 
ATOM   518  O OG1 . THR A 1 78  ? 1.442   -5.741  0.352   1.00 16.82 ? 78  THR A OG1 1 
ATOM   519  C CG2 . THR A 1 78  ? 0.397   -5.536  2.516   1.00 14.30 ? 78  THR A CG2 1 
ATOM   520  N N   . ILE A 1 79  ? -2.963  -5.625  0.703   1.00 13.15 ? 79  ILE A N   1 
ATOM   521  C CA  . ILE A 1 79  ? -4.285  -5.379  1.263   1.00 13.75 ? 79  ILE A CA  1 
ATOM   522  C C   . ILE A 1 79  ? -5.183  -6.596  1.071   1.00 16.79 ? 79  ILE A C   1 
ATOM   523  O O   . ILE A 1 79  ? -5.999  -6.913  1.935   1.00 16.77 ? 79  ILE A O   1 
ATOM   524  C CB  . ILE A 1 79  ? -4.928  -4.127  0.618   1.00 13.02 ? 79  ILE A CB  1 
ATOM   525  C CG1 . ILE A 1 79  ? -4.153  -2.883  1.063   1.00 14.18 ? 79  ILE A CG1 1 
ATOM   526  C CG2 . ILE A 1 79  ? -6.402  -4.010  1.022   1.00 14.08 ? 79  ILE A CG2 1 
ATOM   527  C CD1 . ILE A 1 79  ? -4.471  -1.639  0.274   1.00 14.47 ? 79  ILE A CD1 1 
ATOM   528  N N   . ARG A 1 80  ? -5.023  -7.294  -0.051  1.00 15.90 ? 80  ARG A N   1 
ATOM   529  C CA  . ARG A 1 80  ? -5.846  -8.468  -0.304  1.00 19.74 ? 80  ARG A CA  1 
ATOM   530  C C   . ARG A 1 80  ? -5.597  -9.526  0.769   1.00 20.26 ? 80  ARG A C   1 
ATOM   531  O O   . ARG A 1 80  ? -6.519  -10.230 1.185   1.00 22.39 ? 80  ARG A O   1 
ATOM   532  C CB  . ARG A 1 80  ? -5.546  -9.055  -1.686  1.00 18.80 ? 80  ARG A CB  1 
ATOM   533  C CG  . ARG A 1 80  ? -6.577  -10.091 -2.125  1.00 22.41 ? 80  ARG A CG  1 
ATOM   534  C CD  . ARG A 1 80  ? -6.319  -10.623 -3.527  1.00 27.07 ? 80  ARG A CD  1 
ATOM   535  N NE  . ARG A 1 80  ? -5.187  -11.542 -3.583  1.00 32.03 ? 80  ARG A NE  1 
ATOM   536  C CZ  . ARG A 1 80  ? -4.826  -12.208 -4.676  1.00 33.51 ? 80  ARG A CZ  1 
ATOM   537  N NH1 . ARG A 1 80  ? -5.509  -12.055 -5.803  1.00 34.98 ? 80  ARG A NH1 1 
ATOM   538  N NH2 . ARG A 1 80  ? -3.782  -13.025 -4.648  1.00 36.22 ? 80  ARG A NH2 1 
ATOM   539  N N   . GLY A 1 81  ? -4.353  -9.622  1.221   1.00 21.78 ? 81  GLY A N   1 
ATOM   540  C CA  . GLY A 1 81  ? -4.005  -10.600 2.238   1.00 23.49 ? 81  GLY A CA  1 
ATOM   541  C C   . GLY A 1 81  ? -4.568  -10.312 3.617   1.00 25.19 ? 81  GLY A C   1 
ATOM   542  O O   . GLY A 1 81  ? -4.528  -11.174 4.499   1.00 26.02 ? 81  GLY A O   1 
ATOM   543  N N   . MET A 1 82  ? -5.098  -9.109  3.814   1.00 24.70 ? 82  MET A N   1 
ATOM   544  C CA  . MET A 1 82  ? -5.662  -8.739  5.106   1.00 26.17 ? 82  MET A CA  1 
ATOM   545  C C   . MET A 1 82  ? -7.179  -8.858  5.105   1.00 26.07 ? 82  MET A C   1 
ATOM   546  O O   . MET A 1 82  ? -7.834  -8.634  6.124   1.00 27.78 ? 82  MET A O   1 
ATOM   547  C CB  . MET A 1 82  ? -5.244  -7.317  5.469   1.00 27.47 ? 82  MET A CB  1 
ATOM   548  C CG  . MET A 1 82  ? -3.751  -7.103  5.364   1.00 31.48 ? 82  MET A CG  1 
ATOM   549  S SD  . MET A 1 82  ? -3.133  -5.955  6.583   1.00 37.14 ? 82  MET A SD  1 
ATOM   550  C CE  . MET A 1 82  ? -2.973  -7.047  7.991   1.00 36.02 ? 82  MET A CE  1 
ATOM   551  N N   . LEU A 1 83  ? -7.728  -9.220  3.953   1.00 25.47 ? 83  LEU A N   1 
ATOM   552  C CA  . LEU A 1 83  ? -9.167  -9.383  3.796   1.00 26.36 ? 83  LEU A CA  1 
ATOM   553  C C   . LEU A 1 83  ? -9.523  -10.862 3.777   1.00 28.72 ? 83  LEU A C   1 
ATOM   554  O O   . LEU A 1 83  ? -8.675  -11.708 3.491   1.00 27.88 ? 83  LEU A O   1 
ATOM   555  C CB  . LEU A 1 83  ? -9.628  -8.760  2.476   1.00 25.00 ? 83  LEU A CB  1 
ATOM   556  C CG  . LEU A 1 83  ? -9.563  -7.241  2.332   1.00 23.02 ? 83  LEU A CG  1 
ATOM   557  C CD1 . LEU A 1 83  ? -9.845  -6.849  0.888   1.00 22.58 ? 83  LEU A CD1 1 
ATOM   558  C CD2 . LEU A 1 83  ? -10.570 -6.602  3.273   1.00 23.66 ? 83  LEU A CD2 1 
ATOM   559  N N   . PRO A 1 84  ? -10.782 -11.196 4.100   1.00 31.12 ? 84  PRO A N   1 
ATOM   560  C CA  . PRO A 1 84  ? -11.208 -12.598 4.090   1.00 33.91 ? 84  PRO A CA  1 
ATOM   561  C C   . PRO A 1 84  ? -11.379 -12.970 2.618   1.00 35.68 ? 84  PRO A C   1 
ATOM   562  O O   . PRO A 1 84  ? -12.451 -13.370 2.171   1.00 36.18 ? 84  PRO A O   1 
ATOM   563  C CB  . PRO A 1 84  ? -12.527 -12.559 4.854   1.00 33.45 ? 84  PRO A CB  1 
ATOM   564  C CG  . PRO A 1 84  ? -13.073 -11.215 4.497   1.00 33.17 ? 84  PRO A CG  1 
ATOM   565  C CD  . PRO A 1 84  ? -11.853 -10.327 4.620   1.00 32.00 ? 84  PRO A CD  1 
ATOM   566  N N   . TRP A 1 85  ? -10.287 -12.794 1.882   1.00 38.95 ? 85  TRP A N   1 
ATOM   567  C CA  . TRP A 1 85  ? -10.191 -13.049 0.450   1.00 41.57 ? 85  TRP A CA  1 
ATOM   568  C C   . TRP A 1 85  ? -11.104 -14.129 -0.125  1.00 43.31 ? 85  TRP A C   1 
ATOM   569  O O   . TRP A 1 85  ? -11.919 -13.860 -1.007  1.00 42.88 ? 85  TRP A O   1 
ATOM   570  C CB  . TRP A 1 85  ? -8.739  -13.389 0.103   1.00 42.91 ? 85  TRP A CB  1 
ATOM   571  C CG  . TRP A 1 85  ? -8.468  -13.529 -1.364  1.00 44.41 ? 85  TRP A CG  1 
ATOM   572  C CD1 . TRP A 1 85  ? -7.554  -14.357 -1.949  1.00 44.71 ? 85  TRP A CD1 1 
ATOM   573  C CD2 . TRP A 1 85  ? -9.091  -12.802 -2.431  1.00 44.93 ? 85  TRP A CD2 1 
ATOM   574  N NE1 . TRP A 1 85  ? -7.569  -14.193 -3.313  1.00 45.66 ? 85  TRP A NE1 1 
ATOM   575  C CE2 . TRP A 1 85  ? -8.502  -13.244 -3.636  1.00 45.12 ? 85  TRP A CE2 1 
ATOM   576  C CE3 . TRP A 1 85  ? -10.088 -11.817 -2.487  1.00 44.94 ? 85  TRP A CE3 1 
ATOM   577  C CZ2 . TRP A 1 85  ? -8.878  -12.738 -4.886  1.00 45.15 ? 85  TRP A CZ2 1 
ATOM   578  C CZ3 . TRP A 1 85  ? -10.462 -11.314 -3.730  1.00 44.69 ? 85  TRP A CZ3 1 
ATOM   579  C CH2 . TRP A 1 85  ? -9.856  -11.776 -4.910  1.00 45.09 ? 85  TRP A CH2 1 
ATOM   580  N N   . LYS A 1 86  ? -10.956 -15.351 0.373   1.00 44.71 ? 86  LYS A N   1 
ATOM   581  C CA  . LYS A 1 86  ? -11.733 -16.482 -0.119  1.00 46.30 ? 86  LYS A CA  1 
ATOM   582  C C   . LYS A 1 86  ? -13.249 -16.377 0.028   1.00 46.36 ? 86  LYS A C   1 
ATOM   583  O O   . LYS A 1 86  ? -13.987 -17.092 -0.650  1.00 46.84 ? 86  LYS A O   1 
ATOM   584  C CB  . LYS A 1 86  ? -11.244 -17.770 0.550   1.00 47.86 ? 86  LYS A CB  1 
ATOM   585  C CG  . LYS A 1 86  ? -11.810 -19.051 -0.053  1.00 50.03 ? 86  LYS A CG  1 
ATOM   586  C CD  . LYS A 1 86  ? -11.057 -19.519 -1.306  1.00 51.41 ? 86  LYS A CD  1 
ATOM   587  C CE  . LYS A 1 86  ? -11.229 -18.593 -2.508  1.00 52.39 ? 86  LYS A CE  1 
ATOM   588  N NZ  . LYS A 1 86  ? -10.393 -17.362 -2.430  1.00 53.18 ? 86  LYS A NZ  1 
ATOM   589  N N   . THR A 1 87  ? -13.720 -15.491 0.899   1.00 46.19 ? 87  THR A N   1 
ATOM   590  C CA  . THR A 1 87  ? -15.157 -15.341 1.108   1.00 45.92 ? 87  THR A CA  1 
ATOM   591  C C   . THR A 1 87  ? -15.813 -14.334 0.170   1.00 45.62 ? 87  THR A C   1 
ATOM   592  O O   . THR A 1 87  ? -15.137 -13.578 -0.527  1.00 45.74 ? 87  THR A O   1 
ATOM   593  C CB  . THR A 1 87  ? -15.471 -14.924 2.559   1.00 46.16 ? 87  THR A CB  1 
ATOM   594  O OG1 . THR A 1 87  ? -14.933 -13.622 2.815   1.00 45.77 ? 87  THR A OG1 1 
ATOM   595  C CG2 . THR A 1 87  ? -14.868 -15.920 3.537   1.00 46.68 ? 87  THR A CG2 1 
ATOM   596  N N   . ASP A 1 88  ? -17.143 -14.337 0.165   1.00 44.99 ? 88  ASP A N   1 
ATOM   597  C CA  . ASP A 1 88  ? -17.923 -13.437 -0.673  1.00 44.40 ? 88  ASP A CA  1 
ATOM   598  C C   . ASP A 1 88  ? -17.822 -12.003 -0.165  1.00 43.26 ? 88  ASP A C   1 
ATOM   599  O O   . ASP A 1 88  ? -17.858 -11.052 -0.947  1.00 43.39 ? 88  ASP A O   1 
ATOM   600  C CB  . ASP A 1 88  ? -19.388 -13.886 -0.690  1.00 45.86 ? 88  ASP A CB  1 
ATOM   601  C CG  . ASP A 1 88  ? -20.250 -13.038 -1.604  1.00 47.25 ? 88  ASP A CG  1 
ATOM   602  O OD1 . ASP A 1 88  ? -20.426 -11.835 -1.316  1.00 48.96 ? 88  ASP A OD1 1 
ATOM   603  O OD2 . ASP A 1 88  ? -20.754 -13.574 -2.613  1.00 48.42 ? 88  ASP A OD2 1 
ATOM   604  N N   . ARG A 1 89  ? -17.690 -11.851 1.150   1.00 41.32 ? 89  ARG A N   1 
ATOM   605  C CA  . ARG A 1 89  ? -17.585 -10.528 1.753   1.00 39.75 ? 89  ARG A CA  1 
ATOM   606  C C   . ARG A 1 89  ? -16.227 -9.911  1.431   1.00 37.32 ? 89  ARG A C   1 
ATOM   607  O O   . ARG A 1 89  ? -16.111 -8.698  1.262   1.00 36.19 ? 89  ARG A O   1 
ATOM   608  C CB  . ARG A 1 89  ? -17.768 -10.619 3.271   1.00 41.83 ? 89  ARG A CB  1 
ATOM   609  C CG  . ARG A 1 89  ? -17.889 -9.267  3.953   1.00 43.80 ? 89  ARG A CG  1 
ATOM   610  C CD  . ARG A 1 89  ? -18.227 -9.383  5.438   1.00 45.50 ? 89  ARG A CD  1 
ATOM   611  N NE  . ARG A 1 89  ? -17.052 -9.578  6.287   1.00 47.18 ? 89  ARG A NE  1 
ATOM   612  C CZ  . ARG A 1 89  ? -16.376 -10.718 6.399   1.00 47.54 ? 89  ARG A CZ  1 
ATOM   613  N NH1 . ARG A 1 89  ? -16.749 -11.792 5.716   1.00 47.81 ? 89  ARG A NH1 1 
ATOM   614  N NH2 . ARG A 1 89  ? -15.321 -10.783 7.201   1.00 47.85 ? 89  ARG A NH2 1 
ATOM   615  N N   . GLY A 1 90  ? -15.206 -10.757 1.346   1.00 35.57 ? 90  GLY A N   1 
ATOM   616  C CA  . GLY A 1 90  ? -13.870 -10.279 1.043   1.00 33.63 ? 90  GLY A CA  1 
ATOM   617  C C   . GLY A 1 90  ? -13.716 -9.839  -0.400  1.00 32.60 ? 90  GLY A C   1 
ATOM   618  O O   . GLY A 1 90  ? -13.069 -8.828  -0.682  1.00 30.03 ? 90  GLY A O   1 
ATOM   619  N N   . ARG A 1 91  ? -14.306 -10.597 -1.320  1.00 31.71 ? 91  ARG A N   1 
ATOM   620  C CA  . ARG A 1 91  ? -14.223 -10.267 -2.737  1.00 31.28 ? 91  ARG A CA  1 
ATOM   621  C C   . ARG A 1 91  ? -14.932 -8.955  -3.038  1.00 30.38 ? 91  ARG A C   1 
ATOM   622  O O   . ARG A 1 91  ? -14.438 -8.138  -3.818  1.00 30.13 ? 91  ARG A O   1 
ATOM   623  C CB  . ARG A 1 91  ? -14.822 -11.390 -3.590  1.00 34.08 ? 91  ARG A CB  1 
ATOM   624  C CG  . ARG A 1 91  ? -14.011 -12.676 -3.578  1.00 36.97 ? 91  ARG A CG  1 
ATOM   625  C CD  . ARG A 1 91  ? -14.433 -13.609 -4.704  1.00 39.78 ? 91  ARG A CD  1 
ATOM   626  N NE  . ARG A 1 91  ? -15.821 -14.044 -4.579  1.00 42.83 ? 91  ARG A NE  1 
ATOM   627  C CZ  . ARG A 1 91  ? -16.269 -14.855 -3.624  1.00 44.10 ? 91  ARG A CZ  1 
ATOM   628  N NH1 . ARG A 1 91  ? -15.438 -15.324 -2.703  1.00 45.63 ? 91  ARG A NH1 1 
ATOM   629  N NH2 . ARG A 1 91  ? -17.549 -15.197 -3.590  1.00 44.99 ? 91  ARG A NH2 1 
ATOM   630  N N   . LYS A 1 92  ? -16.093 -8.755  -2.423  1.00 28.00 ? 92  LYS A N   1 
ATOM   631  C CA  . LYS A 1 92  ? -16.852 -7.529  -2.630  1.00 27.29 ? 92  LYS A CA  1 
ATOM   632  C C   . LYS A 1 92  ? -16.058 -6.330  -2.118  1.00 25.24 ? 92  LYS A C   1 
ATOM   633  O O   . LYS A 1 92  ? -16.030 -5.277  -2.751  1.00 26.15 ? 92  LYS A O   1 
ATOM   634  C CB  . LYS A 1 92  ? -18.196 -7.599  -1.899  1.00 29.76 ? 92  LYS A CB  1 
ATOM   635  C CG  . LYS A 1 92  ? -19.190 -8.579  -2.495  1.00 32.62 ? 92  LYS A CG  1 
ATOM   636  C CD  . LYS A 1 92  ? -20.532 -8.476  -1.784  1.00 35.20 ? 92  LYS A CD  1 
ATOM   637  C CE  . LYS A 1 92  ? -21.580 -9.364  -2.430  1.00 37.27 ? 92  LYS A CE  1 
ATOM   638  N NZ  . LYS A 1 92  ? -22.895 -9.244  -1.739  1.00 38.65 ? 92  LYS A NZ  1 
ATOM   639  N N   . ALA A 1 93  ? -15.411 -6.500  -0.971  1.00 23.24 ? 93  ALA A N   1 
ATOM   640  C CA  . ALA A 1 93  ? -14.622 -5.424  -0.380  1.00 20.80 ? 93  ALA A CA  1 
ATOM   641  C C   . ALA A 1 93  ? -13.415 -5.063  -1.242  1.00 20.14 ? 93  ALA A C   1 
ATOM   642  O O   . ALA A 1 93  ? -13.113 -3.887  -1.436  1.00 18.37 ? 93  ALA A O   1 
ATOM   643  C CB  . ALA A 1 93  ? -14.159 -5.824  1.013   1.00 20.16 ? 93  ALA A CB  1 
ATOM   644  N N   . PHE A 1 94  ? -12.730 -6.080  -1.756  1.00 19.15 ? 94  PHE A N   1 
ATOM   645  C CA  . PHE A 1 94  ? -11.547 -5.865  -2.585  1.00 18.37 ? 94  PHE A CA  1 
ATOM   646  C C   . PHE A 1 94  ? -11.891 -5.109  -3.865  1.00 19.19 ? 94  PHE A C   1 
ATOM   647  O O   . PHE A 1 94  ? -11.068 -4.370  -4.411  1.00 16.71 ? 94  PHE A O   1 
ATOM   648  C CB  . PHE A 1 94  ? -10.911 -7.215  -2.919  1.00 17.78 ? 94  PHE A CB  1 
ATOM   649  C CG  . PHE A 1 94  ? -9.529  -7.112  -3.500  1.00 17.22 ? 94  PHE A CG  1 
ATOM   650  C CD1 . PHE A 1 94  ? -8.538  -6.378  -2.852  1.00 17.50 ? 94  PHE A CD1 1 
ATOM   651  C CD2 . PHE A 1 94  ? -9.209  -7.778  -4.678  1.00 17.97 ? 94  PHE A CD2 1 
ATOM   652  C CE1 . PHE A 1 94  ? -7.246  -6.312  -3.369  1.00 17.76 ? 94  PHE A CE1 1 
ATOM   653  C CE2 . PHE A 1 94  ? -7.924  -7.719  -5.201  1.00 16.95 ? 94  PHE A CE2 1 
ATOM   654  C CZ  . PHE A 1 94  ? -6.940  -6.986  -4.545  1.00 17.04 ? 94  PHE A CZ  1 
ATOM   655  N N   . ARG A 1 95  ? -13.118 -5.298  -4.335  1.00 19.44 ? 95  ARG A N   1 
ATOM   656  C CA  . ARG A 1 95  ? -13.608 -4.648  -5.541  1.00 20.49 ? 95  ARG A CA  1 
ATOM   657  C C   . ARG A 1 95  ? -13.721 -3.131  -5.366  1.00 20.25 ? 95  ARG A C   1 
ATOM   658  O O   . ARG A 1 95  ? -13.720 -2.384  -6.342  1.00 21.08 ? 95  ARG A O   1 
ATOM   659  C CB  . ARG A 1 95  ? -14.982 -5.218  -5.896  1.00 24.12 ? 95  ARG A CB  1 
ATOM   660  C CG  . ARG A 1 95  ? -15.672 -4.536  -7.051  1.00 31.35 ? 95  ARG A CG  1 
ATOM   661  C CD  . ARG A 1 95  ? -15.352 -5.213  -8.363  1.00 36.20 ? 95  ARG A CD  1 
ATOM   662  N NE  . ARG A 1 95  ? -16.159 -4.660  -9.442  1.00 40.65 ? 95  ARG A NE  1 
ATOM   663  C CZ  . ARG A 1 95  ? -16.388 -5.280  -10.593 1.00 43.78 ? 95  ARG A CZ  1 
ATOM   664  N NH1 . ARG A 1 95  ? -15.870 -6.482  -10.814 1.00 45.53 ? 95  ARG A NH1 1 
ATOM   665  N NH2 . ARG A 1 95  ? -17.136 -4.697  -11.521 1.00 45.69 ? 95  ARG A NH2 1 
ATOM   666  N N   . ARG A 1 96  ? -13.817 -2.683  -4.119  1.00 17.93 ? 96  ARG A N   1 
ATOM   667  C CA  . ARG A 1 96  ? -13.949 -1.263  -3.826  1.00 16.29 ? 96  ARG A CA  1 
ATOM   668  C C   . ARG A 1 96  ? -12.617 -0.546  -3.633  1.00 14.05 ? 96  ARG A C   1 
ATOM   669  O O   . ARG A 1 96  ? -12.588 0.602   -3.199  1.00 15.05 ? 96  ARG A O   1 
ATOM   670  C CB  . ARG A 1 96  ? -14.818 -1.056  -2.579  1.00 19.08 ? 96  ARG A CB  1 
ATOM   671  C CG  . ARG A 1 96  ? -16.304 -1.316  -2.793  1.00 24.35 ? 96  ARG A CG  1 
ATOM   672  C CD  . ARG A 1 96  ? -17.121 -0.866  -1.582  1.00 26.76 ? 96  ARG A CD  1 
ATOM   673  N NE  . ARG A 1 96  ? -16.984 -1.766  -0.439  1.00 29.41 ? 96  ARG A NE  1 
ATOM   674  C CZ  . ARG A 1 96  ? -17.667 -2.897  -0.295  1.00 30.10 ? 96  ARG A CZ  1 
ATOM   675  N NH1 . ARG A 1 96  ? -18.541 -3.268  -1.221  1.00 33.38 ? 96  ARG A NH1 1 
ATOM   676  N NH2 . ARG A 1 96  ? -17.478 -3.660  0.774   1.00 30.18 ? 96  ARG A NH2 1 
ATOM   677  N N   . LEU A 1 97  ? -11.521 -1.221  -3.966  1.00 12.82 ? 97  LEU A N   1 
ATOM   678  C CA  . LEU A 1 97  ? -10.186 -0.642  -3.820  1.00 11.32 ? 97  LEU A CA  1 
ATOM   679  C C   . LEU A 1 97  ? -9.531  -0.299  -5.159  1.00 11.10 ? 97  LEU A C   1 
ATOM   680  O O   . LEU A 1 97  ? -9.609  -1.068  -6.111  1.00 13.09 ? 97  LEU A O   1 
ATOM   681  C CB  . LEU A 1 97  ? -9.276  -1.625  -3.082  1.00 11.96 ? 97  LEU A CB  1 
ATOM   682  C CG  . LEU A 1 97  ? -7.793  -1.257  -2.989  1.00 11.10 ? 97  LEU A CG  1 
ATOM   683  C CD1 . LEU A 1 97  ? -7.613  -0.127  -1.984  1.00 14.27 ? 97  LEU A CD1 1 
ATOM   684  C CD2 . LEU A 1 97  ? -6.994  -2.480  -2.568  1.00 13.97 ? 97  LEU A CD2 1 
ATOM   685  N N   . LYS A 1 98  ? -8.905  0.871   -5.227  1.00 10.20 ? 98  LYS A N   1 
ATOM   686  C CA  . LYS A 1 98  ? -8.163  1.281   -6.416  1.00 9.98  ? 98  LYS A CA  1 
ATOM   687  C C   . LYS A 1 98  ? -6.834  1.812   -5.898  1.00 10.05 ? 98  LYS A C   1 
ATOM   688  O O   . LYS A 1 98  ? -6.802  2.568   -4.926  1.00 11.60 ? 98  LYS A O   1 
ATOM   689  C CB  . LYS A 1 98  ? -8.900  2.365   -7.203  1.00 13.89 ? 98  LYS A CB  1 
ATOM   690  C CG  . LYS A 1 98  ? -10.134 1.851   -7.935  1.00 16.87 ? 98  LYS A CG  1 
ATOM   691  C CD  . LYS A 1 98  ? -10.770 2.956   -8.759  1.00 22.69 ? 98  LYS A CD  1 
ATOM   692  C CE  . LYS A 1 98  ? -11.975 2.456   -9.531  1.00 26.78 ? 98  LYS A CE  1 
ATOM   693  N NZ  . LYS A 1 98  ? -12.564 3.545   -10.362 1.00 29.20 ? 98  LYS A NZ  1 
ATOM   694  N N   . VAL A 1 99  ? -5.741  1.384   -6.519  1.00 8.58  ? 99  VAL A N   1 
ATOM   695  C CA  . VAL A 1 99  ? -4.409  1.817   -6.100  1.00 7.71  ? 99  VAL A CA  1 
ATOM   696  C C   . VAL A 1 99  ? -3.642  2.371   -7.294  1.00 7.96  ? 99  VAL A C   1 
ATOM   697  O O   . VAL A 1 99  ? -3.662  1.789   -8.378  1.00 9.33  ? 99  VAL A O   1 
ATOM   698  C CB  . VAL A 1 99  ? -3.611  0.641   -5.506  1.00 8.32  ? 99  VAL A CB  1 
ATOM   699  C CG1 . VAL A 1 99  ? -2.229  1.114   -5.056  1.00 9.02  ? 99  VAL A CG1 1 
ATOM   700  C CG2 . VAL A 1 99  ? -4.374  0.047   -4.337  1.00 10.15 ? 99  VAL A CG2 1 
ATOM   701  N N   . TYR A 1 100 ? -2.956  3.492   -7.087  1.00 7.83  ? 100 TYR A N   1 
ATOM   702  C CA  . TYR A 1 100 ? -2.189  4.118   -8.158  1.00 8.35  ? 100 TYR A CA  1 
ATOM   703  C C   . TYR A 1 100 ? -0.834  4.610   -7.700  1.00 8.98  ? 100 TYR A C   1 
ATOM   704  O O   . TYR A 1 100 ? -0.638  4.923   -6.524  1.00 9.85  ? 100 TYR A O   1 
ATOM   705  C CB  . TYR A 1 100 ? -2.915  5.347   -8.712  1.00 8.71  ? 100 TYR A CB  1 
ATOM   706  C CG  . TYR A 1 100 ? -4.298  5.073   -9.215  1.00 8.34  ? 100 TYR A CG  1 
ATOM   707  C CD1 . TYR A 1 100 ? -5.413  5.307   -8.414  1.00 8.41  ? 100 TYR A CD1 1 
ATOM   708  C CD2 . TYR A 1 100 ? -4.493  4.548   -10.488 1.00 10.71 ? 100 TYR A CD2 1 
ATOM   709  C CE1 . TYR A 1 100 ? -6.694  5.020   -8.873  1.00 10.29 ? 100 TYR A CE1 1 
ATOM   710  C CE2 . TYR A 1 100 ? -5.761  4.257   -10.953 1.00 12.00 ? 100 TYR A CE2 1 
ATOM   711  C CZ  . TYR A 1 100 ? -6.855  4.496   -10.144 1.00 12.62 ? 100 TYR A CZ  1 
ATOM   712  O OH  . TYR A 1 100 ? -8.113  4.211   -10.608 1.00 13.06 ? 100 TYR A OH  1 
ATOM   713  N N   . VAL A 1 101 ? 0.102   4.670   -8.640  1.00 9.47  ? 101 VAL A N   1 
ATOM   714  C CA  . VAL A 1 101 ? 1.409   5.238   -8.350  1.00 10.21 ? 101 VAL A CA  1 
ATOM   715  C C   . VAL A 1 101 ? 1.237   6.719   -8.704  1.00 10.73 ? 101 VAL A C   1 
ATOM   716  O O   . VAL A 1 101 ? 0.502   7.072   -9.641  1.00 11.55 ? 101 VAL A O   1 
ATOM   717  C CB  . VAL A 1 101 ? 2.533   4.614   -9.206  1.00 12.47 ? 101 VAL A CB  1 
ATOM   718  C CG1 . VAL A 1 101 ? 2.722   3.158   -8.827  1.00 13.78 ? 101 VAL A CG1 1 
ATOM   719  C CG2 . VAL A 1 101 ? 2.218   4.759   -10.680 1.00 16.24 ? 101 VAL A CG2 1 
ATOM   720  N N   . GLY A 1 102 ? 1.895   7.587   -7.947  1.00 10.26 ? 102 GLY A N   1 
ATOM   721  C CA  . GLY A 1 102 ? 1.765   9.012   -8.184  1.00 10.69 ? 102 GLY A CA  1 
ATOM   722  C C   . GLY A 1 102 ? 0.339   9.455   -7.909  1.00 10.95 ? 102 GLY A C   1 
ATOM   723  O O   . GLY A 1 102 ? -0.420  8.754   -7.236  1.00 11.47 ? 102 GLY A O   1 
ATOM   724  N N   . ILE A 1 103 ? -0.034  10.620  -8.426  1.00 10.65 ? 103 ILE A N   1 
ATOM   725  C CA  . ILE A 1 103 ? -1.385  11.134  -8.237  1.00 9.77  ? 103 ILE A CA  1 
ATOM   726  C C   . ILE A 1 103 ? -1.999  11.431  -9.598  1.00 11.08 ? 103 ILE A C   1 
ATOM   727  O O   . ILE A 1 103 ? -1.696  12.459  -10.206 1.00 13.18 ? 103 ILE A O   1 
ATOM   728  C CB  . ILE A 1 103 ? -1.381  12.430  -7.407  1.00 11.18 ? 103 ILE A CB  1 
ATOM   729  C CG1 . ILE A 1 103 ? -0.638  12.195  -6.090  1.00 12.63 ? 103 ILE A CG1 1 
ATOM   730  C CG2 . ILE A 1 103 ? -2.817  12.877  -7.138  1.00 12.63 ? 103 ILE A CG2 1 
ATOM   731  C CD1 . ILE A 1 103 ? -0.501  13.438  -5.231  1.00 16.11 ? 103 ILE A CD1 1 
ATOM   732  N N   . PRO A 1 104 ? -2.856  10.526  -10.099 1.00 12.49 ? 104 PRO A N   1 
ATOM   733  C CA  . PRO A 1 104 ? -3.516  10.694  -11.399 1.00 12.46 ? 104 PRO A CA  1 
ATOM   734  C C   . PRO A 1 104 ? -4.257  12.026  -11.472 1.00 15.38 ? 104 PRO A C   1 
ATOM   735  O O   . PRO A 1 104 ? -4.704  12.559  -10.455 1.00 14.36 ? 104 PRO A O   1 
ATOM   736  C CB  . PRO A 1 104 ? -4.460  9.498   -11.463 1.00 15.62 ? 104 PRO A CB  1 
ATOM   737  C CG  . PRO A 1 104 ? -3.705  8.450   -10.697 1.00 15.50 ? 104 PRO A CG  1 
ATOM   738  C CD  . PRO A 1 104 ? -3.205  9.223   -9.503  1.00 14.08 ? 104 PRO A CD  1 
ATOM   739  N N   . LYS A 1 105 ? -4.387  12.554  -12.684 1.00 14.89 ? 105 LYS A N   1 
ATOM   740  C CA  . LYS A 1 105 ? -5.043  13.837  -12.896 1.00 17.71 ? 105 LYS A CA  1 
ATOM   741  C C   . LYS A 1 105 ? -6.384  14.013  -12.188 1.00 16.83 ? 105 LYS A C   1 
ATOM   742  O O   . LYS A 1 105 ? -6.649  15.069  -11.607 1.00 17.47 ? 105 LYS A O   1 
ATOM   743  C CB  . LYS A 1 105 ? -5.226  14.086  -14.396 1.00 21.20 ? 105 LYS A CB  1 
ATOM   744  C CG  . LYS A 1 105 ? -5.419  15.556  -14.741 1.00 24.93 ? 105 LYS A CG  1 
ATOM   745  C CD  . LYS A 1 105 ? -4.211  16.354  -14.275 1.00 28.74 ? 105 LYS A CD  1 
ATOM   746  C CE  . LYS A 1 105 ? -4.371  17.845  -14.504 1.00 30.42 ? 105 LYS A CE  1 
ATOM   747  N NZ  . LYS A 1 105 ? -3.184  18.575  -13.977 1.00 28.63 ? 105 LYS A NZ  1 
ATOM   748  N N   . GLU A 1 106 ? -7.224  12.982  -12.224 1.00 16.79 ? 106 GLU A N   1 
ATOM   749  C CA  . GLU A 1 106 ? -8.546  13.056  -11.610 1.00 18.46 ? 106 GLU A CA  1 
ATOM   750  C C   . GLU A 1 106 ? -8.566  13.225  -10.092 1.00 17.57 ? 106 GLU A C   1 
ATOM   751  O O   . GLU A 1 106 ? -9.608  13.558  -9.524  1.00 20.19 ? 106 GLU A O   1 
ATOM   752  C CB  . GLU A 1 106 ? -9.376  11.824  -11.989 1.00 21.36 ? 106 GLU A CB  1 
ATOM   753  C CG  . GLU A 1 106 ? -8.725  10.497  -11.655 0.50 21.21 ? 106 GLU A CG  1 
ATOM   754  C CD  . GLU A 1 106 ? -8.135  9.812   -12.871 0.50 22.65 ? 106 GLU A CD  1 
ATOM   755  O OE1 . GLU A 1 106 ? -7.297  10.429  -13.565 0.50 21.48 ? 106 GLU A OE1 1 
ATOM   756  O OE2 . GLU A 1 106 ? -8.512  8.651   -13.131 0.50 22.82 ? 106 GLU A OE2 1 
ATOM   757  N N   . PHE A 1 107 ? -7.431  13.003  -9.434  1.00 15.57 ? 107 PHE A N   1 
ATOM   758  C CA  . PHE A 1 107 ? -7.369  13.138  -7.977  1.00 14.50 ? 107 PHE A CA  1 
ATOM   759  C C   . PHE A 1 107 ? -6.484  14.291  -7.509  1.00 15.44 ? 107 PHE A C   1 
ATOM   760  O O   . PHE A 1 107 ? -6.395  14.565  -6.314  1.00 15.94 ? 107 PHE A O   1 
ATOM   761  C CB  . PHE A 1 107 ? -6.856  11.839  -7.342  1.00 15.05 ? 107 PHE A CB  1 
ATOM   762  C CG  . PHE A 1 107 ? -7.633  10.619  -7.741  1.00 15.20 ? 107 PHE A CG  1 
ATOM   763  C CD1 . PHE A 1 107 ? -7.074  9.672   -8.590  1.00 15.57 ? 107 PHE A CD1 1 
ATOM   764  C CD2 . PHE A 1 107 ? -8.934  10.427  -7.287  1.00 19.01 ? 107 PHE A CD2 1 
ATOM   765  C CE1 . PHE A 1 107 ? -7.801  8.549   -8.981  1.00 16.97 ? 107 PHE A CE1 1 
ATOM   766  C CE2 . PHE A 1 107 ? -9.670  9.305   -7.675  1.00 18.04 ? 107 PHE A CE2 1 
ATOM   767  C CZ  . PHE A 1 107 ? -9.101  8.369   -8.524  1.00 18.16 ? 107 PHE A CZ  1 
ATOM   768  N N   . GLN A 1 108 ? -5.846  14.984  -8.445  1.00 15.59 ? 108 GLN A N   1 
ATOM   769  C CA  . GLN A 1 108 ? -4.941  16.068  -8.090  1.00 16.81 ? 108 GLN A CA  1 
ATOM   770  C C   . GLN A 1 108 ? -5.532  17.240  -7.312  1.00 18.51 ? 108 GLN A C   1 
ATOM   771  O O   . GLN A 1 108 ? -4.831  17.869  -6.520  1.00 20.84 ? 108 GLN A O   1 
ATOM   772  C CB  . GLN A 1 108 ? -4.229  16.578  -9.348  1.00 18.18 ? 108 GLN A CB  1 
ATOM   773  C CG  . GLN A 1 108 ? -3.296  15.536  -9.951  1.00 18.20 ? 108 GLN A CG  1 
ATOM   774  C CD  . GLN A 1 108 ? -2.540  16.034  -11.169 1.00 21.16 ? 108 GLN A CD  1 
ATOM   775  O OE1 . GLN A 1 108 ? -1.813  15.277  -11.815 1.00 22.93 ? 108 GLN A OE1 1 
ATOM   776  N NE2 . GLN A 1 108 ? -2.702  17.311  -11.484 1.00 18.73 ? 108 GLN A NE2 1 
ATOM   777  N N   . ASP A 1 109 ? -6.812  17.524  -7.513  1.00 19.67 ? 109 ASP A N   1 
ATOM   778  C CA  . ASP A 1 109 ? -7.428  18.644  -6.812  1.00 20.66 ? 109 ASP A CA  1 
ATOM   779  C C   . ASP A 1 109 ? -8.438  18.208  -5.760  1.00 20.15 ? 109 ASP A C   1 
ATOM   780  O O   . ASP A 1 109 ? -9.309  18.983  -5.361  1.00 20.46 ? 109 ASP A O   1 
ATOM   781  C CB  . ASP A 1 109 ? -8.089  19.586  -7.820  1.00 25.90 ? 109 ASP A CB  1 
ATOM   782  C CG  . ASP A 1 109 ? -7.147  19.995  -8.937  1.00 31.11 ? 109 ASP A CG  1 
ATOM   783  O OD1 . ASP A 1 109 ? -6.020  20.446  -8.633  1.00 34.50 ? 109 ASP A OD1 1 
ATOM   784  O OD2 . ASP A 1 109 ? -7.533  19.867  -10.119 1.00 35.87 ? 109 ASP A OD2 1 
ATOM   785  N N   . LYS A 1 110 ? -8.321  16.964  -5.310  1.00 16.13 ? 110 LYS A N   1 
ATOM   786  C CA  . LYS A 1 110 ? -9.226  16.448  -4.291  1.00 15.80 ? 110 LYS A CA  1 
ATOM   787  C C   . LYS A 1 110 ? -8.516  16.438  -2.948  1.00 12.88 ? 110 LYS A C   1 
ATOM   788  O O   . LYS A 1 110 ? -7.297  16.580  -2.879  1.00 14.08 ? 110 LYS A O   1 
ATOM   789  C CB  . LYS A 1 110 ? -9.678  15.031  -4.648  1.00 17.78 ? 110 LYS A CB  1 
ATOM   790  C CG  . LYS A 1 110 ? -10.349 14.940  -6.005  1.00 23.05 ? 110 LYS A CG  1 
ATOM   791  C CD  . LYS A 1 110 ? -11.382 13.835  -6.047  1.00 28.09 ? 110 LYS A CD  1 
ATOM   792  C CE  . LYS A 1 110 ? -12.109 13.836  -7.385  1.00 30.04 ? 110 LYS A CE  1 
ATOM   793  N NZ  . LYS A 1 110 ? -12.680 15.177  -7.685  1.00 34.01 ? 110 LYS A NZ  1 
ATOM   794  N N   . GLN A 1 111 ? -9.283  16.283  -1.874  1.00 11.39 ? 111 GLN A N   1 
ATOM   795  C CA  . GLN A 1 111 ? -8.690  16.245  -0.547  1.00 10.32 ? 111 GLN A CA  1 
ATOM   796  C C   . GLN A 1 111 ? -8.038  14.882  -0.330  1.00 11.51 ? 111 GLN A C   1 
ATOM   797  O O   . GLN A 1 111 ? -8.691  13.842  -0.453  1.00 14.55 ? 111 GLN A O   1 
ATOM   798  C CB  . GLN A 1 111 ? -9.767  16.494  0.513   1.00 10.05 ? 111 GLN A CB  1 
ATOM   799  C CG  . GLN A 1 111 ? -9.237  16.531  1.933   1.00 10.75 ? 111 GLN A CG  1 
ATOM   800  C CD  . GLN A 1 111 ? -10.214 17.189  2.879   1.00 11.45 ? 111 GLN A CD  1 
ATOM   801  O OE1 . GLN A 1 111 ? -10.621 18.331  2.662   1.00 11.84 ? 111 GLN A OE1 1 
ATOM   802  N NE2 . GLN A 1 111 ? -10.600 16.477  3.933   1.00 11.81 ? 111 GLN A NE2 1 
ATOM   803  N N   . LEU A 1 112 ? -6.746  14.892  -0.018  1.00 11.89 ? 112 LEU A N   1 
ATOM   804  C CA  . LEU A 1 112 ? -6.012  13.653  0.206   1.00 11.73 ? 112 LEU A CA  1 
ATOM   805  C C   . LEU A 1 112 ? -5.833  13.447  1.698   1.00 13.86 ? 112 LEU A C   1 
ATOM   806  O O   . LEU A 1 112 ? -5.281  14.301  2.394   1.00 17.49 ? 112 LEU A O   1 
ATOM   807  C CB  . LEU A 1 112 ? -4.646  13.710  -0.475  1.00 14.39 ? 112 LEU A CB  1 
ATOM   808  C CG  . LEU A 1 112 ? -4.643  14.088  -1.957  1.00 15.98 ? 112 LEU A CG  1 
ATOM   809  C CD1 . LEU A 1 112 ? -3.227  14.008  -2.482  1.00 19.37 ? 112 LEU A CD1 1 
ATOM   810  C CD2 . LEU A 1 112 ? -5.547  13.157  -2.742  1.00 18.20 ? 112 LEU A CD2 1 
ATOM   811  N N   . GLU A 1 113 ? -6.300  12.303  2.181   1.00 10.83 ? 113 GLU A N   1 
ATOM   812  C CA  . GLU A 1 113 ? -6.212  11.985  3.599   1.00 11.53 ? 113 GLU A CA  1 
ATOM   813  C C   . GLU A 1 113 ? -4.955  11.197  3.902   1.00 12.57 ? 113 GLU A C   1 
ATOM   814  O O   . GLU A 1 113 ? -4.295  10.675  3.007   1.00 13.28 ? 113 GLU A O   1 
ATOM   815  C CB  . GLU A 1 113 ? -7.414  11.147  4.030   1.00 12.36 ? 113 GLU A CB  1 
ATOM   816  C CG  . GLU A 1 113 ? -8.780  11.756  3.746   1.00 12.90 ? 113 GLU A CG  1 
ATOM   817  C CD  . GLU A 1 113 ? -9.040  13.027  4.526   1.00 14.00 ? 113 GLU A CD  1 
ATOM   818  O OE1 . GLU A 1 113 ? -8.421  13.221  5.594   1.00 15.16 ? 113 GLU A OE1 1 
ATOM   819  O OE2 . GLU A 1 113 ? -9.884  13.824  4.070   1.00 16.30 ? 113 GLU A OE2 1 
ATOM   820  N N   . THR A 1 114 ? -4.626  11.120  5.184   1.00 14.41 ? 114 THR A N   1 
ATOM   821  C CA  . THR A 1 114 ? -3.467  10.362  5.621   1.00 15.93 ? 114 THR A CA  1 
ATOM   822  C C   . THR A 1 114 ? -3.959  9.473   6.753   1.00 16.65 ? 114 THR A C   1 
ATOM   823  O O   . THR A 1 114 ? -5.134  9.515   7.116   1.00 19.44 ? 114 THR A O   1 
ATOM   824  C CB  . THR A 1 114 ? -2.347  11.282  6.146   1.00 17.94 ? 114 THR A CB  1 
ATOM   825  O OG1 . THR A 1 114 ? -1.157  10.512  6.369   1.00 19.20 ? 114 THR A OG1 1 
ATOM   826  C CG2 . THR A 1 114 ? -2.764  11.936  7.453   1.00 19.64 ? 114 THR A CG2 1 
ATOM   827  N N   . ILE A 1 115 ? -3.069  8.650   7.291   1.00 15.79 ? 115 ILE A N   1 
ATOM   828  C CA  . ILE A 1 115 ? -3.406  7.779   8.407   1.00 16.78 ? 115 ILE A CA  1 
ATOM   829  C C   . ILE A 1 115 ? -2.305  8.057   9.417   1.00 18.55 ? 115 ILE A C   1 
ATOM   830  O O   . ILE A 1 115 ? -1.213  7.514   9.312   1.00 17.66 ? 115 ILE A O   1 
ATOM   831  C CB  . ILE A 1 115 ? -3.381  6.297   7.998   1.00 16.22 ? 115 ILE A CB  1 
ATOM   832  C CG1 . ILE A 1 115 ? -4.422  6.042   6.901   1.00 18.33 ? 115 ILE A CG1 1 
ATOM   833  C CG2 . ILE A 1 115 ? -3.654  5.419   9.216   1.00 18.50 ? 115 ILE A CG2 1 
ATOM   834  C CD1 . ILE A 1 115 ? -4.414  4.631   6.359   1.00 20.42 ? 115 ILE A CD1 1 
ATOM   835  N N   . VAL A 1 116 ? -2.591  8.934   10.377  1.00 19.90 ? 116 VAL A N   1 
ATOM   836  C CA  . VAL A 1 116 ? -1.614  9.326   11.387  1.00 21.59 ? 116 VAL A CA  1 
ATOM   837  C C   . VAL A 1 116 ? -0.877  8.172   12.056  1.00 21.14 ? 116 VAL A C   1 
ATOM   838  O O   . VAL A 1 116 ? 0.344   8.214   12.201  1.00 22.18 ? 116 VAL A O   1 
ATOM   839  C CB  . VAL A 1 116 ? -2.269  10.200  12.483  1.00 24.24 ? 116 VAL A CB  1 
ATOM   840  C CG1 . VAL A 1 116 ? -2.743  11.514  11.882  1.00 26.51 ? 116 VAL A CG1 1 
ATOM   841  C CG2 . VAL A 1 116 ? -3.430  9.461   13.122  1.00 28.39 ? 116 VAL A CG2 1 
ATOM   842  N N   . GLU A 1 117 ? -1.614  7.141   12.452  1.00 21.12 ? 117 GLU A N   1 
ATOM   843  C CA  . GLU A 1 117 ? -1.020  5.985   13.115  1.00 23.26 ? 117 GLU A CA  1 
ATOM   844  C C   . GLU A 1 117 ? -0.018  5.232   12.250  1.00 21.90 ? 117 GLU A C   1 
ATOM   845  O O   . GLU A 1 117 ? 0.845   4.522   12.766  1.00 22.53 ? 117 GLU A O   1 
ATOM   846  C CB  . GLU A 1 117 ? -2.120  5.021   13.568  1.00 27.60 ? 117 GLU A CB  1 
ATOM   847  C CG  . GLU A 1 117 ? -2.890  5.488   14.791  1.00 34.84 ? 117 GLU A CG  1 
ATOM   848  C CD  . GLU A 1 117 ? -4.137  4.665   15.044  1.00 39.01 ? 117 GLU A CD  1 
ATOM   849  O OE1 . GLU A 1 117 ? -4.032  3.418   15.083  1.00 42.38 ? 117 GLU A OE1 1 
ATOM   850  O OE2 . GLU A 1 117 ? -5.222  5.263   15.206  1.00 41.30 ? 117 GLU A OE2 1 
ATOM   851  N N   . ALA A 1 118 ? -0.117  5.396   10.935  1.00 19.09 ? 118 ALA A N   1 
ATOM   852  C CA  . ALA A 1 118 ? 0.781   4.693   10.028  1.00 17.63 ? 118 ALA A CA  1 
ATOM   853  C C   . ALA A 1 118 ? 2.022   5.480   9.605   1.00 17.43 ? 118 ALA A C   1 
ATOM   854  O O   . ALA A 1 118 ? 2.853   4.966   8.857   1.00 17.34 ? 118 ALA A O   1 
ATOM   855  C CB  . ALA A 1 118 ? 0.008   4.236   8.792   1.00 15.07 ? 118 ALA A CB  1 
ATOM   856  N N   . HIS A 1 119 ? 2.157   6.718   10.077  1.00 19.58 ? 119 HIS A N   1 
ATOM   857  C CA  . HIS A 1 119 ? 3.318   7.538   9.731   1.00 21.32 ? 119 HIS A CA  1 
ATOM   858  C C   . HIS A 1 119 ? 4.608   6.890   10.226  1.00 22.76 ? 119 HIS A C   1 
ATOM   859  O O   . HIS A 1 119 ? 4.711   6.516   11.392  1.00 21.82 ? 119 HIS A O   1 
ATOM   860  C CB  . HIS A 1 119 ? 3.206   8.934   10.353  1.00 26.23 ? 119 HIS A CB  1 
ATOM   861  C CG  . HIS A 1 119 ? 2.282   9.854   9.619   1.00 31.11 ? 119 HIS A CG  1 
ATOM   862  N ND1 . HIS A 1 119 ? 2.462   10.189  8.295   1.00 35.00 ? 119 HIS A ND1 1 
ATOM   863  C CD2 . HIS A 1 119 ? 1.179   10.524  10.030  1.00 34.81 ? 119 HIS A CD2 1 
ATOM   864  C CE1 . HIS A 1 119 ? 1.510   11.025  7.921   1.00 34.76 ? 119 HIS A CE1 1 
ATOM   865  N NE2 . HIS A 1 119 ? 0.720   11.245  8.954   1.00 35.33 ? 119 HIS A NE2 1 
ATOM   866  N N   . VAL A 1 120 ? 5.593   6.762   9.343   1.00 22.36 ? 120 VAL A N   1 
ATOM   867  C CA  . VAL A 1 120 ? 6.863   6.161   9.737   1.00 24.10 ? 120 VAL A CA  1 
ATOM   868  C C   . VAL A 1 120 ? 7.609   7.104   10.679  1.00 26.17 ? 120 VAL A C   1 
ATOM   869  O O   . VAL A 1 120 ? 8.459   6.677   11.461  1.00 27.10 ? 120 VAL A O   1 
ATOM   870  C CB  . VAL A 1 120 ? 7.759   5.861   8.508   1.00 22.02 ? 120 VAL A CB  1 
ATOM   871  C CG1 . VAL A 1 120 ? 8.187   7.159   7.837   1.00 21.97 ? 120 VAL A CG1 1 
ATOM   872  C CG2 . VAL A 1 120 ? 8.973   5.047   8.937   1.00 23.29 ? 120 VAL A CG2 1 
ATOM   873  N N   . SER A 1 121 ? 7.276   8.389   10.607  1.00 28.87 ? 121 SER A N   1 
ATOM   874  C CA  . SER A 1 121 ? 7.922   9.394   11.445  1.00 31.62 ? 121 SER A CA  1 
ATOM   875  C C   . SER A 1 121 ? 7.582   9.221   12.921  1.00 32.78 ? 121 SER A C   1 
ATOM   876  O O   . SER A 1 121 ? 8.181   9.871   13.781  1.00 33.76 ? 121 SER A O   1 
ATOM   877  C CB  . SER A 1 121 ? 7.525   10.801  10.989  1.00 32.31 ? 121 SER A CB  1 
ATOM   878  O OG  . SER A 1 121 ? 6.133   11.018  11.147  1.00 33.95 ? 121 SER A OG  1 
ATOM   879  N N   . ARG A 1 122 ? 6.625   8.348   13.219  1.00 33.78 ? 122 ARG A N   1 
ATOM   880  C CA  . ARG A 1 122 ? 6.232   8.115   14.603  1.00 35.65 ? 122 ARG A CA  1 
ATOM   881  C C   . ARG A 1 122 ? 7.138   7.071   15.246  1.00 35.78 ? 122 ARG A C   1 
ATOM   882  O O   . ARG A 1 122 ? 6.925   6.663   16.388  1.00 35.89 ? 122 ARG A O   1 
ATOM   883  C CB  . ARG A 1 122 ? 4.772   7.662   14.680  1.00 37.80 ? 122 ARG A CB  1 
ATOM   884  C CG  . ARG A 1 122 ? 3.820   8.561   13.905  1.00 41.03 ? 122 ARG A CG  1 
ATOM   885  C CD  . ARG A 1 122 ? 2.374   8.367   14.326  1.00 43.06 ? 122 ARG A CD  1 
ATOM   886  N NE  . ARG A 1 122 ? 2.021   9.199   15.473  1.00 46.40 ? 122 ARG A NE  1 
ATOM   887  C CZ  . ARG A 1 122 ? 0.800   9.278   15.992  1.00 47.55 ? 122 ARG A CZ  1 
ATOM   888  N NH1 . ARG A 1 122 ? -0.194  8.572   15.468  1.00 49.04 ? 122 ARG A NH1 1 
ATOM   889  N NH2 . ARG A 1 122 ? 0.566   10.070  17.029  1.00 48.97 ? 122 ARG A NH2 1 
ATOM   890  N N   . LEU A 1 123 ? 8.151   6.641   14.501  1.00 35.67 ? 123 LEU A N   1 
ATOM   891  C CA  . LEU A 1 123 ? 9.108   5.661   15.002  1.00 35.98 ? 123 LEU A CA  1 
ATOM   892  C C   . LEU A 1 123 ? 10.339  6.397   15.509  1.00 36.01 ? 123 LEU A C   1 
ATOM   893  O O   . LEU A 1 123 ? 10.752  7.403   14.930  1.00 34.44 ? 123 LEU A O   1 
ATOM   894  C CB  . LEU A 1 123 ? 9.512   4.687   13.896  1.00 36.04 ? 123 LEU A CB  1 
ATOM   895  C CG  . LEU A 1 123 ? 8.450   3.715   13.379  1.00 36.45 ? 123 LEU A CG  1 
ATOM   896  C CD1 . LEU A 1 123 ? 9.028   2.876   12.251  1.00 37.12 ? 123 LEU A CD1 1 
ATOM   897  C CD2 . LEU A 1 123 ? 7.977   2.823   14.514  1.00 38.09 ? 123 LEU A CD2 1 
ATOM   898  N N   . SER A 1 124 ? 10.926  5.891   16.589  1.00 37.66 ? 124 SER A N   1 
ATOM   899  C CA  . SER A 1 124 ? 12.108  6.513   17.178  1.00 39.23 ? 124 SER A CA  1 
ATOM   900  C C   . SER A 1 124 ? 13.327  6.365   16.269  1.00 38.99 ? 124 SER A C   1 
ATOM   901  O O   . SER A 1 124 ? 14.002  7.350   15.954  1.00 39.27 ? 124 SER A O   1 
ATOM   902  C CB  . SER A 1 124 ? 12.413  5.884   18.541  1.00 40.48 ? 124 SER A CB  1 
ATOM   903  O OG  . SER A 1 124 ? 11.314  6.010   19.421  1.00 43.66 ? 124 SER A OG  1 
ATOM   904  N N   . ARG A 1 125 ? 13.596  5.133   15.846  1.00 38.90 ? 125 ARG A N   1 
ATOM   905  C CA  . ARG A 1 125 ? 14.746  4.835   14.996  1.00 38.78 ? 125 ARG A CA  1 
ATOM   906  C C   . ARG A 1 125 ? 14.306  4.175   13.690  1.00 36.88 ? 125 ARG A C   1 
ATOM   907  O O   . ARG A 1 125 ? 14.485  2.967   13.498  1.00 37.37 ? 125 ARG A O   1 
ATOM   908  C CB  . ARG A 1 125 ? 15.697  3.915   15.764  1.00 41.06 ? 125 ARG A CB  1 
ATOM   909  C CG  . ARG A 1 125 ? 16.821  3.306   14.949  1.00 44.20 ? 125 ARG A CG  1 
ATOM   910  C CD  . ARG A 1 125 ? 17.572  2.310   15.811  1.00 46.78 ? 125 ARG A CD  1 
ATOM   911  N NE  . ARG A 1 125 ? 18.324  1.347   15.017  1.00 49.10 ? 125 ARG A NE  1 
ATOM   912  C CZ  . ARG A 1 125 ? 18.945  0.292   15.533  1.00 49.86 ? 125 ARG A CZ  1 
ATOM   913  N NH1 . ARG A 1 125 ? 18.900  0.073   16.840  1.00 50.87 ? 125 ARG A NH1 1 
ATOM   914  N NH2 . ARG A 1 125 ? 19.602  -0.549  14.745  1.00 50.74 ? 125 ARG A NH2 1 
ATOM   915  N N   . PRO A 1 126 ? 13.722  4.964   12.775  1.00 34.85 ? 126 PRO A N   1 
ATOM   916  C CA  . PRO A 1 126 ? 13.234  4.495   11.479  1.00 33.24 ? 126 PRO A CA  1 
ATOM   917  C C   . PRO A 1 126 ? 14.269  4.037   10.462  1.00 29.54 ? 126 PRO A C   1 
ATOM   918  O O   . PRO A 1 126 ? 15.162  4.791   10.091  1.00 30.21 ? 126 PRO A O   1 
ATOM   919  C CB  . PRO A 1 126 ? 12.432  5.693   10.966  1.00 33.71 ? 126 PRO A CB  1 
ATOM   920  C CG  . PRO A 1 126 ? 11.985  6.354   12.205  1.00 35.65 ? 126 PRO A CG  1 
ATOM   921  C CD  . PRO A 1 126 ? 13.257  6.339   13.007  1.00 35.28 ? 126 PRO A CD  1 
ATOM   922  N N   . LYS A 1 127 ? 14.139  2.789   10.028  1.00 26.89 ? 127 LYS A N   1 
ATOM   923  C CA  . LYS A 1 127 ? 15.010  2.221   9.011   1.00 23.71 ? 127 LYS A CA  1 
ATOM   924  C C   . LYS A 1 127 ? 14.013  1.621   8.030   1.00 19.68 ? 127 LYS A C   1 
ATOM   925  O O   . LYS A 1 127 ? 13.216  0.768   8.402   1.00 18.27 ? 127 LYS A O   1 
ATOM   926  C CB  . LYS A 1 127 ? 15.925  1.140   9.592   1.00 28.13 ? 127 LYS A CB  1 
ATOM   927  C CG  . LYS A 1 127 ? 17.065  0.759   8.647   1.00 32.12 ? 127 LYS A CG  1 
ATOM   928  C CD  . LYS A 1 127 ? 18.191  -0.001  9.343   1.00 34.86 ? 127 LYS A CD  1 
ATOM   929  C CE  . LYS A 1 127 ? 19.365  -0.232  8.388   1.00 36.97 ? 127 LYS A CE  1 
ATOM   930  N NZ  . LYS A 1 127 ? 20.508  -0.978  9.006   1.00 39.76 ? 127 LYS A NZ  1 
ATOM   931  N N   . TYR A 1 128 ? 14.034  2.079   6.786   1.00 14.89 ? 128 TYR A N   1 
ATOM   932  C CA  . TYR A 1 128 ? 13.061  1.585   5.828   1.00 15.12 ? 128 TYR A CA  1 
ATOM   933  C C   . TYR A 1 128 ? 13.482  1.788   4.385   1.00 14.72 ? 128 TYR A C   1 
ATOM   934  O O   . TYR A 1 128 ? 14.512  2.387   4.097   1.00 15.16 ? 128 TYR A O   1 
ATOM   935  C CB  . TYR A 1 128 ? 11.741  2.325   6.053   1.00 15.15 ? 128 TYR A CB  1 
ATOM   936  C CG  . TYR A 1 128 ? 11.822  3.811   5.737   1.00 15.13 ? 128 TYR A CG  1 
ATOM   937  C CD1 . TYR A 1 128 ? 11.643  4.282   4.433   1.00 15.98 ? 128 TYR A CD1 1 
ATOM   938  C CD2 . TYR A 1 128 ? 12.088  4.743   6.739   1.00 16.74 ? 128 TYR A CD2 1 
ATOM   939  C CE1 . TYR A 1 128 ? 11.725  5.649   4.141   1.00 16.80 ? 128 TYR A CE1 1 
ATOM   940  C CE2 . TYR A 1 128 ? 12.172  6.110   6.458   1.00 17.93 ? 128 TYR A CE2 1 
ATOM   941  C CZ  . TYR A 1 128 ? 11.988  6.555   5.158   1.00 17.20 ? 128 TYR A CZ  1 
ATOM   942  O OH  . TYR A 1 128 ? 12.053  7.902   4.878   1.00 22.80 ? 128 TYR A OH  1 
ATOM   943  N N   . VAL A 1 129 ? 12.664  1.259   3.484   1.00 14.18 ? 129 VAL A N   1 
ATOM   944  C CA  . VAL A 1 129 ? 12.861  1.421   2.053   1.00 13.05 ? 129 VAL A CA  1 
ATOM   945  C C   . VAL A 1 129 ? 11.460  1.723   1.541   1.00 13.73 ? 129 VAL A C   1 
ATOM   946  O O   . VAL A 1 129 ? 10.477  1.420   2.218   1.00 14.07 ? 129 VAL A O   1 
ATOM   947  C CB  . VAL A 1 129 ? 13.387  0.133   1.376   1.00 15.73 ? 129 VAL A CB  1 
ATOM   948  C CG1 . VAL A 1 129 ? 14.752  -0.223  1.937   1.00 19.92 ? 129 VAL A CG1 1 
ATOM   949  C CG2 . VAL A 1 129 ? 12.408  -1.010  1.582   1.00 17.57 ? 129 VAL A CG2 1 
ATOM   950  N N   . THR A 1 130 ? 11.352  2.356   0.379   1.00 11.85 ? 130 THR A N   1 
ATOM   951  C CA  . THR A 1 130 ? 10.027  2.635   -0.164  1.00 12.10 ? 130 THR A CA  1 
ATOM   952  C C   . THR A 1 130 ? 9.596   1.460   -1.026  1.00 13.02 ? 130 THR A C   1 
ATOM   953  O O   . THR A 1 130 ? 10.423  0.669   -1.478  1.00 12.54 ? 130 THR A O   1 
ATOM   954  C CB  . THR A 1 130 ? 10.021  3.890   -1.041  1.00 12.97 ? 130 THR A CB  1 
ATOM   955  O OG1 . THR A 1 130 ? 10.882  3.687   -2.165  1.00 14.23 ? 130 THR A OG1 1 
ATOM   956  C CG2 . THR A 1 130 ? 10.493  5.097   -0.250  1.00 14.85 ? 130 THR A CG2 1 
ATOM   957  N N   . VAL A 1 131 ? 8.294   1.336   -1.247  1.00 11.21 ? 131 VAL A N   1 
ATOM   958  C CA  . VAL A 1 131 ? 7.786   0.260   -2.077  1.00 11.09 ? 131 VAL A CA  1 
ATOM   959  C C   . VAL A 1 131 ? 8.371   0.406   -3.480  1.00 10.98 ? 131 VAL A C   1 
ATOM   960  O O   . VAL A 1 131 ? 8.679   -0.583  -4.137  1.00 11.98 ? 131 VAL A O   1 
ATOM   961  C CB  . VAL A 1 131 ? 6.247   0.295   -2.139  1.00 11.23 ? 131 VAL A CB  1 
ATOM   962  C CG1 . VAL A 1 131 ? 5.742   -0.687  -3.182  1.00 14.71 ? 131 VAL A CG1 1 
ATOM   963  C CG2 . VAL A 1 131 ? 5.678   -0.057  -0.769  1.00 12.49 ? 131 VAL A CG2 1 
ATOM   964  N N   . GLY A 1 132 ? 8.548   1.648   -3.918  1.00 10.70 ? 132 GLY A N   1 
ATOM   965  C CA  . GLY A 1 132 ? 9.103   1.896   -5.238  1.00 11.24 ? 132 GLY A CA  1 
ATOM   966  C C   . GLY A 1 132 ? 10.512  1.353   -5.376  1.00 12.65 ? 132 GLY A C   1 
ATOM   967  O O   . GLY A 1 132 ? 10.900  0.883   -6.445  1.00 13.14 ? 132 GLY A O   1 
ATOM   968  N N   . GLU A 1 133 ? 11.285  1.432   -4.300  1.00 12.34 ? 133 GLU A N   1 
ATOM   969  C CA  . GLU A 1 133 ? 12.654  0.926   -4.331  1.00 12.56 ? 133 GLU A CA  1 
ATOM   970  C C   . GLU A 1 133 ? 12.643  -0.591  -4.430  1.00 14.27 ? 133 GLU A C   1 
ATOM   971  O O   . GLU A 1 133 ? 13.502  -1.184  -5.090  1.00 13.45 ? 133 GLU A O   1 
ATOM   972  C CB  . GLU A 1 133 ? 13.417  1.383   -3.087  1.00 13.19 ? 133 GLU A CB  1 
ATOM   973  C CG  . GLU A 1 133 ? 13.770  2.864   -3.108  1.00 13.13 ? 133 GLU A CG  1 
ATOM   974  C CD  . GLU A 1 133 ? 14.462  3.317   -1.842  0.50 13.81 ? 133 GLU A CD  1 
ATOM   975  O OE1 . GLU A 1 133 ? 13.860  3.184   -0.761  0.50 12.79 ? 133 GLU A OE1 1 
ATOM   976  O OE2 . GLU A 1 133 ? 15.609  3.806   -1.927  0.50 17.15 ? 133 GLU A OE2 1 
ATOM   977  N N   . VAL A 1 134 ? 11.670  -1.224  -3.780  1.00 12.13 ? 134 VAL A N   1 
ATOM   978  C CA  . VAL A 1 134 ? 11.565  -2.675  -3.845  1.00 13.32 ? 134 VAL A CA  1 
ATOM   979  C C   . VAL A 1 134 ? 11.168  -3.063  -5.265  1.00 15.19 ? 134 VAL A C   1 
ATOM   980  O O   . VAL A 1 134 ? 11.738  -3.983  -5.847  1.00 14.56 ? 134 VAL A O   1 
ATOM   981  C CB  . VAL A 1 134 ? 10.516  -3.216  -2.854  1.00 14.05 ? 134 VAL A CB  1 
ATOM   982  C CG1 . VAL A 1 134 ? 10.329  -4.711  -3.064  1.00 16.81 ? 134 VAL A CG1 1 
ATOM   983  C CG2 . VAL A 1 134 ? 10.965  -2.941  -1.427  1.00 16.63 ? 134 VAL A CG2 1 
ATOM   984  N N   . ALA A 1 135 ? 10.196  -2.348  -5.827  1.00 12.66 ? 135 ALA A N   1 
ATOM   985  C CA  . ALA A 1 135 ? 9.737   -2.622  -7.183  1.00 14.17 ? 135 ALA A CA  1 
ATOM   986  C C   . ALA A 1 135 ? 10.881  -2.507  -8.189  1.00 14.43 ? 135 ALA A C   1 
ATOM   987  O O   . ALA A 1 135 ? 11.035  -3.367  -9.059  1.00 15.51 ? 135 ALA A O   1 
ATOM   988  C CB  . ALA A 1 135 ? 8.609   -1.654  -7.562  1.00 14.81 ? 135 ALA A CB  1 
ATOM   989  N N   . LYS A 1 136 ? 11.681  -1.452  -8.068  1.00 15.70 ? 136 LYS A N   1 
ATOM   990  C CA  . LYS A 1 136 ? 12.801  -1.245  -8.983  1.00 17.90 ? 136 LYS A CA  1 
ATOM   991  C C   . LYS A 1 136 ? 13.793  -2.398  -8.876  1.00 18.40 ? 136 LYS A C   1 
ATOM   992  O O   . LYS A 1 136 ? 14.285  -2.902  -9.892  1.00 19.07 ? 136 LYS A O   1 
ATOM   993  C CB  . LYS A 1 136 ? 13.519  0.076   -8.679  1.00 20.65 ? 136 LYS A CB  1 
ATOM   994  C CG  . LYS A 1 136 ? 14.676  0.366   -9.633  1.00 26.11 ? 136 LYS A CG  1 
ATOM   995  C CD  . LYS A 1 136 ? 15.339  1.720   -9.391  1.00 29.75 ? 136 LYS A CD  1 
ATOM   996  C CE  . LYS A 1 136 ? 16.094  1.781   -8.067  1.00 32.29 ? 136 LYS A CE  1 
ATOM   997  N NZ  . LYS A 1 136 ? 15.290  2.397   -6.973  1.00 33.60 ? 136 LYS A NZ  1 
ATOM   998  N N   . PHE A 1 137 ? 14.078  -2.814  -7.645  1.00 16.81 ? 137 PHE A N   1 
ATOM   999  C CA  . PHE A 1 137 ? 15.014  -3.910  -7.407  1.00 16.48 ? 137 PHE A CA  1 
ATOM   1000 C C   . PHE A 1 137 ? 14.535  -5.199  -8.061  1.00 17.75 ? 137 PHE A C   1 
ATOM   1001 O O   . PHE A 1 137 ? 15.329  -5.941  -8.645  1.00 17.02 ? 137 PHE A O   1 
ATOM   1002 C CB  . PHE A 1 137 ? 15.185  -4.155  -5.903  1.00 16.77 ? 137 PHE A CB  1 
ATOM   1003 C CG  . PHE A 1 137 ? 16.119  -5.290  -5.583  1.00 17.23 ? 137 PHE A CG  1 
ATOM   1004 C CD1 . PHE A 1 137 ? 17.493  -5.129  -5.712  1.00 19.80 ? 137 PHE A CD1 1 
ATOM   1005 C CD2 . PHE A 1 137 ? 15.621  -6.526  -5.187  1.00 19.41 ? 137 PHE A CD2 1 
ATOM   1006 C CE1 . PHE A 1 137 ? 18.362  -6.190  -5.455  1.00 21.55 ? 137 PHE A CE1 1 
ATOM   1007 C CE2 . PHE A 1 137 ? 16.483  -7.595  -4.930  1.00 21.67 ? 137 PHE A CE2 1 
ATOM   1008 C CZ  . PHE A 1 137 ? 17.855  -7.421  -5.064  1.00 21.31 ? 137 PHE A CZ  1 
ATOM   1009 N N   . LEU A 1 138 ? 13.236  -5.461  -7.958  1.00 16.95 ? 138 LEU A N   1 
ATOM   1010 C CA  . LEU A 1 138 ? 12.637  -6.669  -8.515  1.00 18.29 ? 138 LEU A CA  1 
ATOM   1011 C C   . LEU A 1 138 ? 12.514  -6.636  -10.034 1.00 20.93 ? 138 LEU A C   1 
ATOM   1012 O O   . LEU A 1 138 ? 12.300  -7.671  -10.666 1.00 22.20 ? 138 LEU A O   1 
ATOM   1013 C CB  . LEU A 1 138 ? 11.253  -6.890  -7.904  1.00 19.08 ? 138 LEU A CB  1 
ATOM   1014 C CG  . LEU A 1 138 ? 11.194  -7.112  -6.392  1.00 19.37 ? 138 LEU A CG  1 
ATOM   1015 C CD1 . LEU A 1 138 ? 9.744   -7.095  -5.938  1.00 20.23 ? 138 LEU A CD1 1 
ATOM   1016 C CD2 . LEU A 1 138 ? 11.860  -8.434  -6.031  1.00 21.65 ? 138 LEU A CD2 1 
ATOM   1017 N N   . GLY A 1 139 ? 12.642  -5.448  -10.615 1.00 20.97 ? 139 GLY A N   1 
ATOM   1018 C CA  . GLY A 1 139 ? 12.535  -5.320  -12.058 1.00 22.27 ? 139 GLY A CA  1 
ATOM   1019 C C   . GLY A 1 139 ? 11.173  -4.823  -12.503 1.00 22.73 ? 139 GLY A C   1 
ATOM   1020 O O   . GLY A 1 139 ? 10.804  -4.955  -13.668 1.00 23.83 ? 139 GLY A O   1 
ATOM   1021 N N   . GLY A 1 140 ? 10.416  -4.258  -11.569 1.00 21.64 ? 140 GLY A N   1 
ATOM   1022 C CA  . GLY A 1 140 ? 9.102   -3.740  -11.895 1.00 23.16 ? 140 GLY A CA  1 
ATOM   1023 C C   . GLY A 1 140 ? 9.212   -2.432  -12.653 1.00 23.03 ? 140 GLY A C   1 
ATOM   1024 O O   . GLY A 1 140 ? 10.184  -1.695  -12.497 1.00 23.68 ? 140 GLY A O   1 
ATOM   1025 N N   . LYS A 1 141 ? 8.205   -2.144  -13.471 1.00 24.75 ? 141 LYS A N   1 
ATOM   1026 C CA  . LYS A 1 141 ? 8.170   -0.930  -14.277 1.00 26.43 ? 141 LYS A CA  1 
ATOM   1027 C C   . LYS A 1 141 ? 8.224   0.317   -13.402 1.00 25.42 ? 141 LYS A C   1 
ATOM   1028 O O   . LYS A 1 141 ? 8.896   1.296   -13.731 1.00 26.34 ? 141 LYS A O   1 
ATOM   1029 C CB  . LYS A 1 141 ? 6.888   -0.914  -15.115 1.00 29.45 ? 141 LYS A CB  1 
ATOM   1030 C CG  . LYS A 1 141 ? 6.934   0.008   -16.315 1.00 35.07 ? 141 LYS A CG  1 
ATOM   1031 C CD  . LYS A 1 141 ? 7.945   -0.489  -17.334 1.00 37.79 ? 141 LYS A CD  1 
ATOM   1032 C CE  . LYS A 1 141 ? 7.936   0.367   -18.585 1.00 39.58 ? 141 LYS A CE  1 
ATOM   1033 N NZ  . LYS A 1 141 ? 8.883   -0.150  -19.608 1.00 40.85 ? 141 LYS A NZ  1 
ATOM   1034 N N   . PHE A 1 142 ? 7.507   0.272   -12.285 1.00 22.33 ? 142 PHE A N   1 
ATOM   1035 C CA  . PHE A 1 142 ? 7.453   1.388   -11.350 1.00 20.77 ? 142 PHE A CA  1 
ATOM   1036 C C   . PHE A 1 142 ? 6.863   0.918   -10.027 1.00 19.03 ? 142 PHE A C   1 
ATOM   1037 O O   . PHE A 1 142 ? 6.477   -0.267  -9.954  1.00 17.41 ? 142 PHE A O   1 
ATOM   1038 C CB  . PHE A 1 142 ? 6.602   2.524   -11.935 1.00 18.92 ? 142 PHE A CB  1 
ATOM   1039 C CG  . PHE A 1 142 ? 5.276   2.074   -12.486 1.00 19.86 ? 142 PHE A CG  1 
ATOM   1040 C CD1 . PHE A 1 142 ? 4.269   1.619   -11.641 1.00 20.72 ? 142 PHE A CD1 1 
ATOM   1041 C CD2 . PHE A 1 142 ? 5.038   2.095   -13.856 1.00 21.60 ? 142 PHE A CD2 1 
ATOM   1042 C CE1 . PHE A 1 142 ? 3.044   1.195   -12.153 1.00 22.61 ? 142 PHE A CE1 1 
ATOM   1043 C CE2 . PHE A 1 142 ? 3.819   1.674   -14.376 1.00 24.16 ? 142 PHE A CE2 1 
ATOM   1044 C CZ  . PHE A 1 142 ? 2.820   1.222   -13.524 1.00 23.10 ? 142 PHE A CZ  1 
ATOM   1045 O OXT . PHE A 1 142 ? 6.793   1.738   -9.088  1.00 20.49 ? 142 PHE A OXT 1 
HETATM 1046 O O   . HOH B 2 .   ? 0.319   10.368  4.006   1.00 18.17 ? 143 HOH A O   1 
HETATM 1047 O O   . HOH B 2 .   ? -3.298  10.920  -14.993 1.00 21.19 ? 144 HOH A O   1 
HETATM 1048 O O   . HOH B 2 .   ? 2.347   12.366  -9.289  1.00 20.58 ? 145 HOH A O   1 
HETATM 1049 O O   . HOH B 2 .   ? -10.626 11.917  0.137   1.00 17.65 ? 146 HOH A O   1 
HETATM 1050 O O   . HOH B 2 .   ? -12.276 15.827  -2.144  1.00 25.00 ? 147 HOH A O   1 
HETATM 1051 O O   . HOH B 2 .   ? -6.172  12.856  7.029   1.00 24.18 ? 148 HOH A O   1 
HETATM 1052 O O   . HOH B 2 .   ? 16.045  0.067   -5.502  1.00 25.12 ? 149 HOH A O   1 
HETATM 1053 O O   . HOH B 2 .   ? 2.793   13.629  -0.661  1.00 24.65 ? 150 HOH A O   1 
HETATM 1054 O O   . HOH B 2 .   ? 0.667   14.458  -9.798  1.00 24.88 ? 151 HOH A O   1 
HETATM 1055 O O   . HOH B 2 .   ? 8.277   3.993   -8.750  1.00 26.82 ? 152 HOH A O   1 
HETATM 1056 O O   . HOH B 2 .   ? 3.591   -7.089  1.301   1.00 31.15 ? 153 HOH A O   1 
HETATM 1057 O O   . HOH B 2 .   ? 8.080   7.902   1.290   1.00 23.51 ? 154 HOH A O   1 
HETATM 1058 O O   . HOH B 2 .   ? -11.719 13.088  2.268   1.00 26.77 ? 155 HOH A O   1 
HETATM 1059 O O   . HOH B 2 .   ? 3.282   12.229  -6.664  1.00 29.43 ? 156 HOH A O   1 
HETATM 1060 O O   . HOH B 2 .   ? -2.567  1.489   -10.956 1.00 21.43 ? 157 HOH A O   1 
HETATM 1061 O O   . HOH B 2 .   ? -3.795  -8.710  -5.997  1.00 28.79 ? 158 HOH A O   1 
HETATM 1062 O O   . HOH B 2 .   ? -0.646  3.197   -11.240 1.00 25.04 ? 159 HOH A O   1 
HETATM 1063 O O   . HOH B 2 .   ? -1.250  8.791   -13.951 1.00 27.25 ? 160 HOH A O   1 
HETATM 1064 O O   . HOH B 2 .   ? -0.797  -8.740  3.740   1.00 34.07 ? 161 HOH A O   1 
HETATM 1065 O O   . HOH B 2 .   ? 7.137   -2.659  7.789   1.00 32.67 ? 162 HOH A O   1 
HETATM 1066 O O   . HOH B 2 .   ? 9.740   5.550   -4.020  1.00 30.82 ? 163 HOH A O   1 
HETATM 1067 O O   . HOH B 2 .   ? -12.260 2.814   -5.186  1.00 31.88 ? 164 HOH A O   1 
HETATM 1068 O O   . HOH B 2 .   ? 5.725   9.698   7.903   1.00 36.05 ? 165 HOH A O   1 
HETATM 1069 O O   . HOH B 2 .   ? 19.411  -9.039  -0.831  1.00 38.54 ? 166 HOH A O   1 
HETATM 1070 O O   . HOH B 2 .   ? 5.029   -3.135  6.381   1.00 40.56 ? 167 HOH A O   1 
HETATM 1071 O O   . HOH B 2 .   ? 6.242   -4.238  -14.210 1.00 36.29 ? 168 HOH A O   1 
HETATM 1072 O O   . HOH B 2 .   ? -10.202 -4.469  -7.114  1.00 34.10 ? 169 HOH A O   1 
HETATM 1073 O O   . HOH B 2 .   ? 10.007  5.040   -6.694  1.00 39.54 ? 170 HOH A O   1 
HETATM 1074 O O   . HOH B 2 .   ? 3.035   13.966  -3.793  1.00 36.42 ? 171 HOH A O   1 
HETATM 1075 O O   . HOH B 2 .   ? -17.717 -9.657  -10.659 1.00 31.54 ? 172 HOH A O   1 
HETATM 1076 O O   . HOH B 2 .   ? -17.800 -6.485  1.837   1.00 40.63 ? 173 HOH A O   1 
HETATM 1077 O O   . HOH B 2 .   ? -7.873  8.119   6.692   1.00 29.98 ? 174 HOH A O   1 
HETATM 1078 O O   . HOH B 2 .   ? 0.393   8.979   -11.615 1.00 29.09 ? 175 HOH A O   1 
HETATM 1079 O O   . HOH B 2 .   ? 8.619   -4.849  7.849   1.00 41.51 ? 176 HOH A O   1 
HETATM 1080 O O   . HOH B 2 .   ? -4.568  6.692   12.661  1.00 39.42 ? 177 HOH A O   1 
HETATM 1081 O O   . HOH B 2 .   ? -11.056 -2.117  -8.654  1.00 29.89 ? 178 HOH A O   1 
HETATM 1082 O O   . HOH B 2 .   ? 18.338  5.044   -0.796  1.00 39.26 ? 179 HOH A O   1 
HETATM 1083 O O   . HOH B 2 .   ? 18.621  -0.635  -5.158  1.00 41.72 ? 180 HOH A O   1 
HETATM 1084 O O   . HOH B 2 .   ? 20.056  -12.101 -0.204  1.00 40.05 ? 181 HOH A O   1 
HETATM 1085 O O   . HOH B 2 .   ? 3.590   -6.979  -11.233 1.00 41.71 ? 182 HOH A O   1 
HETATM 1086 O O   . HOH B 2 .   ? -0.738  6.182   -12.107 1.00 39.33 ? 183 HOH A O   1 
HETATM 1087 O O   . HOH B 2 .   ? 7.823   8.531   -7.186  1.00 44.42 ? 184 HOH A O   1 
HETATM 1088 O O   . HOH B 2 .   ? -3.252  -1.413  -9.389  1.00 33.48 ? 185 HOH A O   1 
HETATM 1089 O O   . HOH B 2 .   ? 4.124   10.946  -10.900 1.00 33.30 ? 186 HOH A O   1 
HETATM 1090 O O   . HOH B 2 .   ? 2.472   -5.508  -15.116 1.00 46.47 ? 187 HOH A O   1 
HETATM 1091 O O   . HOH B 2 .   ? 14.931  7.547   9.602   1.00 39.19 ? 188 HOH A O   1 
HETATM 1092 O O   . HOH B 2 .   ? -17.164 5.323   0.207   1.00 49.98 ? 189 HOH A O   1 
HETATM 1093 O O   . HOH B 2 .   ? -1.313  14.967  1.035   1.00 44.41 ? 190 HOH A O   1 
HETATM 1094 O O   . HOH B 2 .   ? -18.656 -6.371  4.383   1.00 54.91 ? 191 HOH A O   1 
HETATM 1095 O O   . HOH B 2 .   ? -20.517 -0.234  -0.015  1.00 43.57 ? 192 HOH A O   1 
HETATM 1096 O O   . HOH B 2 .   ? -15.104 -3.179  11.579  1.00 42.38 ? 193 HOH A O   1 
HETATM 1097 O O   . HOH B 2 .   ? 6.113   -6.127  4.049   1.00 46.72 ? 194 HOH A O   1 
HETATM 1098 O O   . HOH B 2 .   ? -5.208  18.268  -3.484  1.00 42.78 ? 195 HOH A O   1 
HETATM 1099 O O   . HOH B 2 .   ? -8.552  16.138  -9.477  1.00 54.39 ? 196 HOH A O   1 
HETATM 1100 O O   . HOH B 2 .   ? 17.527  1.686   3.256   1.00 38.32 ? 197 HOH A O   1 
HETATM 1101 O O   . HOH B 2 .   ? -5.256  13.399  9.857   1.00 48.64 ? 198 HOH A O   1 
HETATM 1102 O O   . HOH B 2 .   ? -5.886  8.850   10.669  1.00 42.82 ? 199 HOH A O   1 
HETATM 1103 O O   . HOH B 2 .   ? -0.253  1.376   14.374  1.00 46.76 ? 200 HOH A O   1 
HETATM 1104 O O   . HOH B 2 .   ? -12.443 12.933  -1.857  1.00 40.27 ? 201 HOH A O   1 
HETATM 1105 O O   . HOH B 2 .   ? 11.772  9.654   6.691   1.00 50.99 ? 202 HOH A O   1 
HETATM 1106 O O   . HOH B 2 .   ? 3.738   -14.895 -10.386 1.00 51.59 ? 203 HOH A O   1 
HETATM 1107 O O   . HOH B 2 .   ? -5.844  15.260  8.073   1.00 45.10 ? 204 HOH A O   1 
HETATM 1108 O O   . HOH B 2 .   ? 3.304   -3.135  -15.986 1.00 53.07 ? 205 HOH A O   1 
HETATM 1109 O O   . HOH B 2 .   ? 1.423   9.014   19.486  1.00 51.98 ? 206 HOH A O   1 
HETATM 1110 O O   . HOH B 2 .   ? -18.672 -13.807 3.537   1.00 55.83 ? 207 HOH A O   1 
HETATM 1111 O O   . HOH B 2 .   ? -5.186  19.590  -11.799 1.00 49.99 ? 208 HOH A O   1 
HETATM 1112 O O   . HOH B 2 .   ? -1.336  -10.429 -7.286  1.00 49.47 ? 209 HOH A O   1 
HETATM 1113 O O   . HOH B 2 .   ? -13.922 4.269   -6.575  1.00 52.04 ? 210 HOH A O   1 
HETATM 1114 O O   . HOH B 2 .   ? 1.548   6.658   16.932  1.00 52.75 ? 211 HOH A O   1 
HETATM 1115 O O   . HOH B 2 .   ? 10.622  8.691   -0.897  1.00 54.27 ? 212 HOH A O   1 
HETATM 1116 O O   . HOH B 2 .   ? 0.636   13.215  3.722   1.00 39.39 ? 213 HOH A O   1 
HETATM 1117 O O   . HOH B 2 .   ? -20.049 -7.592  -10.157 1.00 57.11 ? 214 HOH A O   1 
HETATM 1118 O O   . HOH B 2 .   ? -3.482  -14.006 -2.218  1.00 48.17 ? 215 HOH A O   1 
HETATM 1119 O O   . HOH B 2 .   ? 9.449   -14.419 1.650   1.00 56.88 ? 216 HOH A O   1 
HETATM 1120 O O   . HOH B 2 .   ? -12.291 18.122  -3.571  1.00 67.06 ? 217 HOH A O   1 
HETATM 1121 O O   . HOH B 2 .   ? -18.376 6.240   -1.988  1.00 53.57 ? 218 HOH A O   1 
HETATM 1122 O O   . HOH B 2 .   ? 17.043  -0.476  5.457   1.00 45.73 ? 219 HOH A O   1 
HETATM 1123 O O   . HOH B 2 .   ? -13.353 18.529  -6.271  1.00 47.42 ? 220 HOH A O   1 
HETATM 1124 O O   . HOH B 2 .   ? -12.774 5.941   -8.684  1.00 63.63 ? 221 HOH A O   1 
HETATM 1125 O O   . HOH B 2 .   ? 1.561   16.661  -1.493  1.00 58.33 ? 222 HOH A O   1 
HETATM 1126 O O   . HOH B 2 .   ? 12.567  2.984   -9.214  1.00 46.44 ? 223 HOH A O   1 
HETATM 1127 O O   . HOH B 2 .   ? -8.372  11.724  -15.940 1.00 53.22 ? 224 HOH A O   1 
HETATM 1128 O O   . HOH B 2 .   ? 10.334  -16.752 0.508   1.00 54.84 ? 225 HOH A O   1 
HETATM 1129 O O   . HOH B 2 .   ? -15.127 -13.440 7.483   1.00 59.45 ? 226 HOH A O   1 
HETATM 1130 O O   . HOH B 2 .   ? 14.550  -13.705 2.911   1.00 55.76 ? 227 HOH A O   1 
HETATM 1131 O O   . HOH B 2 .   ? 5.746   -0.876  13.161  1.00 52.34 ? 228 HOH A O   1 
HETATM 1132 O O   . HOH B 2 .   ? -2.789  -0.016  11.594  1.00 43.05 ? 229 HOH A O   1 
HETATM 1133 O O   . HOH B 2 .   ? -13.550 0.785   -6.927  1.00 51.22 ? 230 HOH A O   1 
HETATM 1134 O O   . HOH B 2 .   ? -14.139 9.708   3.709   1.00 54.97 ? 231 HOH A O   1 
HETATM 1135 O O   . HOH B 2 .   ? -22.718 -15.193 -1.441  1.00 58.44 ? 232 HOH A O   1 
HETATM 1136 O O   . HOH B 2 .   ? 19.634  -0.271  -2.593  1.00 58.40 ? 233 HOH A O   1 
HETATM 1137 O O   . HOH B 2 .   ? 14.027  -5.372  11.271  1.00 57.37 ? 234 HOH A O   1 
HETATM 1138 O O   . HOH B 2 .   ? -16.026 12.163  3.910   1.00 48.90 ? 235 HOH A O   1 
HETATM 1139 O O   . HOH B 2 .   ? 11.231  -2.968  11.126  1.00 48.95 ? 236 HOH A O   1 
HETATM 1140 O O   . HOH B 2 .   ? -1.519  -2.364  12.422  1.00 60.98 ? 237 HOH A O   1 
HETATM 1141 O O   . HOH B 2 .   ? -7.986  19.943  -14.904 1.00 60.33 ? 238 HOH A O   1 
HETATM 1142 O O   . HOH B 2 .   ? 1.301   16.634  -11.421 1.00 30.96 ? 239 HOH A O   1 
HETATM 1143 O O   . HOH B 2 .   ? -10.332 17.684  -8.418  1.00 45.96 ? 240 HOH A O   1 
HETATM 1144 O O   . HOH B 2 .   ? 17.378  1.395   -3.263  1.00 42.06 ? 241 HOH A O   1 
HETATM 1145 O O   . HOH B 2 .   ? 12.258  3.000   16.087  1.00 46.44 ? 242 HOH A O   1 
HETATM 1146 O O   . HOH B 2 .   ? -14.673 18.926  -2.839  1.00 52.45 ? 243 HOH A O   1 
HETATM 1147 O O   . HOH B 2 .   ? 9.578   4.058   17.956  1.00 42.88 ? 244 HOH A O   1 
HETATM 1148 O O   . HOH B 2 .   ? -16.581 7.773   1.100   1.00 52.05 ? 245 HOH A O   1 
# 
